data_4D2W
#
_entry.id   4D2W
#
_cell.length_a   65.956
_cell.length_b   74.947
_cell.length_c   78.216
_cell.angle_alpha   85.74
_cell.angle_beta   70.07
_cell.angle_gamma   89.94
#
_symmetry.space_group_name_H-M   'P 1'
#
loop_
_entity.id
_entity.type
_entity.pdbx_description
1 polymer 'MATERNAL EMBRYONIC LEUCINE ZIPPER KINASE'
2 non-polymer 4-bromo-N-(2,3,4,5-tetrahydro-1H-3-benzazepin-7-yl)benzamide
3 water water
#
_entity_poly.entity_id   1
_entity_poly.type   'polypeptide(L)'
_entity_poly.pdbx_seq_one_letter_code
;MGSSHHHHHHSSGLVPRGSHMKDYDELLKYYELHETIGTGGFAKVKLACHILTGEMVAIKIMDKNTLGSDLPRIKTEIEA
LKNLRHQHICQLYHVLETANKIFMVLEYCPGGELFDYIISQDRLSEEETRVVFRQIVSAVAYVHSQGYAHRDLKPENLLF
DEYHKLKLIDFGLCAKPKGNKDYHLQACCGALAYAAPELIQGKSYLGSEADVWSMGILLYVLMCGFLPFDDDTAAALVAK
IMRGKYDVPKWLSPSSILLLQQMLQVDPKKRISMKNLLNHPWIMQDYNYPVEWQSKNPFIHLDDDCVTELSVHHRNNRQT
MEDLISLWQYDHLTATYLLLLAKKARGKPVRLRLSS
;
_entity_poly.pdbx_strand_id   A,B,C,D
#
loop_
_chem_comp.id
_chem_comp.type
_chem_comp.name
_chem_comp.formula
NF5 non-polymer 4-bromo-N-(2,3,4,5-tetrahydro-1H-3-benzazepin-7-yl)benzamide 'C17 H17 Br N2 O'
#
# COMPACT_ATOMS: atom_id res chain seq x y z
N MET A 21 -13.87 -23.85 10.59
CA MET A 21 -14.67 -23.64 11.80
C MET A 21 -16.19 -23.66 11.57
N LYS A 22 -16.92 -24.55 12.29
CA LYS A 22 -18.40 -24.54 12.41
C LYS A 22 -19.02 -23.15 12.66
N ASP A 23 -18.36 -22.27 13.45
CA ASP A 23 -18.82 -20.89 13.74
C ASP A 23 -18.88 -20.01 12.49
N TYR A 24 -18.15 -20.40 11.43
CA TYR A 24 -18.03 -19.59 10.21
C TYR A 24 -18.70 -20.22 8.98
N ASP A 25 -19.17 -21.49 9.08
CA ASP A 25 -19.77 -22.20 7.92
C ASP A 25 -20.95 -21.46 7.27
N GLU A 26 -22.00 -21.12 8.04
CA GLU A 26 -23.16 -20.40 7.49
C GLU A 26 -22.79 -19.02 6.89
N LEU A 27 -21.99 -18.22 7.59
CA LEU A 27 -21.58 -16.87 7.17
C LEU A 27 -20.89 -16.93 5.80
N LEU A 28 -19.99 -17.89 5.62
CA LEU A 28 -19.18 -18.03 4.41
C LEU A 28 -19.94 -18.56 3.19
N LYS A 29 -21.22 -19.03 3.37
CA LYS A 29 -22.13 -19.28 2.24
C LYS A 29 -22.56 -17.97 1.59
N TYR A 30 -22.52 -16.87 2.36
CA TYR A 30 -23.10 -15.59 1.93
C TYR A 30 -22.08 -14.49 1.71
N TYR A 31 -20.95 -14.55 2.45
CA TYR A 31 -19.93 -13.49 2.49
C TYR A 31 -18.54 -14.05 2.26
N GLU A 32 -17.73 -13.31 1.48
CA GLU A 32 -16.30 -13.64 1.37
C GLU A 32 -15.56 -12.67 2.30
N LEU A 33 -14.79 -13.22 3.26
CA LEU A 33 -14.16 -12.39 4.30
C LEU A 33 -12.89 -11.73 3.73
N HIS A 34 -12.66 -10.44 4.07
CA HIS A 34 -11.45 -9.70 3.69
C HIS A 34 -10.70 -9.34 5.04
N GLU A 35 -9.99 -8.19 5.15
CA GLU A 35 -9.13 -7.99 6.34
C GLU A 35 -9.86 -7.53 7.58
N THR A 36 -9.24 -7.77 8.73
CA THR A 36 -9.73 -7.20 9.99
C THR A 36 -9.58 -5.66 9.96
N ILE A 37 -10.61 -4.96 10.39
CA ILE A 37 -10.36 -3.53 10.57
C ILE A 37 -10.23 -3.16 12.06
N GLY A 38 -10.69 -3.99 12.99
CA GLY A 38 -10.40 -3.74 14.42
C GLY A 38 -10.68 -4.91 15.34
N THR A 39 -9.97 -5.00 16.47
CA THR A 39 -10.21 -6.05 17.46
C THR A 39 -10.09 -5.45 18.85
N GLY A 40 -11.11 -5.66 19.66
CA GLY A 40 -11.02 -5.33 21.08
C GLY A 40 -11.88 -6.26 21.91
N GLY A 41 -11.25 -7.12 22.68
CA GLY A 41 -11.95 -8.07 23.55
C GLY A 41 -12.78 -9.04 22.75
N PHE A 42 -14.05 -9.27 23.17
CA PHE A 42 -15.07 -10.05 22.44
C PHE A 42 -15.39 -9.54 21.00
N ALA A 43 -15.13 -8.26 20.71
CA ALA A 43 -15.56 -7.65 19.44
C ALA A 43 -14.45 -7.59 18.37
N LYS A 44 -14.74 -8.07 17.17
CA LYS A 44 -13.84 -7.88 16.04
C LYS A 44 -14.69 -7.42 14.84
N VAL A 45 -14.18 -6.49 14.06
CA VAL A 45 -14.83 -6.02 12.85
C VAL A 45 -13.99 -6.45 11.68
N LYS A 46 -14.60 -7.13 10.71
CA LYS A 46 -13.94 -7.58 9.49
C LYS A 46 -14.67 -7.08 8.28
N LEU A 47 -13.93 -6.63 7.27
CA LEU A 47 -14.44 -6.31 5.96
C LEU A 47 -14.86 -7.57 5.26
N ALA A 48 -15.94 -7.48 4.46
CA ALA A 48 -16.38 -8.63 3.67
C ALA A 48 -17.10 -8.21 2.41
N CYS A 49 -17.26 -9.16 1.51
CA CYS A 49 -18.03 -8.99 0.29
C CYS A 49 -19.27 -9.88 0.34
N HIS A 50 -20.47 -9.27 0.17
CA HIS A 50 -21.72 -10.00 -0.03
C HIS A 50 -21.74 -10.68 -1.41
N ILE A 51 -21.61 -12.02 -1.46
CA ILE A 51 -21.40 -12.77 -2.74
C ILE A 51 -22.50 -12.51 -3.83
N LEU A 52 -23.81 -12.57 -3.46
CA LEU A 52 -24.87 -12.43 -4.47
C LEU A 52 -24.88 -11.05 -5.17
N THR A 53 -24.51 -9.99 -4.44
CA THR A 53 -24.59 -8.62 -5.03
C THR A 53 -23.24 -8.06 -5.48
N GLY A 54 -22.16 -8.67 -4.95
CA GLY A 54 -20.80 -8.16 -5.02
C GLY A 54 -20.55 -6.90 -4.18
N GLU A 55 -21.43 -6.56 -3.23
CA GLU A 55 -21.26 -5.31 -2.45
C GLU A 55 -20.44 -5.55 -1.22
N MET A 56 -19.60 -4.58 -0.90
CA MET A 56 -18.81 -4.61 0.35
C MET A 56 -19.69 -4.30 1.56
N VAL A 57 -19.40 -4.94 2.70
CA VAL A 57 -20.07 -4.78 3.99
C VAL A 57 -18.99 -4.77 5.09
N ALA A 58 -19.33 -4.30 6.30
CA ALA A 58 -18.52 -4.46 7.55
C ALA A 58 -19.23 -5.52 8.36
N ILE A 59 -18.52 -6.47 8.91
CA ILE A 59 -19.11 -7.50 9.78
C ILE A 59 -18.54 -7.41 11.17
N LYS A 60 -19.42 -7.16 12.14
CA LYS A 60 -19.10 -7.15 13.56
C LYS A 60 -19.27 -8.57 14.06
N ILE A 61 -18.21 -9.17 14.57
CA ILE A 61 -18.12 -10.56 15.02
C ILE A 61 -17.94 -10.44 16.56
N MET A 62 -18.92 -10.96 17.32
CA MET A 62 -18.94 -10.89 18.78
C MET A 62 -18.86 -12.24 19.40
N ASP A 63 -17.85 -12.47 20.27
CA ASP A 63 -17.78 -13.74 20.96
C ASP A 63 -18.68 -13.75 22.19
N LYS A 64 -19.59 -14.72 22.26
CA LYS A 64 -20.58 -14.82 23.33
C LYS A 64 -19.97 -15.18 24.69
N ASN A 65 -18.82 -15.86 24.68
CA ASN A 65 -18.15 -16.33 25.91
C ASN A 65 -17.19 -15.31 26.52
N THR A 66 -16.61 -14.42 25.70
CA THR A 66 -15.71 -13.34 26.13
C THR A 66 -16.53 -12.20 26.75
N ASP A 70 -20.94 -6.32 25.67
CA ASP A 70 -21.64 -7.01 26.74
C ASP A 70 -23.05 -7.34 26.26
N LEU A 71 -23.46 -8.64 26.35
CA LEU A 71 -24.64 -9.25 25.71
C LEU A 71 -25.93 -8.35 25.69
N PRO A 72 -26.42 -7.78 26.83
CA PRO A 72 -27.59 -6.88 26.74
C PRO A 72 -27.41 -5.63 25.88
N ARG A 73 -26.21 -5.03 25.89
CA ARG A 73 -25.86 -3.89 25.02
C ARG A 73 -26.00 -4.26 23.54
N ILE A 74 -25.54 -5.48 23.15
CA ILE A 74 -25.62 -6.03 21.80
C ILE A 74 -27.09 -6.22 21.34
N LYS A 75 -27.94 -6.78 22.23
CA LYS A 75 -29.37 -6.98 21.97
C LYS A 75 -30.10 -5.65 21.86
N THR A 76 -29.74 -4.66 22.71
CA THR A 76 -30.29 -3.29 22.63
C THR A 76 -29.98 -2.69 21.23
N GLU A 77 -28.70 -2.79 20.76
CA GLU A 77 -28.33 -2.22 19.48
C GLU A 77 -29.10 -2.88 18.34
N ILE A 78 -29.17 -4.21 18.36
CA ILE A 78 -29.86 -4.99 17.31
C ILE A 78 -31.34 -4.63 17.24
N GLU A 79 -32.03 -4.61 18.39
CA GLU A 79 -33.43 -4.20 18.49
C GLU A 79 -33.65 -2.82 17.87
N ALA A 80 -32.83 -1.84 18.24
CA ALA A 80 -32.98 -0.47 17.72
C ALA A 80 -32.77 -0.45 16.19
N LEU A 81 -31.71 -1.13 15.67
CA LEU A 81 -31.35 -1.05 14.25
C LEU A 81 -32.34 -1.78 13.34
N LYS A 82 -33.02 -2.81 13.89
CA LYS A 82 -34.11 -3.49 13.16
C LYS A 82 -35.27 -2.53 12.91
N ASN A 83 -35.47 -1.55 13.82
CA ASN A 83 -36.59 -0.60 13.78
C ASN A 83 -36.25 0.74 13.18
N LEU A 84 -34.96 1.00 12.95
CA LEU A 84 -34.51 2.30 12.46
C LEU A 84 -33.90 2.12 11.09
N ARG A 85 -34.33 2.98 10.14
CA ARG A 85 -33.85 2.87 8.78
C ARG A 85 -33.79 4.25 8.21
N HIS A 86 -32.57 4.73 7.87
CA HIS A 86 -32.38 6.13 7.49
C HIS A 86 -31.06 6.33 6.75
N GLN A 87 -31.02 7.27 5.79
CA GLN A 87 -29.84 7.61 4.97
C GLN A 87 -28.60 8.02 5.81
N HIS A 88 -28.80 8.44 7.09
CA HIS A 88 -27.66 8.84 7.92
C HIS A 88 -27.49 7.95 9.16
N ILE A 89 -28.08 6.73 9.08
CA ILE A 89 -27.85 5.70 10.09
C ILE A 89 -27.15 4.51 9.41
N CYS A 90 -26.02 4.07 9.94
CA CYS A 90 -25.34 2.87 9.40
C CYS A 90 -26.33 1.69 9.42
N GLN A 91 -26.67 1.19 8.23
CA GLN A 91 -27.68 0.15 8.03
C GLN A 91 -27.28 -1.23 8.53
N LEU A 92 -28.16 -1.84 9.35
CA LEU A 92 -28.10 -3.30 9.62
C LEU A 92 -28.71 -4.13 8.46
N TYR A 93 -27.93 -5.08 7.90
CA TYR A 93 -28.42 -5.93 6.79
C TYR A 93 -28.80 -7.30 7.26
N HIS A 94 -28.08 -7.84 8.29
CA HIS A 94 -28.15 -9.29 8.50
C HIS A 94 -27.63 -9.55 9.92
N VAL A 95 -28.33 -10.42 10.64
CA VAL A 95 -27.91 -10.90 11.98
C VAL A 95 -27.84 -12.40 11.87
N LEU A 96 -26.70 -12.98 12.22
CA LEU A 96 -26.44 -14.43 12.23
C LEU A 96 -25.97 -14.81 13.65
N GLU A 97 -26.37 -15.98 14.14
CA GLU A 97 -25.93 -16.42 15.47
C GLU A 97 -25.52 -17.88 15.42
N THR A 98 -24.38 -18.21 16.07
CA THR A 98 -23.92 -19.61 16.23
C THR A 98 -23.88 -19.90 17.73
N ALA A 99 -23.34 -21.07 18.14
CA ALA A 99 -23.11 -21.35 19.56
C ALA A 99 -22.30 -20.24 20.20
N ASN A 100 -21.19 -19.87 19.55
CA ASN A 100 -20.14 -19.02 20.10
C ASN A 100 -20.20 -17.58 19.66
N LYS A 101 -20.90 -17.27 18.54
CA LYS A 101 -20.79 -15.95 17.92
C LYS A 101 -22.14 -15.27 17.64
N ILE A 102 -22.15 -13.93 17.68
CA ILE A 102 -23.19 -13.12 17.06
C ILE A 102 -22.49 -12.35 15.93
N PHE A 103 -23.02 -12.41 14.72
CA PHE A 103 -22.56 -11.62 13.57
C PHE A 103 -23.59 -10.54 13.23
N MET A 104 -23.13 -9.30 13.01
CA MET A 104 -23.93 -8.17 12.55
C MET A 104 -23.33 -7.65 11.28
N VAL A 105 -24.06 -7.80 10.20
CA VAL A 105 -23.62 -7.32 8.89
C VAL A 105 -24.12 -5.89 8.69
N LEU A 106 -23.18 -4.98 8.46
CA LEU A 106 -23.44 -3.53 8.52
C LEU A 106 -22.94 -2.83 7.30
N GLU A 107 -23.46 -1.62 7.07
CA GLU A 107 -23.11 -0.74 5.94
C GLU A 107 -21.61 -0.41 5.98
N TYR A 108 -20.97 -0.48 4.84
CA TYR A 108 -19.54 -0.27 4.66
C TYR A 108 -19.21 1.19 4.76
N CYS A 109 -18.33 1.54 5.72
CA CYS A 109 -17.95 2.94 6.01
C CYS A 109 -16.42 3.16 5.94
N PRO A 110 -15.79 3.17 4.74
CA PRO A 110 -14.34 3.30 4.65
C PRO A 110 -13.77 4.71 4.86
N GLY A 111 -14.63 5.72 5.04
CA GLY A 111 -14.18 7.10 5.28
C GLY A 111 -13.71 7.37 6.70
N GLY A 112 -13.89 6.40 7.58
CA GLY A 112 -13.42 6.50 8.96
C GLY A 112 -14.34 7.28 9.86
N GLU A 113 -13.90 7.42 11.14
CA GLU A 113 -14.66 8.16 12.16
C GLU A 113 -14.59 9.66 11.88
N LEU A 114 -15.68 10.40 12.13
CA LEU A 114 -15.64 11.85 12.15
C LEU A 114 -14.52 12.30 13.11
N PHE A 115 -14.34 11.62 14.27
CA PHE A 115 -13.25 11.94 15.20
C PHE A 115 -11.90 12.04 14.52
N ASP A 116 -11.53 10.95 13.75
CA ASP A 116 -10.23 10.86 13.06
C ASP A 116 -10.03 11.93 12.07
N TYR A 117 -11.09 12.20 11.33
CA TYR A 117 -11.16 13.26 10.34
C TYR A 117 -10.85 14.65 10.97
N ILE A 118 -11.47 14.97 12.14
CA ILE A 118 -11.31 16.25 12.82
C ILE A 118 -9.86 16.43 13.25
N ILE A 119 -9.28 15.41 13.93
CA ILE A 119 -7.96 15.60 14.52
C ILE A 119 -6.90 15.67 13.41
N SER A 120 -7.13 14.98 12.26
CA SER A 120 -6.22 15.04 11.10
C SER A 120 -6.20 16.44 10.43
N GLN A 121 -7.24 17.28 10.69
CA GLN A 121 -7.43 18.63 10.12
C GLN A 121 -7.22 19.72 11.19
N ASP A 122 -6.97 19.31 12.45
CA ASP A 122 -7.01 20.12 13.66
C ASP A 122 -8.44 20.52 13.99
N ARG A 123 -9.08 21.25 13.09
CA ARG A 123 -10.48 21.63 13.21
C ARG A 123 -11.07 21.93 11.81
N LEU A 124 -12.41 21.98 11.73
CA LEU A 124 -13.11 22.24 10.47
C LEU A 124 -13.58 23.72 10.39
N SER A 125 -13.62 24.28 9.17
CA SER A 125 -14.20 25.60 8.90
C SER A 125 -15.68 25.57 9.30
N GLU A 126 -16.30 26.74 9.51
CA GLU A 126 -17.73 26.82 9.77
C GLU A 126 -18.52 26.22 8.61
N GLU A 127 -18.07 26.49 7.34
CA GLU A 127 -18.66 25.98 6.10
C GLU A 127 -18.69 24.46 6.09
N GLU A 128 -17.54 23.84 6.40
CA GLU A 128 -17.46 22.39 6.34
C GLU A 128 -18.21 21.80 7.55
N THR A 129 -18.12 22.44 8.75
CA THR A 129 -18.92 22.03 9.91
C THR A 129 -20.41 21.94 9.58
N ARG A 130 -20.95 22.95 8.88
CA ARG A 130 -22.37 22.97 8.52
C ARG A 130 -22.76 21.79 7.64
N VAL A 131 -21.97 21.48 6.59
CA VAL A 131 -22.22 20.34 5.69
C VAL A 131 -22.42 19.07 6.56
N VAL A 132 -21.47 18.84 7.48
CA VAL A 132 -21.42 17.66 8.37
C VAL A 132 -22.58 17.74 9.41
N PHE A 133 -22.77 18.93 10.05
CA PHE A 133 -23.74 19.09 11.13
C PHE A 133 -25.20 18.88 10.71
N ARG A 134 -25.55 19.37 9.56
CA ARG A 134 -26.85 19.14 8.93
C ARG A 134 -27.18 17.64 8.75
N GLN A 135 -26.15 16.78 8.44
CA GLN A 135 -26.32 15.33 8.37
C GLN A 135 -26.55 14.73 9.78
N ILE A 136 -25.81 15.20 10.80
CA ILE A 136 -25.99 14.77 12.20
C ILE A 136 -27.41 15.14 12.66
N VAL A 137 -27.88 16.39 12.37
CA VAL A 137 -29.21 16.84 12.80
C VAL A 137 -30.27 15.95 12.12
N SER A 138 -30.10 15.66 10.81
CA SER A 138 -30.99 14.77 10.07
C SER A 138 -31.17 13.41 10.79
N ALA A 139 -30.07 12.68 11.04
CA ALA A 139 -30.10 11.38 11.74
C ALA A 139 -30.82 11.46 13.11
N VAL A 140 -30.43 12.42 13.95
CA VAL A 140 -30.93 12.53 15.32
C VAL A 140 -32.39 12.95 15.34
N ALA A 141 -32.79 13.89 14.47
CA ALA A 141 -34.22 14.26 14.39
C ALA A 141 -35.06 13.04 14.03
N TYR A 142 -34.57 12.17 13.13
CA TYR A 142 -35.26 10.93 12.77
C TYR A 142 -35.30 9.95 13.98
N VAL A 143 -34.15 9.70 14.65
CA VAL A 143 -34.12 8.85 15.86
C VAL A 143 -35.23 9.26 16.84
N HIS A 144 -35.32 10.60 17.14
CA HIS A 144 -36.28 11.17 18.06
C HIS A 144 -37.71 10.98 17.55
N SER A 145 -37.94 11.12 16.24
CA SER A 145 -39.26 10.93 15.66
C SER A 145 -39.81 9.52 15.86
N GLN A 146 -38.91 8.54 16.03
CA GLN A 146 -39.21 7.12 16.25
C GLN A 146 -39.31 6.73 17.76
N GLY A 147 -39.22 7.72 18.64
CA GLY A 147 -39.35 7.57 20.09
C GLY A 147 -38.08 7.09 20.78
N TYR A 148 -36.92 7.17 20.08
CA TYR A 148 -35.63 6.83 20.66
C TYR A 148 -34.82 8.10 21.03
N ALA A 149 -33.93 7.98 22.03
CA ALA A 149 -32.80 8.87 22.33
C ALA A 149 -31.53 8.01 22.15
N HIS A 150 -30.48 8.53 21.44
CA HIS A 150 -29.28 7.74 21.15
C HIS A 150 -28.40 7.63 22.40
N ARG A 151 -28.19 8.78 23.14
CA ARG A 151 -27.52 8.84 24.44
C ARG A 151 -25.98 8.69 24.39
N ASP A 152 -25.39 8.46 23.20
CA ASP A 152 -23.93 8.34 23.09
C ASP A 152 -23.40 9.09 21.89
N LEU A 153 -23.94 10.29 21.65
CA LEU A 153 -23.56 11.04 20.46
C LEU A 153 -22.22 11.64 20.74
N LYS A 154 -21.27 11.34 19.86
CA LYS A 154 -19.87 11.73 19.95
C LYS A 154 -19.26 11.52 18.57
N PRO A 155 -18.11 12.16 18.23
CA PRO A 155 -17.57 12.03 16.84
C PRO A 155 -17.00 10.65 16.50
N GLU A 156 -16.62 9.83 17.50
CA GLU A 156 -16.26 8.44 17.27
C GLU A 156 -17.47 7.63 16.77
N ASN A 157 -18.71 8.10 17.02
CA ASN A 157 -19.91 7.35 16.67
C ASN A 157 -20.56 7.80 15.38
N LEU A 158 -19.79 8.53 14.56
CA LEU A 158 -20.23 9.01 13.27
C LEU A 158 -19.21 8.61 12.28
N LEU A 159 -19.60 7.80 11.27
CA LEU A 159 -18.65 7.28 10.26
C LEU A 159 -18.92 7.85 8.87
N PHE A 160 -17.87 8.04 8.04
CA PHE A 160 -18.09 8.40 6.63
C PHE A 160 -18.17 7.19 5.74
N ASP A 161 -19.17 7.15 4.83
CA ASP A 161 -19.26 6.05 3.87
C ASP A 161 -18.34 6.33 2.67
N GLU A 162 -18.43 5.51 1.61
CA GLU A 162 -17.52 5.66 0.47
C GLU A 162 -17.73 6.98 -0.27
N TYR A 163 -18.89 7.66 -0.05
CA TYR A 163 -19.26 8.90 -0.71
C TYR A 163 -19.18 10.10 0.20
N HIS A 164 -18.48 9.93 1.33
CA HIS A 164 -18.22 10.96 2.33
C HIS A 164 -19.54 11.47 2.97
N LYS A 165 -20.59 10.61 3.06
CA LYS A 165 -21.83 10.91 3.81
C LYS A 165 -21.80 10.24 5.20
N LEU A 166 -22.26 10.97 6.21
CA LEU A 166 -22.18 10.49 7.59
C LEU A 166 -23.23 9.44 7.92
N LYS A 167 -22.85 8.50 8.79
CA LYS A 167 -23.65 7.35 9.20
C LYS A 167 -23.47 7.20 10.70
N LEU A 168 -24.55 7.37 11.48
CA LEU A 168 -24.58 7.20 12.96
C LEU A 168 -24.48 5.71 13.33
N ILE A 169 -23.65 5.36 14.28
CA ILE A 169 -23.44 3.98 14.75
C ILE A 169 -23.63 3.89 16.26
N ASP A 170 -23.49 2.67 16.81
CA ASP A 170 -23.40 2.36 18.24
C ASP A 170 -24.65 2.78 19.04
N PHE A 171 -25.71 2.04 18.79
CA PHE A 171 -27.01 2.18 19.44
C PHE A 171 -27.15 1.31 20.70
N GLY A 172 -26.01 0.87 21.26
CA GLY A 172 -25.99 0.03 22.46
C GLY A 172 -26.65 0.65 23.71
N LEU A 173 -26.95 1.95 23.68
CA LEU A 173 -27.70 2.71 24.73
C LEU A 173 -28.94 3.42 24.11
N CYS A 174 -30.13 3.46 24.77
CA CYS A 174 -31.37 3.73 24.00
C CYS A 174 -32.59 4.27 24.77
N ALA A 175 -33.67 4.55 24.00
CA ALA A 175 -35.01 4.86 24.54
C ALA A 175 -36.10 4.26 23.65
N CYS A 189 -24.19 9.13 30.29
CA CYS A 189 -23.95 7.73 30.64
C CYS A 189 -23.35 6.90 29.46
N GLY A 190 -23.20 7.53 28.29
CA GLY A 190 -22.01 7.38 27.46
C GLY A 190 -20.90 8.27 27.98
N ALA A 191 -19.92 8.66 27.12
CA ALA A 191 -18.78 9.52 27.46
C ALA A 191 -19.27 10.72 28.33
N LEU A 192 -18.66 10.91 29.51
CA LEU A 192 -19.01 11.98 30.42
C LEU A 192 -18.89 13.36 29.74
N ALA A 193 -17.83 13.57 28.94
CA ALA A 193 -17.61 14.86 28.25
C ALA A 193 -18.78 15.29 27.30
N TYR A 194 -19.60 14.32 26.82
CA TYR A 194 -20.76 14.56 25.93
C TYR A 194 -22.09 14.50 26.66
N ALA A 195 -22.10 14.15 27.98
CA ALA A 195 -23.32 13.98 28.77
C ALA A 195 -23.91 15.28 29.30
N ALA A 196 -25.24 15.42 29.14
CA ALA A 196 -25.99 16.59 29.57
C ALA A 196 -26.01 16.71 31.11
N PRO A 197 -26.00 17.96 31.66
CA PRO A 197 -26.06 18.14 33.13
C PRO A 197 -27.17 17.33 33.82
N GLU A 198 -28.41 17.35 33.26
CA GLU A 198 -29.59 16.71 33.87
C GLU A 198 -29.48 15.18 33.79
N LEU A 199 -28.70 14.69 32.82
CA LEU A 199 -28.45 13.27 32.60
C LEU A 199 -27.49 12.76 33.67
N ILE A 200 -26.37 13.48 33.90
CA ILE A 200 -25.38 13.20 34.97
C ILE A 200 -26.09 13.15 36.33
N GLN A 201 -27.00 14.11 36.59
CA GLN A 201 -27.80 14.21 37.82
C GLN A 201 -28.94 13.14 37.97
N GLY A 202 -29.13 12.29 36.96
CA GLY A 202 -30.19 11.27 36.98
C GLY A 202 -31.61 11.81 36.94
N LYS A 203 -31.80 13.06 36.46
CA LYS A 203 -33.13 13.68 36.31
C LYS A 203 -33.21 14.50 35.03
N GLY A 207 -35.58 12.42 27.17
CA GLY A 207 -34.36 11.85 26.59
C GLY A 207 -33.91 12.64 25.36
N SER A 208 -34.85 13.38 24.75
CA SER A 208 -34.53 14.11 23.53
C SER A 208 -33.62 15.30 23.77
N GLU A 209 -33.92 16.11 24.82
CA GLU A 209 -33.16 17.33 25.19
C GLU A 209 -31.68 17.06 25.46
N ALA A 210 -31.36 15.94 26.13
CA ALA A 210 -29.98 15.51 26.37
C ALA A 210 -29.16 15.25 25.09
N ASP A 211 -29.81 14.71 24.02
CA ASP A 211 -29.10 14.48 22.75
C ASP A 211 -28.77 15.84 22.12
N VAL A 212 -29.61 16.87 22.35
CA VAL A 212 -29.35 18.20 21.79
C VAL A 212 -28.08 18.79 22.42
N TRP A 213 -27.95 18.65 23.74
CA TRP A 213 -26.76 19.08 24.46
C TRP A 213 -25.53 18.39 23.85
N SER A 214 -25.58 17.04 23.67
CA SER A 214 -24.48 16.29 23.06
CA SER A 214 -24.49 16.27 23.06
C SER A 214 -24.15 16.78 21.67
N MET A 215 -25.22 17.12 20.82
CA MET A 215 -24.91 17.71 19.50
C MET A 215 -24.18 19.10 19.65
N GLY A 216 -24.46 19.82 20.71
CA GLY A 216 -23.80 21.10 20.97
C GLY A 216 -22.33 20.91 21.25
N ILE A 217 -22.01 19.93 22.10
CA ILE A 217 -20.63 19.49 22.35
C ILE A 217 -19.95 19.14 21.01
N LEU A 218 -20.60 18.31 20.23
CA LEU A 218 -20.14 17.90 18.91
C LEU A 218 -19.87 19.13 17.95
N LEU A 219 -20.81 20.08 17.91
CA LEU A 219 -20.68 21.36 17.20
C LEU A 219 -19.42 22.14 17.62
N TYR A 220 -19.18 22.27 18.94
CA TYR A 220 -17.97 22.93 19.48
C TYR A 220 -16.70 22.16 19.00
N VAL A 221 -16.66 20.85 19.20
CA VAL A 221 -15.44 20.08 18.87
C VAL A 221 -15.13 20.17 17.33
N LEU A 222 -16.18 20.10 16.47
CA LEU A 222 -15.98 20.25 15.03
C LEU A 222 -15.30 21.55 14.64
N MET A 223 -15.75 22.69 15.23
CA MET A 223 -15.19 23.96 14.88
C MET A 223 -13.95 24.35 15.67
N CYS A 224 -13.65 23.68 16.79
CA CYS A 224 -12.54 24.05 17.70
C CYS A 224 -11.39 23.05 17.71
N GLY A 225 -11.73 21.78 17.57
CA GLY A 225 -10.75 20.69 17.60
C GLY A 225 -10.39 20.24 19.00
N PHE A 226 -11.13 20.71 20.01
CA PHE A 226 -10.99 20.31 21.42
C PHE A 226 -12.36 20.45 22.12
N LEU A 227 -12.52 19.78 23.28
CA LEU A 227 -13.77 19.78 24.06
C LEU A 227 -14.06 21.07 24.80
N PRO A 228 -15.38 21.49 24.92
CA PRO A 228 -15.68 22.70 25.71
C PRO A 228 -15.49 22.50 27.23
N PHE A 229 -15.69 21.24 27.71
CA PHE A 229 -15.54 20.84 29.09
C PHE A 229 -14.59 19.67 29.13
N ASP A 230 -13.43 19.82 29.80
CA ASP A 230 -12.47 18.73 29.88
C ASP A 230 -11.69 18.79 31.18
N ASP A 231 -11.30 17.61 31.71
CA ASP A 231 -10.54 17.50 32.93
C ASP A 231 -9.98 16.08 33.13
N ASP A 232 -9.01 15.94 34.04
CA ASP A 232 -8.28 14.71 34.35
C ASP A 232 -9.06 13.77 35.25
N THR A 233 -10.05 14.30 35.99
CA THR A 233 -10.88 13.49 36.89
C THR A 233 -12.34 13.66 36.55
N ALA A 234 -13.15 12.63 36.87
CA ALA A 234 -14.60 12.60 36.62
C ALA A 234 -15.34 13.67 37.45
N ALA A 235 -15.00 13.83 38.76
CA ALA A 235 -15.57 14.86 39.64
C ALA A 235 -15.30 16.28 39.13
N ALA A 236 -14.07 16.56 38.62
CA ALA A 236 -13.78 17.91 38.11
C ALA A 236 -14.50 18.19 36.78
N LEU A 237 -14.63 17.16 35.90
CA LEU A 237 -15.36 17.28 34.65
C LEU A 237 -16.87 17.54 34.90
N VAL A 238 -17.49 16.73 35.78
CA VAL A 238 -18.89 16.94 36.24
C VAL A 238 -19.13 18.38 36.73
N ALA A 239 -18.28 18.91 37.61
CA ALA A 239 -18.37 20.31 38.11
C ALA A 239 -18.35 21.33 36.98
N LYS A 240 -17.45 21.15 35.99
CA LYS A 240 -17.38 22.03 34.79
C LYS A 240 -18.66 22.00 33.94
N ILE A 241 -19.22 20.77 33.71
CA ILE A 241 -20.47 20.59 32.97
C ILE A 241 -21.66 21.27 33.70
N MET A 242 -21.82 21.04 35.01
CA MET A 242 -22.82 21.71 35.85
C MET A 242 -22.75 23.24 35.79
N ARG A 243 -21.54 23.82 35.75
CA ARG A 243 -21.38 25.27 35.76
C ARG A 243 -21.66 25.84 34.38
N GLY A 244 -21.35 25.04 33.36
CA GLY A 244 -21.69 25.26 31.96
C GLY A 244 -20.94 26.40 31.33
N LYS A 245 -19.82 26.82 31.94
CA LYS A 245 -18.95 27.84 31.37
C LYS A 245 -17.86 27.20 30.52
N TYR A 246 -17.65 27.77 29.34
CA TYR A 246 -16.62 27.28 28.42
C TYR A 246 -15.99 28.45 27.71
N ASP A 247 -14.79 28.28 27.21
CA ASP A 247 -14.11 29.30 26.41
C ASP A 247 -14.69 29.35 25.00
N VAL A 248 -14.68 30.54 24.44
CA VAL A 248 -15.12 30.81 23.08
C VAL A 248 -13.85 31.24 22.30
N PRO A 249 -13.21 30.35 21.52
CA PRO A 249 -12.10 30.81 20.65
C PRO A 249 -12.45 31.93 19.68
N LYS A 250 -11.46 32.80 19.40
CA LYS A 250 -11.58 34.01 18.58
C LYS A 250 -12.01 33.72 17.13
N TRP A 251 -11.77 32.51 16.61
CA TRP A 251 -12.11 32.16 15.23
C TRP A 251 -13.61 31.80 15.02
N LEU A 252 -14.36 31.55 16.10
CA LEU A 252 -15.80 31.26 16.03
C LEU A 252 -16.56 32.55 15.66
N SER A 253 -17.43 32.48 14.64
CA SER A 253 -18.26 33.61 14.19
C SER A 253 -19.33 33.95 15.27
N PRO A 254 -19.88 35.18 15.34
CA PRO A 254 -21.05 35.41 16.20
C PRO A 254 -22.22 34.45 15.98
N SER A 255 -22.54 34.08 14.70
CA SER A 255 -23.60 33.10 14.44
C SER A 255 -23.35 31.75 15.16
N SER A 256 -22.13 31.20 15.03
CA SER A 256 -21.74 29.94 15.68
C SER A 256 -21.84 30.07 17.24
N ILE A 257 -21.43 31.22 17.79
CA ILE A 257 -21.46 31.48 19.25
C ILE A 257 -22.89 31.44 19.76
N LEU A 258 -23.82 32.09 19.03
CA LEU A 258 -25.23 32.12 19.36
C LEU A 258 -25.89 30.72 19.29
N LEU A 259 -25.65 29.97 18.21
CA LEU A 259 -26.17 28.60 18.14
C LEU A 259 -25.59 27.75 19.31
N LEU A 260 -24.28 27.86 19.58
CA LEU A 260 -23.67 27.14 20.73
C LEU A 260 -24.32 27.49 22.06
N GLN A 261 -24.61 28.78 22.32
CA GLN A 261 -25.29 29.12 23.58
C GLN A 261 -26.70 28.53 23.71
N GLN A 262 -27.43 28.43 22.60
CA GLN A 262 -28.77 27.87 22.57
C GLN A 262 -28.78 26.37 22.81
N MET A 263 -27.75 25.62 22.31
CA MET A 263 -27.65 24.17 22.49
C MET A 263 -27.03 23.83 23.83
N LEU A 264 -26.06 24.64 24.28
CA LEU A 264 -25.36 24.36 25.53
C LEU A 264 -25.97 25.11 26.73
N GLN A 265 -27.30 25.07 26.87
CA GLN A 265 -28.01 25.57 28.05
C GLN A 265 -28.05 24.46 29.11
N VAL A 266 -27.57 24.74 30.32
CA VAL A 266 -27.57 23.75 31.42
C VAL A 266 -29.02 23.31 31.75
N ASP A 267 -29.99 24.26 31.71
CA ASP A 267 -31.42 23.97 31.92
C ASP A 267 -32.06 23.39 30.63
N PRO A 268 -32.47 22.09 30.65
CA PRO A 268 -33.02 21.47 29.42
C PRO A 268 -34.31 22.12 28.90
N LYS A 269 -35.01 22.88 29.77
CA LYS A 269 -36.21 23.64 29.41
C LYS A 269 -35.89 24.92 28.60
N LYS A 270 -34.68 25.48 28.77
CA LYS A 270 -34.19 26.67 28.06
C LYS A 270 -33.45 26.33 26.74
N ARG A 271 -33.11 25.06 26.55
CA ARG A 271 -32.26 24.60 25.45
C ARG A 271 -33.06 24.58 24.17
N ILE A 272 -32.43 24.94 23.05
CA ILE A 272 -33.13 24.90 21.75
C ILE A 272 -33.84 23.53 21.51
N SER A 273 -35.09 23.57 20.98
CA SER A 273 -35.83 22.36 20.61
C SER A 273 -35.30 21.81 19.27
N MET A 274 -35.53 20.49 18.99
CA MET A 274 -35.25 19.91 17.67
C MET A 274 -35.97 20.67 16.55
N LYS A 275 -37.24 21.05 16.79
CA LYS A 275 -38.06 21.85 15.86
C LYS A 275 -37.35 23.15 15.42
N ASN A 276 -36.83 23.94 16.38
CA ASN A 276 -36.16 25.19 16.05
C ASN A 276 -34.71 24.99 15.55
N LEU A 277 -34.13 23.83 15.86
CA LEU A 277 -32.83 23.49 15.30
C LEU A 277 -32.92 23.26 13.80
N LEU A 278 -34.00 22.60 13.31
CA LEU A 278 -34.14 22.17 11.91
C LEU A 278 -34.11 23.32 10.89
N ASN A 279 -34.65 24.47 11.25
CA ASN A 279 -34.63 25.69 10.41
C ASN A 279 -33.89 26.88 11.10
N HIS A 280 -32.88 26.60 11.96
CA HIS A 280 -32.13 27.66 12.66
C HIS A 280 -31.37 28.54 11.62
N PRO A 281 -31.27 29.87 11.82
CA PRO A 281 -30.48 30.70 10.86
C PRO A 281 -29.05 30.22 10.55
N TRP A 282 -28.30 29.71 11.54
CA TRP A 282 -26.96 29.12 11.31
C TRP A 282 -27.11 27.89 10.41
N ILE A 283 -28.12 27.03 10.66
CA ILE A 283 -28.33 25.79 9.87
C ILE A 283 -28.63 26.08 8.40
N MET A 284 -29.35 27.15 8.16
CA MET A 284 -29.83 27.48 6.85
C MET A 284 -28.93 28.44 6.04
N GLN A 285 -27.80 28.94 6.63
CA GLN A 285 -26.93 29.95 6.04
C GLN A 285 -26.53 29.67 4.56
N ASP A 286 -25.77 28.64 4.26
CA ASP A 286 -25.35 28.43 2.86
C ASP A 286 -26.44 27.73 1.95
N TYR A 287 -27.64 27.39 2.52
CA TYR A 287 -28.56 26.38 1.97
C TYR A 287 -29.96 26.91 1.64
N ASN A 288 -30.51 27.71 2.56
CA ASN A 288 -31.81 28.37 2.52
C ASN A 288 -33.01 27.39 2.38
N TYR A 289 -32.84 26.16 2.88
CA TYR A 289 -33.94 25.22 3.14
C TYR A 289 -33.66 24.48 4.46
N PRO A 290 -34.71 24.12 5.27
CA PRO A 290 -34.45 23.41 6.54
C PRO A 290 -33.91 21.99 6.33
N VAL A 291 -33.36 21.42 7.41
CA VAL A 291 -32.83 20.05 7.42
C VAL A 291 -33.95 19.08 7.06
N GLU A 292 -33.68 18.26 6.06
CA GLU A 292 -34.57 17.18 5.62
C GLU A 292 -34.22 15.92 6.44
N TRP A 293 -35.02 15.63 7.47
CA TRP A 293 -34.73 14.56 8.43
C TRP A 293 -35.55 13.29 8.15
N GLN A 294 -36.64 13.42 7.39
CA GLN A 294 -37.48 12.27 7.10
C GLN A 294 -36.66 11.18 6.41
N SER A 295 -36.90 9.90 6.73
CA SER A 295 -36.16 8.81 6.11
C SER A 295 -36.56 8.67 4.64
N LYS A 296 -35.56 8.45 3.77
CA LYS A 296 -35.75 8.12 2.37
C LYS A 296 -35.66 6.57 2.17
N ASN A 297 -35.69 5.83 3.29
CA ASN A 297 -35.36 4.39 3.33
C ASN A 297 -36.50 3.58 3.98
N PRO A 298 -37.53 3.14 3.19
CA PRO A 298 -38.80 2.69 3.80
C PRO A 298 -38.81 1.23 4.27
N PHE A 299 -39.73 0.91 5.19
CA PHE A 299 -40.06 -0.46 5.54
C PHE A 299 -41.25 -0.95 4.69
N ILE A 300 -42.22 -0.06 4.42
CA ILE A 300 -43.45 -0.42 3.74
C ILE A 300 -43.26 -0.50 2.20
N HIS A 301 -42.87 0.61 1.55
CA HIS A 301 -42.68 0.66 0.10
C HIS A 301 -41.55 -0.29 -0.31
N LEU A 302 -41.83 -1.13 -1.31
CA LEU A 302 -40.84 -2.07 -1.89
C LEU A 302 -40.55 -1.64 -3.33
N ASP A 303 -39.30 -1.81 -3.77
CA ASP A 303 -38.87 -1.38 -5.09
C ASP A 303 -39.09 -2.54 -6.05
N ASP A 304 -39.96 -2.33 -7.10
CA ASP A 304 -40.36 -3.37 -8.04
C ASP A 304 -39.19 -4.02 -8.78
N ASP A 305 -38.18 -3.21 -9.18
CA ASP A 305 -37.00 -3.72 -9.90
C ASP A 305 -36.25 -4.75 -9.03
N CYS A 306 -36.06 -4.44 -7.74
CA CYS A 306 -35.41 -5.33 -6.78
C CYS A 306 -36.23 -6.59 -6.52
N VAL A 307 -37.55 -6.43 -6.28
CA VAL A 307 -38.47 -7.57 -6.09
C VAL A 307 -38.46 -8.53 -7.33
N THR A 308 -38.58 -7.97 -8.54
CA THR A 308 -38.50 -8.74 -9.78
C THR A 308 -37.18 -9.50 -9.90
N GLU A 309 -36.03 -8.84 -9.67
CA GLU A 309 -34.74 -9.50 -9.73
C GLU A 309 -34.59 -10.62 -8.67
N LEU A 310 -35.11 -10.38 -7.44
CA LEU A 310 -35.09 -11.39 -6.38
C LEU A 310 -35.99 -12.58 -6.78
N SER A 311 -37.17 -12.34 -7.42
CA SER A 311 -38.04 -13.38 -7.98
C SER A 311 -37.33 -14.25 -9.00
N VAL A 312 -36.43 -13.70 -9.83
CA VAL A 312 -35.76 -14.58 -10.80
C VAL A 312 -34.75 -15.49 -10.05
N HIS A 313 -34.09 -14.98 -8.99
CA HIS A 313 -33.12 -15.79 -8.23
C HIS A 313 -33.85 -16.88 -7.39
N HIS A 314 -34.99 -16.50 -6.76
CA HIS A 314 -35.81 -17.31 -5.86
C HIS A 314 -36.78 -18.29 -6.55
N ARG A 315 -37.11 -18.08 -7.86
CA ARG A 315 -38.00 -18.97 -8.66
C ARG A 315 -39.47 -18.85 -8.21
N ASN A 316 -39.87 -17.63 -7.81
CA ASN A 316 -41.26 -17.40 -7.47
C ASN A 316 -41.90 -16.29 -8.32
N ASN A 317 -43.18 -15.99 -8.06
CA ASN A 317 -43.85 -14.83 -8.62
C ASN A 317 -43.63 -13.67 -7.66
N ARG A 318 -44.02 -12.46 -8.06
CA ARG A 318 -44.17 -11.29 -7.18
C ARG A 318 -45.19 -11.68 -6.10
N GLN A 319 -45.26 -10.96 -4.96
CA GLN A 319 -46.27 -11.18 -3.90
C GLN A 319 -45.88 -12.32 -2.96
N THR A 320 -45.51 -13.51 -3.50
CA THR A 320 -44.79 -14.51 -2.69
C THR A 320 -43.46 -13.91 -2.19
N MET A 321 -42.74 -13.21 -3.10
CA MET A 321 -41.48 -12.54 -2.83
C MET A 321 -41.72 -11.30 -1.97
N GLU A 322 -42.73 -10.46 -2.31
CA GLU A 322 -43.09 -9.27 -1.50
C GLU A 322 -43.40 -9.62 -0.04
N ASP A 323 -44.26 -10.63 0.18
CA ASP A 323 -44.64 -11.11 1.52
C ASP A 323 -43.41 -11.55 2.33
N LEU A 324 -42.47 -12.26 1.67
CA LEU A 324 -41.22 -12.71 2.28
C LEU A 324 -40.33 -11.53 2.68
N ILE A 325 -40.13 -10.54 1.76
CA ILE A 325 -39.28 -9.36 2.04
C ILE A 325 -39.87 -8.56 3.22
N SER A 326 -41.22 -8.38 3.22
CA SER A 326 -41.94 -7.54 4.19
C SER A 326 -41.91 -8.08 5.62
N LEU A 327 -41.48 -9.36 5.82
CA LEU A 327 -41.26 -9.95 7.14
C LEU A 327 -40.07 -9.29 7.83
N TRP A 328 -39.08 -8.75 7.03
CA TRP A 328 -37.87 -8.07 7.51
C TRP A 328 -37.23 -8.87 8.65
N GLN A 329 -36.81 -10.09 8.35
CA GLN A 329 -36.23 -11.00 9.33
C GLN A 329 -34.75 -10.73 9.63
N TYR A 330 -34.08 -9.87 8.81
CA TYR A 330 -32.63 -9.59 8.92
C TYR A 330 -31.83 -10.92 8.76
N ASP A 331 -32.33 -11.70 7.84
CA ASP A 331 -31.71 -12.92 7.32
C ASP A 331 -31.05 -12.56 5.99
N HIS A 332 -30.57 -13.55 5.23
CA HIS A 332 -29.89 -13.31 3.96
C HIS A 332 -30.76 -12.54 2.94
N LEU A 333 -32.09 -12.78 2.94
CA LEU A 333 -33.03 -12.07 2.09
C LEU A 333 -33.06 -10.58 2.37
N THR A 334 -33.13 -10.15 3.66
CA THR A 334 -33.08 -8.69 3.99
C THR A 334 -31.81 -8.06 3.48
N ALA A 335 -30.67 -8.76 3.63
CA ALA A 335 -29.33 -8.27 3.21
C ALA A 335 -29.33 -8.07 1.70
N THR A 336 -29.77 -9.12 0.97
CA THR A 336 -29.77 -9.13 -0.49
C THR A 336 -30.68 -8.01 -1.02
N TYR A 337 -31.88 -7.85 -0.45
CA TYR A 337 -32.80 -6.79 -0.88
C TYR A 337 -32.21 -5.41 -0.65
N LEU A 338 -31.71 -5.16 0.54
CA LEU A 338 -31.18 -3.86 0.91
C LEU A 338 -29.94 -3.49 0.12
N LEU A 339 -29.09 -4.49 -0.19
CA LEU A 339 -27.88 -4.27 -0.99
C LEU A 339 -28.18 -4.08 -2.45
N LEU A 340 -29.16 -4.82 -2.98
CA LEU A 340 -29.65 -4.59 -4.35
C LEU A 340 -30.21 -3.19 -4.52
N LEU A 341 -31.00 -2.73 -3.51
CA LEU A 341 -31.55 -1.38 -3.47
C LEU A 341 -30.42 -0.33 -3.46
N ALA A 342 -29.35 -0.59 -2.71
CA ALA A 342 -28.18 0.29 -2.63
C ALA A 342 -27.43 0.27 -3.95
N LYS A 343 -27.20 -0.92 -4.53
CA LYS A 343 -26.64 -1.14 -5.87
C LYS A 343 -27.40 -0.33 -6.92
N LYS A 344 -28.73 -0.21 -6.79
CA LYS A 344 -29.60 0.59 -7.67
C LYS A 344 -29.42 2.09 -7.41
N ALA A 345 -29.31 2.51 -6.11
CA ALA A 345 -29.09 3.91 -5.76
C ALA A 345 -27.78 4.48 -6.31
N ARG A 346 -26.70 3.62 -6.40
CA ARG A 346 -25.41 4.04 -6.95
C ARG A 346 -25.36 4.05 -8.49
N GLY A 347 -26.41 3.55 -9.15
CA GLY A 347 -26.55 3.56 -10.61
C GLY A 347 -26.11 2.30 -11.34
N LYS A 348 -25.66 1.27 -10.58
CA LYS A 348 -25.24 -0.03 -11.11
C LYS A 348 -26.45 -0.90 -11.55
N PRO A 349 -26.31 -1.85 -12.52
CA PRO A 349 -27.46 -2.71 -12.87
C PRO A 349 -28.04 -3.51 -11.71
N VAL A 350 -29.38 -3.66 -11.70
CA VAL A 350 -30.08 -4.30 -10.58
C VAL A 350 -30.01 -5.81 -10.84
N ARG A 351 -28.86 -6.41 -10.56
CA ARG A 351 -28.52 -7.76 -10.91
C ARG A 351 -27.90 -8.56 -9.78
N LEU A 352 -28.35 -9.83 -9.61
CA LEU A 352 -27.76 -10.79 -8.65
C LEU A 352 -26.83 -11.71 -9.43
N ARG A 353 -25.63 -12.05 -8.86
CA ARG A 353 -24.67 -12.94 -9.55
C ARG A 353 -25.17 -14.39 -9.55
N MET B 21 5.71 -18.89 -18.36
CA MET B 21 5.82 -17.83 -17.36
C MET B 21 4.48 -17.50 -16.63
N LYS B 22 4.31 -18.04 -15.40
CA LYS B 22 3.08 -17.91 -14.58
C LYS B 22 2.61 -16.44 -14.33
N ASP B 23 3.55 -15.46 -14.32
CA ASP B 23 3.20 -14.02 -14.21
C ASP B 23 2.65 -13.45 -15.52
N TYR B 24 2.89 -14.12 -16.66
CA TYR B 24 2.54 -13.62 -17.99
C TYR B 24 1.45 -14.44 -18.72
N ASP B 25 1.06 -15.61 -18.17
CA ASP B 25 0.05 -16.50 -18.76
C ASP B 25 -1.27 -15.80 -19.13
N GLU B 26 -1.92 -15.12 -18.16
CA GLU B 26 -3.20 -14.43 -18.42
C GLU B 26 -3.07 -13.28 -19.43
N LEU B 27 -2.06 -12.43 -19.30
CA LEU B 27 -2.01 -11.29 -20.24
CA LEU B 27 -1.86 -11.29 -20.19
C LEU B 27 -1.76 -11.71 -21.66
N LEU B 28 -1.00 -12.79 -21.90
CA LEU B 28 -0.72 -13.29 -23.25
C LEU B 28 -1.91 -13.98 -23.93
N LYS B 29 -3.00 -14.25 -23.20
CA LYS B 29 -4.27 -14.67 -23.81
C LYS B 29 -4.90 -13.48 -24.58
N TYR B 30 -4.58 -12.24 -24.17
CA TYR B 30 -5.27 -11.05 -24.66
C TYR B 30 -4.40 -10.14 -25.51
N TYR B 31 -3.08 -10.15 -25.25
CA TYR B 31 -2.15 -9.20 -25.86
C TYR B 31 -0.98 -9.93 -26.49
N GLU B 32 -0.58 -9.46 -27.69
CA GLU B 32 0.66 -9.91 -28.35
C GLU B 32 1.70 -8.84 -28.03
N LEU B 33 2.78 -9.24 -27.38
CA LEU B 33 3.82 -8.33 -26.89
C LEU B 33 4.74 -7.91 -28.06
N HIS B 34 5.05 -6.61 -28.13
CA HIS B 34 5.99 -6.03 -29.09
C HIS B 34 7.21 -5.53 -28.30
N GLU B 35 7.89 -4.46 -28.78
CA GLU B 35 9.17 -4.07 -28.19
C GLU B 35 8.98 -3.50 -26.79
N THR B 36 9.95 -3.75 -25.87
CA THR B 36 10.05 -3.02 -24.59
C THR B 36 10.43 -1.61 -24.96
N ILE B 37 9.74 -0.64 -24.38
CA ILE B 37 10.18 0.75 -24.50
C ILE B 37 11.37 0.90 -23.57
N GLY B 38 11.20 0.47 -22.33
CA GLY B 38 12.29 0.37 -21.38
C GLY B 38 11.84 0.08 -19.97
N THR B 39 12.81 0.20 -19.05
CA THR B 39 12.57 0.08 -17.61
C THR B 39 13.12 1.30 -16.87
N GLY B 40 12.29 1.85 -15.99
CA GLY B 40 12.65 3.00 -15.17
C GLY B 40 13.15 2.65 -13.80
N GLY B 41 12.24 2.33 -12.88
CA GLY B 41 12.61 2.11 -11.49
C GLY B 41 11.70 1.21 -10.67
N PHE B 42 10.86 0.42 -11.35
CA PHE B 42 9.89 -0.64 -10.93
C PHE B 42 8.85 -0.81 -12.04
N ALA B 43 8.78 0.17 -12.98
CA ALA B 43 7.81 0.05 -14.06
C ALA B 43 8.55 -0.18 -15.36
N LYS B 44 8.20 -1.25 -16.01
CA LYS B 44 8.65 -1.51 -17.37
C LYS B 44 7.46 -1.18 -18.26
N VAL B 45 7.72 -0.52 -19.40
CA VAL B 45 6.64 -0.32 -20.35
C VAL B 45 6.94 -1.16 -21.60
N LYS B 46 5.94 -1.97 -22.01
CA LYS B 46 6.02 -2.79 -23.21
C LYS B 46 4.90 -2.46 -24.11
N LEU B 47 5.21 -2.25 -25.38
CA LEU B 47 4.23 -2.05 -26.42
C LEU B 47 3.59 -3.38 -26.69
N ALA B 48 2.27 -3.38 -26.95
CA ALA B 48 1.55 -4.60 -27.26
C ALA B 48 0.41 -4.32 -28.20
N CYS B 49 -0.11 -5.40 -28.79
CA CYS B 49 -1.27 -5.36 -29.62
C CYS B 49 -2.40 -6.10 -28.90
N HIS B 50 -3.55 -5.44 -28.76
CA HIS B 50 -4.76 -6.11 -28.27
C HIS B 50 -5.24 -7.05 -29.36
N ILE B 51 -5.28 -8.36 -29.08
CA ILE B 51 -5.57 -9.37 -30.13
C ILE B 51 -6.97 -9.18 -30.76
N LEU B 52 -8.05 -9.08 -29.93
CA LEU B 52 -9.41 -9.00 -30.49
C LEU B 52 -9.63 -7.80 -31.45
N THR B 53 -9.00 -6.64 -31.17
CA THR B 53 -9.21 -5.43 -31.95
C THR B 53 -8.10 -5.11 -32.97
N GLY B 54 -6.88 -5.59 -32.74
CA GLY B 54 -5.72 -5.15 -33.50
C GLY B 54 -5.05 -3.86 -33.03
N GLU B 55 -5.69 -3.09 -32.12
CA GLU B 55 -5.17 -1.78 -31.63
C GLU B 55 -3.91 -1.91 -30.77
N MET B 56 -2.91 -1.02 -30.97
CA MET B 56 -1.68 -0.86 -30.15
C MET B 56 -2.01 -0.26 -28.80
N VAL B 57 -1.39 -0.80 -27.77
CA VAL B 57 -1.50 -0.31 -26.38
C VAL B 57 -0.09 -0.21 -25.79
N ALA B 58 0.04 0.52 -24.68
CA ALA B 58 1.21 0.47 -23.84
C ALA B 58 0.84 -0.28 -22.57
N ILE B 59 1.67 -1.27 -22.19
CA ILE B 59 1.45 -2.00 -20.94
C ILE B 59 2.52 -1.65 -19.92
N LYS B 60 2.07 -1.09 -18.80
CA LYS B 60 2.92 -0.79 -17.66
C LYS B 60 2.92 -2.02 -16.78
N ILE B 61 4.11 -2.63 -16.61
CA ILE B 61 4.35 -3.83 -15.80
C ILE B 61 5.05 -3.44 -14.51
N MET B 62 4.47 -3.78 -13.36
CA MET B 62 5.00 -3.41 -12.05
C MET B 62 5.31 -4.58 -11.14
N ASP B 63 6.59 -4.75 -10.76
CA ASP B 63 6.98 -5.82 -9.86
C ASP B 63 6.65 -5.42 -8.41
N LYS B 64 5.74 -6.18 -7.76
CA LYS B 64 5.21 -5.92 -6.42
C LYS B 64 6.25 -5.98 -5.31
N ASN B 65 7.29 -6.83 -5.48
CA ASN B 65 8.33 -7.03 -4.49
C ASN B 65 9.47 -5.98 -4.60
N THR B 66 9.34 -5.01 -5.54
CA THR B 66 10.25 -3.86 -5.67
C THR B 66 9.42 -2.55 -5.86
N LEU B 67 8.08 -2.62 -5.66
CA LEU B 67 7.16 -1.49 -5.73
C LEU B 67 7.26 -0.59 -4.49
N GLY B 68 7.44 -1.22 -3.32
CA GLY B 68 7.63 -0.58 -2.02
C GLY B 68 6.51 0.34 -1.56
N SER B 69 6.87 1.63 -1.30
CA SER B 69 5.97 2.71 -0.84
C SER B 69 5.25 3.41 -2.02
N ASP B 70 5.55 2.98 -3.26
CA ASP B 70 4.74 3.36 -4.41
C ASP B 70 3.50 2.47 -4.57
N LEU B 71 3.38 1.33 -3.84
CA LEU B 71 2.14 0.52 -3.90
C LEU B 71 0.84 1.37 -3.64
N PRO B 72 0.66 2.13 -2.51
CA PRO B 72 -0.55 2.98 -2.38
C PRO B 72 -0.72 4.00 -3.49
N ARG B 73 0.39 4.53 -4.03
CA ARG B 73 0.41 5.44 -5.18
C ARG B 73 -0.22 4.74 -6.42
N ILE B 74 0.11 3.47 -6.63
CA ILE B 74 -0.40 2.67 -7.74
C ILE B 74 -1.93 2.45 -7.60
N LYS B 75 -2.43 2.11 -6.41
CA LYS B 75 -3.86 1.93 -6.16
C LYS B 75 -4.63 3.25 -6.31
N THR B 76 -4.06 4.37 -5.78
CA THR B 76 -4.62 5.73 -5.93
C THR B 76 -4.79 6.05 -7.42
N GLU B 77 -3.74 5.84 -8.22
CA GLU B 77 -3.81 6.07 -9.67
C GLU B 77 -4.91 5.24 -10.34
N ILE B 78 -4.95 3.94 -10.05
CA ILE B 78 -5.92 3.00 -10.60
C ILE B 78 -7.35 3.41 -10.24
N GLU B 79 -7.62 3.68 -8.98
CA GLU B 79 -8.96 4.06 -8.58
C GLU B 79 -9.43 5.36 -9.27
N ALA B 80 -8.51 6.37 -9.43
CA ALA B 80 -8.81 7.61 -10.19
C ALA B 80 -9.10 7.33 -11.66
N LEU B 81 -8.24 6.55 -12.35
CA LEU B 81 -8.38 6.27 -13.78
C LEU B 81 -9.62 5.46 -14.12
N LYS B 82 -10.08 4.60 -13.16
CA LYS B 82 -11.34 3.87 -13.34
C LYS B 82 -12.52 4.81 -13.43
N ASN B 83 -12.46 5.96 -12.75
CA ASN B 83 -13.51 6.95 -12.66
C ASN B 83 -13.37 8.10 -13.63
N LEU B 84 -12.24 8.20 -14.34
CA LEU B 84 -11.96 9.32 -15.22
C LEU B 84 -11.85 8.83 -16.63
N ARG B 85 -12.57 9.50 -17.56
CA ARG B 85 -12.58 9.17 -18.96
C ARG B 85 -12.69 10.41 -19.80
N HIS B 86 -11.65 10.71 -20.60
CA HIS B 86 -11.55 11.98 -21.35
C HIS B 86 -10.54 11.89 -22.47
N GLN B 87 -10.80 12.62 -23.55
CA GLN B 87 -9.94 12.76 -24.72
C GLN B 87 -8.51 13.28 -24.40
N HIS B 88 -8.31 13.98 -23.25
CA HIS B 88 -6.99 14.48 -22.90
C HIS B 88 -6.42 13.82 -21.63
N ILE B 89 -6.95 12.65 -21.28
CA ILE B 89 -6.43 11.81 -20.19
C ILE B 89 -6.01 10.47 -20.80
N CYS B 90 -4.74 10.06 -20.60
CA CYS B 90 -4.32 8.73 -21.03
C CYS B 90 -5.25 7.64 -20.46
N GLN B 91 -5.98 6.93 -21.36
CA GLN B 91 -7.01 5.95 -20.97
C GLN B 91 -6.46 4.67 -20.36
N LEU B 92 -7.01 4.30 -19.20
CA LEU B 92 -6.86 2.93 -18.66
C LEU B 92 -7.83 1.95 -19.31
N TYR B 93 -7.31 0.85 -19.93
CA TYR B 93 -8.16 -0.17 -20.54
C TYR B 93 -8.41 -1.39 -19.67
N HIS B 94 -7.42 -1.78 -18.86
CA HIS B 94 -7.37 -3.13 -18.31
C HIS B 94 -6.36 -3.13 -17.16
N VAL B 95 -6.75 -3.73 -16.04
CA VAL B 95 -5.90 -3.98 -14.87
C VAL B 95 -5.90 -5.49 -14.65
N LEU B 96 -4.70 -6.07 -14.59
CA LEU B 96 -4.46 -7.49 -14.30
C LEU B 96 -3.49 -7.58 -13.13
N GLU B 97 -3.64 -8.60 -12.28
CA GLU B 97 -2.76 -8.75 -11.13
C GLU B 97 -2.38 -10.22 -10.95
N THR B 98 -1.08 -10.50 -10.72
CA THR B 98 -0.60 -11.86 -10.38
C THR B 98 0.01 -11.82 -8.96
N ALA B 99 0.69 -12.90 -8.53
CA ALA B 99 1.44 -12.89 -7.27
C ALA B 99 2.43 -11.73 -7.24
N ASN B 100 3.21 -11.61 -8.32
CA ASN B 100 4.37 -10.73 -8.39
C ASN B 100 4.14 -9.44 -9.15
N LYS B 101 3.06 -9.33 -9.95
CA LYS B 101 2.90 -8.20 -10.88
C LYS B 101 1.56 -7.48 -10.79
N ILE B 102 1.56 -6.16 -11.08
CA ILE B 102 0.35 -5.41 -11.44
C ILE B 102 0.58 -4.95 -12.87
N PHE B 103 -0.38 -5.23 -13.76
CA PHE B 103 -0.34 -4.77 -15.16
C PHE B 103 -1.40 -3.69 -15.35
N MET B 104 -1.02 -2.56 -15.96
CA MET B 104 -1.96 -1.50 -16.37
C MET B 104 -1.85 -1.35 -17.88
N VAL B 105 -2.94 -1.67 -18.57
CA VAL B 105 -2.99 -1.51 -20.02
C VAL B 105 -3.49 -0.11 -20.32
N LEU B 106 -2.66 0.67 -21.05
CA LEU B 106 -2.87 2.11 -21.21
C LEU B 106 -2.85 2.53 -22.66
N GLU B 107 -3.43 3.71 -22.93
CA GLU B 107 -3.48 4.36 -24.25
C GLU B 107 -2.08 4.56 -24.78
N TYR B 108 -1.86 4.19 -26.03
CA TYR B 108 -0.61 4.32 -26.75
C TYR B 108 -0.22 5.80 -26.98
N CYS B 109 0.94 6.24 -26.42
CA CYS B 109 1.45 7.62 -26.51
C CYS B 109 2.86 7.69 -27.06
N PRO B 110 3.05 7.50 -28.39
CA PRO B 110 4.40 7.48 -28.94
C PRO B 110 5.09 8.84 -29.10
N GLY B 111 4.39 9.96 -28.81
CA GLY B 111 4.89 11.31 -29.10
C GLY B 111 5.80 11.91 -28.07
N GLY B 112 6.03 11.19 -27.00
CA GLY B 112 6.94 11.66 -25.96
C GLY B 112 6.28 12.64 -25.01
N GLU B 113 7.06 13.18 -24.05
CA GLU B 113 6.60 14.06 -22.99
C GLU B 113 6.56 15.50 -23.49
N LEU B 114 5.65 16.30 -22.95
CA LEU B 114 5.70 17.73 -23.18
C LEU B 114 7.08 18.30 -22.72
N PHE B 115 7.66 17.73 -21.63
CA PHE B 115 9.02 18.06 -21.16
C PHE B 115 10.07 18.00 -22.28
N ASP B 116 10.09 16.89 -23.05
CA ASP B 116 11.03 16.68 -24.17
C ASP B 116 10.86 17.72 -25.25
N TYR B 117 9.61 18.03 -25.49
CA TYR B 117 9.19 18.99 -26.50
C TYR B 117 9.73 20.40 -26.16
N ILE B 118 9.67 20.78 -24.89
CA ILE B 118 10.16 22.03 -24.29
C ILE B 118 11.69 22.15 -24.35
N ILE B 119 12.40 21.12 -23.88
CA ILE B 119 13.85 21.20 -23.77
C ILE B 119 14.55 21.15 -25.13
N SER B 120 13.89 20.58 -26.16
CA SER B 120 14.48 20.39 -27.50
C SER B 120 14.43 21.69 -28.32
N GLN B 121 13.82 22.73 -27.75
CA GLN B 121 13.39 23.91 -28.47
C GLN B 121 13.66 25.21 -27.70
N ASP B 122 13.68 26.35 -28.44
CA ASP B 122 13.55 27.69 -27.87
C ASP B 122 12.16 27.81 -27.24
N ARG B 123 11.92 28.87 -26.45
CA ARG B 123 10.59 29.16 -25.96
C ARG B 123 9.53 29.04 -27.09
N LEU B 124 8.32 28.57 -26.74
CA LEU B 124 7.23 28.49 -27.73
C LEU B 124 6.61 29.87 -27.91
N SER B 125 6.16 30.17 -29.13
CA SER B 125 5.41 31.40 -29.39
C SER B 125 4.13 31.43 -28.51
N GLU B 126 3.55 32.62 -28.28
CA GLU B 126 2.24 32.71 -27.63
C GLU B 126 1.18 31.82 -28.33
N GLU B 127 1.16 31.84 -29.66
CA GLU B 127 0.20 31.11 -30.48
C GLU B 127 0.37 29.60 -30.30
N GLU B 128 1.61 29.09 -30.33
CA GLU B 128 1.85 27.65 -30.15
C GLU B 128 1.51 27.19 -28.73
N THR B 129 1.90 28.01 -27.72
CA THR B 129 1.61 27.75 -26.30
C THR B 129 0.08 27.59 -26.18
N ARG B 130 -0.73 28.48 -26.83
CA ARG B 130 -2.20 28.40 -26.73
C ARG B 130 -2.74 27.04 -27.23
N VAL B 131 -2.22 26.54 -28.34
CA VAL B 131 -2.68 25.26 -28.93
C VAL B 131 -2.55 24.15 -27.85
N VAL B 132 -1.35 24.08 -27.24
CA VAL B 132 -1.00 23.07 -26.22
C VAL B 132 -1.82 23.36 -24.91
N PHE B 133 -1.87 24.63 -24.51
CA PHE B 133 -2.46 25.04 -23.20
C PHE B 133 -3.95 24.77 -23.10
N ARG B 134 -4.68 25.06 -24.15
CA ARG B 134 -6.12 24.74 -24.28
C ARG B 134 -6.41 23.24 -24.07
N GLN B 135 -5.52 22.34 -24.50
CA GLN B 135 -5.65 20.88 -24.23
C GLN B 135 -5.43 20.56 -22.73
N ILE B 136 -4.43 21.19 -22.10
CA ILE B 136 -4.16 21.06 -20.67
C ILE B 136 -5.39 21.54 -19.88
N VAL B 137 -5.94 22.71 -20.25
CA VAL B 137 -7.11 23.31 -19.56
C VAL B 137 -8.31 22.35 -19.65
N SER B 138 -8.54 21.79 -20.85
CA SER B 138 -9.60 20.82 -21.11
C SER B 138 -9.55 19.61 -20.13
N ALA B 139 -8.38 18.94 -20.04
CA ALA B 139 -8.18 17.78 -19.18
C ALA B 139 -8.47 18.14 -17.69
N VAL B 140 -7.84 19.23 -17.20
CA VAL B 140 -7.88 19.63 -15.79
C VAL B 140 -9.27 20.10 -15.41
N ALA B 141 -9.95 20.85 -16.30
CA ALA B 141 -11.33 21.25 -16.00
C ALA B 141 -12.22 19.99 -15.82
N TYR B 142 -11.99 18.94 -16.62
CA TYR B 142 -12.74 17.72 -16.49
C TYR B 142 -12.38 16.99 -15.17
N VAL B 143 -11.09 16.81 -14.88
CA VAL B 143 -10.63 16.25 -13.58
C VAL B 143 -11.40 16.91 -12.39
N HIS B 144 -11.43 18.28 -12.37
CA HIS B 144 -12.12 19.05 -11.33
C HIS B 144 -13.60 18.83 -11.32
N SER B 145 -14.23 18.71 -12.49
CA SER B 145 -15.67 18.45 -12.56
C SER B 145 -16.08 17.09 -11.89
N GLN B 146 -15.12 16.15 -11.83
CA GLN B 146 -15.29 14.81 -11.25
C GLN B 146 -14.88 14.74 -9.77
N GLY B 147 -14.59 15.89 -9.17
CA GLY B 147 -14.27 16.05 -7.76
C GLY B 147 -12.83 15.73 -7.41
N TYR B 148 -11.96 15.59 -8.43
CA TYR B 148 -10.52 15.35 -8.23
C TYR B 148 -9.68 16.61 -8.37
N ALA B 149 -8.52 16.63 -7.69
CA ALA B 149 -7.38 17.50 -7.93
C ALA B 149 -6.22 16.60 -8.37
N HIS B 150 -5.51 16.93 -9.48
CA HIS B 150 -4.38 16.09 -9.95
C HIS B 150 -3.16 16.17 -9.00
N ARG B 151 -2.77 17.41 -8.64
CA ARG B 151 -1.72 17.77 -7.66
C ARG B 151 -0.27 17.54 -8.14
N ASP B 152 -0.07 16.96 -9.33
CA ASP B 152 1.30 16.82 -9.84
C ASP B 152 1.44 17.27 -11.30
N LEU B 153 0.82 18.42 -11.63
CA LEU B 153 0.83 18.89 -13.02
C LEU B 153 2.18 19.45 -13.30
N LYS B 154 2.83 18.93 -14.34
CA LYS B 154 4.18 19.26 -14.76
C LYS B 154 4.38 18.71 -16.16
N PRO B 155 5.38 19.18 -16.93
CA PRO B 155 5.45 18.74 -18.34
C PRO B 155 5.84 17.27 -18.57
N GLU B 156 6.52 16.61 -17.61
CA GLU B 156 6.77 15.17 -17.70
C GLU B 156 5.47 14.37 -17.60
N ASN B 157 4.39 14.99 -17.06
CA ASN B 157 3.12 14.27 -16.85
C ASN B 157 2.08 14.50 -17.95
N LEU B 158 2.53 15.02 -19.08
CA LEU B 158 1.70 15.25 -20.25
C LEU B 158 2.40 14.59 -21.43
N LEU B 159 1.74 13.56 -22.05
CA LEU B 159 2.32 12.85 -23.20
CA LEU B 159 2.32 12.87 -23.20
C LEU B 159 1.58 13.20 -24.51
N PHE B 160 2.29 13.14 -25.66
CA PHE B 160 1.65 13.27 -26.96
C PHE B 160 1.27 11.89 -27.51
N ASP B 161 0.04 11.75 -28.03
CA ASP B 161 -0.38 10.50 -28.67
C ASP B 161 0.10 10.52 -30.14
N GLU B 162 -0.31 9.56 -30.97
CA GLU B 162 0.02 9.46 -32.38
C GLU B 162 -0.52 10.65 -33.20
N TYR B 163 -1.55 11.33 -32.69
CA TYR B 163 -2.20 12.40 -33.43
C TYR B 163 -1.77 13.77 -32.84
N HIS B 164 -0.63 13.78 -32.08
CA HIS B 164 0.01 14.96 -31.45
C HIS B 164 -0.94 15.64 -30.48
N LYS B 165 -1.89 14.88 -29.89
CA LYS B 165 -2.81 15.40 -28.87
C LYS B 165 -2.30 15.08 -27.48
N LEU B 166 -2.40 16.04 -26.52
CA LEU B 166 -1.90 15.81 -25.17
C LEU B 166 -2.77 14.87 -24.34
N LYS B 167 -2.12 14.08 -23.52
CA LYS B 167 -2.72 13.06 -22.64
C LYS B 167 -2.05 13.19 -21.25
N LEU B 168 -2.87 13.51 -20.25
CA LEU B 168 -2.48 13.63 -18.84
C LEU B 168 -2.28 12.24 -18.20
N ILE B 169 -1.17 12.04 -17.52
CA ILE B 169 -0.82 10.76 -16.86
C ILE B 169 -0.54 11.03 -15.38
N ASP B 170 -0.20 9.96 -14.64
CA ASP B 170 0.36 9.98 -13.28
C ASP B 170 -0.56 10.64 -12.25
N PHE B 171 -1.62 9.95 -11.96
CA PHE B 171 -2.67 10.31 -11.00
C PHE B 171 -2.34 9.72 -9.59
N GLY B 172 -1.08 9.37 -9.35
CA GLY B 172 -0.66 8.71 -8.10
C GLY B 172 -0.73 9.60 -6.87
N LEU B 173 -0.72 10.94 -7.07
CA LEU B 173 -0.81 11.93 -5.98
C LEU B 173 -2.18 12.65 -5.92
N CYS B 174 -3.11 12.24 -6.76
CA CYS B 174 -4.42 12.91 -6.87
C CYS B 174 -5.26 12.74 -5.60
N ALA B 175 -6.20 13.66 -5.38
CA ALA B 175 -7.09 13.62 -4.20
C ALA B 175 -8.47 14.16 -4.54
N LYS B 176 -9.45 13.95 -3.63
CA LYS B 176 -10.83 14.44 -3.71
C LYS B 176 -10.94 15.48 -2.58
N PRO B 177 -10.82 16.77 -2.94
CA PRO B 177 -10.86 17.84 -1.93
C PRO B 177 -12.12 17.84 -1.09
N LYS B 178 -13.26 17.32 -1.63
CA LYS B 178 -14.46 17.32 -0.80
C LYS B 178 -14.91 15.89 -0.43
N GLY B 179 -14.01 14.92 -0.56
CA GLY B 179 -14.29 13.53 -0.23
C GLY B 179 -13.54 13.01 0.99
N ASN B 180 -13.50 11.68 1.15
CA ASN B 180 -12.67 11.04 2.20
C ASN B 180 -11.18 11.31 2.00
N LYS B 181 -10.47 11.56 3.11
CA LYS B 181 -9.03 11.80 3.13
C LYS B 181 -8.23 10.47 3.13
N ASP B 182 -6.90 10.53 2.82
CA ASP B 182 -5.98 9.40 2.79
C ASP B 182 -4.56 9.84 3.21
N CYS B 189 4.68 14.67 -2.52
CA CYS B 189 4.20 16.04 -2.69
C CYS B 189 4.04 16.46 -4.17
N GLY B 190 5.00 16.06 -5.01
CA GLY B 190 5.10 16.53 -6.39
C GLY B 190 6.10 17.65 -6.50
N ALA B 191 6.61 17.90 -7.73
CA ALA B 191 7.75 18.77 -7.99
C ALA B 191 7.57 20.11 -7.29
N LEU B 192 8.58 20.54 -6.52
CA LEU B 192 8.48 21.77 -5.76
C LEU B 192 8.24 23.00 -6.67
N ALA B 193 8.95 23.08 -7.79
CA ALA B 193 8.82 24.21 -8.72
C ALA B 193 7.36 24.43 -9.28
N TYR B 194 6.53 23.36 -9.29
CA TYR B 194 5.12 23.42 -9.74
C TYR B 194 4.10 23.50 -8.60
N ALA B 195 4.56 23.38 -7.35
CA ALA B 195 3.69 23.33 -6.17
C ALA B 195 3.19 24.70 -5.71
N ALA B 196 1.88 24.80 -5.47
CA ALA B 196 1.24 26.01 -4.99
C ALA B 196 1.70 26.37 -3.60
N PRO B 197 1.80 27.70 -3.28
CA PRO B 197 2.16 28.11 -1.90
C PRO B 197 1.40 27.37 -0.78
N GLU B 198 0.07 27.25 -0.90
CA GLU B 198 -0.80 26.65 0.10
C GLU B 198 -0.56 25.12 0.25
N LEU B 199 -0.08 24.42 -0.82
CA LEU B 199 0.30 22.99 -0.71
C LEU B 199 1.62 22.84 0.03
N ILE B 200 2.60 23.68 -0.33
CA ILE B 200 3.88 23.68 0.37
C ILE B 200 3.65 23.80 1.88
N GLN B 201 2.88 24.83 2.31
CA GLN B 201 2.53 25.04 3.72
C GLN B 201 1.50 23.99 4.23
N GLY B 202 1.03 24.13 5.45
CA GLY B 202 0.00 23.24 5.99
C GLY B 202 -1.36 23.43 5.34
N GLY B 207 -8.03 21.29 -1.65
CA GLY B 207 -8.32 22.32 -2.64
C GLY B 207 -7.86 21.95 -4.03
N SER B 208 -8.47 22.58 -5.04
CA SER B 208 -8.18 22.29 -6.45
C SER B 208 -7.67 23.54 -7.16
N GLU B 209 -7.70 24.68 -6.43
CA GLU B 209 -7.07 25.96 -6.78
C GLU B 209 -5.58 25.77 -6.99
N ALA B 210 -4.98 24.78 -6.27
CA ALA B 210 -3.55 24.44 -6.44
C ALA B 210 -3.19 24.02 -7.84
N ASP B 211 -4.07 23.26 -8.51
CA ASP B 211 -3.88 22.86 -9.91
C ASP B 211 -3.84 24.07 -10.87
N VAL B 212 -4.65 25.11 -10.62
CA VAL B 212 -4.68 26.36 -11.41
C VAL B 212 -3.31 27.07 -11.31
N TRP B 213 -2.73 27.14 -10.09
CA TRP B 213 -1.37 27.64 -9.91
C TRP B 213 -0.37 26.81 -10.76
N SER B 214 -0.41 25.46 -10.64
CA SER B 214 0.50 24.62 -11.48
C SER B 214 0.37 24.86 -12.99
N MET B 215 -0.85 25.12 -13.46
CA MET B 215 -1.12 25.44 -14.85
C MET B 215 -0.53 26.78 -15.24
N GLY B 216 -0.52 27.72 -14.29
CA GLY B 216 0.17 28.99 -14.40
C GLY B 216 1.66 28.83 -14.58
N ILE B 217 2.27 27.87 -13.85
CA ILE B 217 3.72 27.62 -13.96
C ILE B 217 3.99 27.06 -15.34
N LEU B 218 3.16 26.09 -15.75
CA LEU B 218 3.26 25.47 -17.07
C LEU B 218 3.16 26.52 -18.22
N LEU B 219 2.19 27.45 -18.12
CA LEU B 219 1.98 28.57 -19.04
C LEU B 219 3.25 29.42 -19.15
N TYR B 220 3.83 29.82 -18.02
CA TYR B 220 5.08 30.58 -17.98
C TYR B 220 6.22 29.80 -18.68
N VAL B 221 6.43 28.52 -18.31
CA VAL B 221 7.62 27.76 -18.85
C VAL B 221 7.50 27.61 -20.35
N LEU B 222 6.26 27.31 -20.84
CA LEU B 222 6.00 27.20 -22.29
C LEU B 222 6.40 28.43 -23.05
N MET B 223 6.00 29.62 -22.57
CA MET B 223 6.31 30.88 -23.27
C MET B 223 7.70 31.48 -22.97
N CYS B 224 8.38 31.02 -21.91
CA CYS B 224 9.65 31.62 -21.46
C CYS B 224 10.86 30.72 -21.65
N GLY B 225 10.66 29.41 -21.51
CA GLY B 225 11.74 28.45 -21.61
C GLY B 225 12.57 28.31 -20.33
N PHE B 226 12.05 28.85 -19.22
CA PHE B 226 12.60 28.73 -17.87
C PHE B 226 11.45 28.90 -16.87
N LEU B 227 11.66 28.44 -15.63
CA LEU B 227 10.65 28.48 -14.58
C LEU B 227 10.45 29.87 -14.00
N PRO B 228 9.23 30.25 -13.56
CA PRO B 228 9.10 31.60 -12.90
C PRO B 228 9.78 31.67 -11.54
N PHE B 229 9.84 30.50 -10.83
CA PHE B 229 10.53 30.37 -9.55
C PHE B 229 11.52 29.20 -9.66
N ASP B 230 12.81 29.45 -9.51
CA ASP B 230 13.86 28.45 -9.59
C ASP B 230 15.02 28.82 -8.72
N ASP B 231 15.73 27.79 -8.18
CA ASP B 231 16.88 28.01 -7.32
C ASP B 231 17.74 26.74 -7.13
N ASP B 232 18.97 26.91 -6.64
CA ASP B 232 19.93 25.83 -6.38
C ASP B 232 19.63 25.04 -5.11
N THR B 233 18.83 25.61 -4.20
CA THR B 233 18.44 24.93 -2.97
C THR B 233 16.92 24.93 -2.84
N ALA B 234 16.36 23.89 -2.20
CA ALA B 234 14.93 23.73 -1.94
C ALA B 234 14.37 24.86 -1.02
N ALA B 235 15.10 25.24 0.03
CA ALA B 235 14.73 26.34 0.94
C ALA B 235 14.62 27.70 0.23
N ALA B 236 15.58 28.03 -0.67
CA ALA B 236 15.51 29.27 -1.44
C ALA B 236 14.36 29.25 -2.46
N LEU B 237 14.08 28.09 -3.11
CA LEU B 237 12.93 27.90 -4.01
C LEU B 237 11.57 28.12 -3.30
N VAL B 238 11.34 27.42 -2.20
CA VAL B 238 10.18 27.61 -1.32
C VAL B 238 9.93 29.08 -0.97
N ALA B 239 10.99 29.81 -0.52
CA ALA B 239 10.87 31.23 -0.14
C ALA B 239 10.38 32.05 -1.37
N LYS B 240 10.91 31.75 -2.58
CA LYS B 240 10.54 32.45 -3.81
C LYS B 240 9.05 32.21 -4.17
N ILE B 241 8.59 30.97 -4.04
CA ILE B 241 7.17 30.61 -4.30
C ILE B 241 6.23 31.34 -3.29
N MET B 242 6.55 31.28 -1.99
CA MET B 242 5.83 32.03 -0.94
C MET B 242 5.73 33.54 -1.17
N ARG B 243 6.81 34.20 -1.63
CA ARG B 243 6.77 35.64 -1.90
C ARG B 243 6.05 35.97 -3.23
N GLY B 244 6.14 35.06 -4.19
CA GLY B 244 5.34 35.06 -5.42
C GLY B 244 5.76 36.09 -6.44
N LYS B 245 6.99 36.57 -6.32
CA LYS B 245 7.59 37.55 -7.23
C LYS B 245 8.36 36.81 -8.31
N TYR B 246 8.10 37.16 -9.56
CA TYR B 246 8.77 36.54 -10.71
C TYR B 246 9.01 37.63 -11.79
N ASP B 247 9.93 37.34 -12.72
CA ASP B 247 10.24 38.25 -13.79
C ASP B 247 9.22 38.08 -14.89
N VAL B 248 8.97 39.17 -15.60
CA VAL B 248 8.14 39.19 -16.79
C VAL B 248 9.08 39.55 -17.97
N PRO B 249 9.55 38.55 -18.76
CA PRO B 249 10.33 38.90 -19.98
C PRO B 249 9.62 39.81 -20.97
N LYS B 250 10.42 40.61 -21.69
CA LYS B 250 10.01 41.65 -22.64
C LYS B 250 9.19 41.10 -23.84
N TRP B 251 9.37 39.82 -24.17
CA TRP B 251 8.67 39.18 -25.30
C TRP B 251 7.21 38.73 -24.99
N LEU B 252 6.83 38.68 -23.70
CA LEU B 252 5.46 38.35 -23.28
C LEU B 252 4.53 39.54 -23.63
N SER B 253 3.39 39.26 -24.30
CA SER B 253 2.36 40.23 -24.63
C SER B 253 1.64 40.71 -23.35
N PRO B 254 0.98 41.91 -23.35
CA PRO B 254 0.16 42.30 -22.19
C PRO B 254 -0.93 41.28 -21.82
N SER B 255 -1.63 40.69 -22.83
CA SER B 255 -2.60 39.61 -22.58
C SER B 255 -2.02 38.41 -21.80
N SER B 256 -0.85 37.89 -22.22
CA SER B 256 -0.14 36.83 -21.49
C SER B 256 0.20 37.22 -20.04
N ILE B 257 0.68 38.46 -19.85
CA ILE B 257 1.05 38.99 -18.53
C ILE B 257 -0.14 38.98 -17.61
N LEU B 258 -1.30 39.43 -18.13
CA LEU B 258 -2.54 39.51 -17.35
C LEU B 258 -3.02 38.13 -16.91
N LEU B 259 -3.07 37.18 -17.86
CA LEU B 259 -3.47 35.80 -17.53
C LEU B 259 -2.51 35.23 -16.49
N LEU B 260 -1.19 35.45 -16.66
CA LEU B 260 -0.20 34.97 -15.69
C LEU B 260 -0.45 35.52 -14.29
N GLN B 261 -0.77 36.83 -14.16
CA GLN B 261 -1.01 37.39 -12.83
C GLN B 261 -2.28 36.80 -12.15
N GLN B 262 -3.28 36.51 -12.95
CA GLN B 262 -4.51 35.89 -12.46
C GLN B 262 -4.34 34.44 -12.00
N MET B 263 -3.47 33.65 -12.66
CA MET B 263 -3.19 32.25 -12.29
C MET B 263 -2.13 32.17 -11.17
N LEU B 264 -1.13 33.07 -11.21
CA LEU B 264 -0.06 33.02 -10.22
C LEU B 264 -0.30 33.95 -9.02
N GLN B 265 -1.50 33.87 -8.44
CA GLN B 265 -1.83 34.58 -7.18
C GLN B 265 -1.44 33.68 -6.00
N VAL B 266 -0.64 34.19 -5.04
CA VAL B 266 -0.22 33.38 -3.89
C VAL B 266 -1.45 32.93 -3.06
N ASP B 267 -2.46 33.82 -2.95
CA ASP B 267 -3.68 33.57 -2.23
C ASP B 267 -4.65 32.79 -3.11
N PRO B 268 -4.94 31.50 -2.73
CA PRO B 268 -5.81 30.66 -3.59
C PRO B 268 -7.21 31.23 -3.79
N LYS B 269 -7.68 32.09 -2.87
CA LYS B 269 -8.98 32.75 -2.93
C LYS B 269 -9.02 33.88 -3.99
N LYS B 270 -7.86 34.46 -4.36
CA LYS B 270 -7.73 35.57 -5.31
C LYS B 270 -7.45 35.05 -6.75
N ARG B 271 -7.00 33.82 -6.84
CA ARG B 271 -6.59 33.13 -8.07
C ARG B 271 -7.78 32.89 -8.99
N ILE B 272 -7.58 33.05 -10.32
CA ILE B 272 -8.66 32.81 -11.30
C ILE B 272 -9.37 31.45 -11.06
N SER B 273 -10.71 31.45 -11.19
CA SER B 273 -11.49 30.21 -11.10
C SER B 273 -11.34 29.43 -12.44
N MET B 274 -11.59 28.11 -12.40
CA MET B 274 -11.67 27.29 -13.64
C MET B 274 -12.73 27.87 -14.60
N LYS B 275 -13.91 28.29 -14.05
CA LYS B 275 -14.98 28.90 -14.83
C LYS B 275 -14.51 30.12 -15.67
N ASN B 276 -13.79 31.06 -15.05
CA ASN B 276 -13.31 32.23 -15.78
C ASN B 276 -12.06 31.90 -16.66
N LEU B 277 -11.33 30.83 -16.33
CA LEU B 277 -10.25 30.38 -17.20
C LEU B 277 -10.77 29.90 -18.56
N LEU B 278 -11.90 29.16 -18.57
CA LEU B 278 -12.42 28.48 -19.78
C LEU B 278 -12.73 29.42 -20.92
N ASN B 279 -13.25 30.64 -20.61
CA ASN B 279 -13.53 31.65 -21.63
C ASN B 279 -12.69 32.92 -21.45
N HIS B 280 -11.48 32.80 -20.87
CA HIS B 280 -10.58 33.94 -20.68
C HIS B 280 -10.22 34.59 -22.05
N PRO B 281 -10.14 35.95 -22.16
CA PRO B 281 -9.74 36.56 -23.43
C PRO B 281 -8.44 36.01 -24.07
N TRP B 282 -7.41 35.70 -23.26
CA TRP B 282 -6.19 35.07 -23.80
C TRP B 282 -6.52 33.70 -24.39
N ILE B 283 -7.33 32.88 -23.68
CA ILE B 283 -7.69 31.51 -24.11
C ILE B 283 -8.42 31.51 -25.45
N MET B 284 -9.24 32.51 -25.64
CA MET B 284 -10.08 32.58 -26.81
C MET B 284 -9.49 33.29 -28.04
N GLN B 285 -8.33 33.94 -27.89
CA GLN B 285 -7.66 34.64 -29.00
C GLN B 285 -7.36 33.66 -30.17
N ASP B 286 -7.76 34.00 -31.43
CA ASP B 286 -7.58 33.13 -32.61
C ASP B 286 -8.44 31.82 -32.62
N TYR B 287 -9.26 31.59 -31.58
CA TYR B 287 -10.22 30.48 -31.56
C TYR B 287 -11.67 30.98 -31.56
N ASN B 288 -11.95 31.94 -30.69
CA ASN B 288 -13.23 32.66 -30.48
C ASN B 288 -14.38 31.71 -30.04
N TYR B 289 -14.01 30.60 -29.37
CA TYR B 289 -14.93 29.76 -28.61
C TYR B 289 -14.24 29.29 -27.32
N PRO B 290 -14.98 29.12 -26.19
CA PRO B 290 -14.31 28.70 -24.94
C PRO B 290 -13.77 27.28 -25.01
N VAL B 291 -12.90 26.93 -24.06
CA VAL B 291 -12.39 25.56 -23.97
C VAL B 291 -13.56 24.57 -23.78
N GLU B 292 -13.62 23.59 -24.65
CA GLU B 292 -14.57 22.48 -24.56
C GLU B 292 -13.94 21.36 -23.72
N TRP B 293 -14.33 21.28 -22.46
CA TRP B 293 -13.72 20.40 -21.45
C TRP B 293 -14.54 19.14 -21.23
N GLN B 294 -15.83 19.17 -21.63
CA GLN B 294 -16.70 18.02 -21.40
C GLN B 294 -16.11 16.81 -22.09
N SER B 295 -16.26 15.64 -21.47
CA SER B 295 -15.71 14.43 -22.06
C SER B 295 -16.52 14.03 -23.30
N LYS B 296 -15.81 13.56 -24.33
CA LYS B 296 -16.40 12.99 -25.53
C LYS B 296 -16.39 11.43 -25.42
N ASN B 297 -16.08 10.91 -24.20
CA ASN B 297 -15.76 9.49 -23.92
C ASN B 297 -16.60 8.95 -22.67
N PRO B 298 -17.86 8.42 -22.78
CA PRO B 298 -18.73 8.25 -21.58
C PRO B 298 -18.89 6.86 -20.89
N PHE B 299 -19.62 6.84 -19.73
CA PHE B 299 -19.86 5.71 -18.80
C PHE B 299 -21.31 5.18 -18.79
N ILE B 300 -22.26 6.01 -19.26
CA ILE B 300 -23.71 5.77 -19.21
C ILE B 300 -24.23 5.53 -20.62
N HIS B 301 -23.95 6.46 -21.56
CA HIS B 301 -24.24 6.20 -22.97
C HIS B 301 -23.22 5.23 -23.52
N LEU B 302 -23.69 4.02 -23.78
CA LEU B 302 -22.93 2.99 -24.45
C LEU B 302 -23.16 3.16 -25.93
N ASP B 303 -22.15 2.87 -26.74
CA ASP B 303 -22.22 2.97 -28.20
C ASP B 303 -22.82 1.69 -28.76
N ASP B 304 -24.02 1.79 -29.40
CA ASP B 304 -24.80 0.65 -29.94
C ASP B 304 -24.01 -0.23 -30.89
N ASP B 305 -23.23 0.38 -31.81
CA ASP B 305 -22.40 -0.36 -32.78
C ASP B 305 -21.41 -1.28 -32.07
N CYS B 306 -20.72 -0.76 -31.02
CA CYS B 306 -19.76 -1.52 -30.22
C CYS B 306 -20.46 -2.64 -29.41
N VAL B 307 -21.56 -2.31 -28.72
CA VAL B 307 -22.38 -3.29 -27.97
C VAL B 307 -22.86 -4.44 -28.87
N THR B 308 -23.43 -4.09 -30.04
CA THR B 308 -23.88 -5.08 -31.04
C THR B 308 -22.73 -5.99 -31.49
N GLU B 309 -21.58 -5.42 -31.87
CA GLU B 309 -20.40 -6.20 -32.27
C GLU B 309 -19.87 -7.11 -31.14
N LEU B 310 -19.84 -6.60 -29.87
CA LEU B 310 -19.48 -7.45 -28.71
C LEU B 310 -20.48 -8.61 -28.51
N SER B 311 -21.81 -8.32 -28.63
CA SER B 311 -22.90 -9.29 -28.59
C SER B 311 -22.78 -10.41 -29.63
N VAL B 312 -22.17 -10.14 -30.83
CA VAL B 312 -21.94 -11.23 -31.80
C VAL B 312 -20.71 -12.07 -31.42
N HIS B 313 -19.63 -11.45 -30.91
CA HIS B 313 -18.39 -12.15 -30.59
C HIS B 313 -18.54 -13.11 -29.43
N HIS B 314 -19.20 -12.67 -28.35
CA HIS B 314 -19.41 -13.49 -27.16
C HIS B 314 -20.69 -14.29 -27.22
N ARG B 315 -21.42 -14.16 -28.36
CA ARG B 315 -22.66 -14.84 -28.70
C ARG B 315 -23.68 -14.76 -27.55
N ASN B 316 -24.17 -13.53 -27.31
CA ASN B 316 -25.02 -13.16 -26.17
C ASN B 316 -26.04 -12.07 -26.58
N ASN B 317 -27.07 -11.83 -25.75
CA ASN B 317 -28.04 -10.77 -26.01
C ASN B 317 -27.56 -9.41 -25.46
N ARG B 318 -27.97 -8.34 -26.15
CA ARG B 318 -27.58 -6.94 -25.96
C ARG B 318 -27.79 -6.44 -24.51
N GLN B 319 -28.97 -6.69 -23.87
CA GLN B 319 -29.19 -6.16 -22.51
C GLN B 319 -28.26 -6.78 -21.45
N THR B 320 -27.85 -8.08 -21.60
CA THR B 320 -26.90 -8.70 -20.66
C THR B 320 -25.53 -8.15 -20.97
N MET B 321 -25.21 -8.01 -22.28
CA MET B 321 -23.99 -7.29 -22.71
C MET B 321 -23.90 -5.92 -22.12
N GLU B 322 -24.95 -5.08 -22.23
CA GLU B 322 -24.95 -3.73 -21.64
C GLU B 322 -24.73 -3.77 -20.12
N ASP B 323 -25.44 -4.66 -19.40
CA ASP B 323 -25.29 -4.85 -17.95
C ASP B 323 -23.86 -5.23 -17.56
N LEU B 324 -23.23 -6.11 -18.34
CA LEU B 324 -21.85 -6.55 -18.17
C LEU B 324 -20.87 -5.39 -18.41
N ILE B 325 -21.02 -4.65 -19.52
CA ILE B 325 -20.14 -3.50 -19.82
C ILE B 325 -20.26 -2.43 -18.71
N SER B 326 -21.48 -2.15 -18.25
CA SER B 326 -21.78 -1.10 -17.28
C SER B 326 -21.21 -1.34 -15.87
N LEU B 327 -20.75 -2.58 -15.58
CA LEU B 327 -20.00 -2.93 -14.35
C LEU B 327 -18.63 -2.26 -14.34
N TRP B 328 -18.07 -1.94 -15.55
CA TRP B 328 -16.77 -1.31 -15.72
C TRP B 328 -15.72 -1.93 -14.77
N GLN B 329 -15.43 -3.21 -14.95
CA GLN B 329 -14.51 -3.96 -14.10
C GLN B 329 -13.05 -3.77 -14.49
N TYR B 330 -12.77 -3.17 -15.68
CA TYR B 330 -11.40 -3.00 -16.23
C TYR B 330 -10.74 -4.37 -16.40
N ASP B 331 -11.56 -5.27 -16.90
CA ASP B 331 -11.15 -6.62 -17.28
C ASP B 331 -11.05 -6.58 -18.79
N HIS B 332 -10.93 -7.74 -19.43
CA HIS B 332 -10.78 -7.84 -20.87
C HIS B 332 -11.95 -7.23 -21.62
N LEU B 333 -13.19 -7.34 -21.08
CA LEU B 333 -14.40 -6.77 -21.66
C LEU B 333 -14.29 -5.26 -21.71
N THR B 334 -13.85 -4.59 -20.60
CA THR B 334 -13.67 -3.12 -20.61
C THR B 334 -12.74 -2.75 -21.77
N ALA B 335 -11.59 -3.50 -21.89
CA ALA B 335 -10.49 -3.20 -22.82
C ALA B 335 -11.03 -3.32 -24.22
N THR B 336 -11.73 -4.44 -24.49
CA THR B 336 -12.31 -4.72 -25.80
C THR B 336 -13.32 -3.64 -26.19
N TYR B 337 -14.23 -3.27 -25.26
CA TYR B 337 -15.20 -2.21 -25.54
C TYR B 337 -14.52 -0.88 -25.85
N LEU B 338 -13.55 -0.47 -25.00
CA LEU B 338 -12.92 0.83 -25.16
C LEU B 338 -12.01 0.91 -26.39
N LEU B 339 -11.27 -0.17 -26.69
CA LEU B 339 -10.43 -0.23 -27.89
C LEU B 339 -11.25 -0.38 -29.19
N LEU B 340 -12.47 -1.00 -29.16
CA LEU B 340 -13.43 -0.98 -30.29
C LEU B 340 -13.97 0.45 -30.53
N LEU B 341 -14.30 1.16 -29.44
CA LEU B 341 -14.78 2.54 -29.48
C LEU B 341 -13.68 3.45 -30.08
N ALA B 342 -12.39 3.19 -29.71
CA ALA B 342 -11.20 3.90 -30.24
C ALA B 342 -10.89 3.52 -31.70
N LYS B 343 -11.17 2.27 -32.09
CA LYS B 343 -11.13 1.78 -33.48
C LYS B 343 -12.23 2.42 -34.35
N LYS B 344 -13.41 2.70 -33.78
CA LYS B 344 -14.51 3.43 -34.43
C LYS B 344 -14.17 4.92 -34.60
N ALA B 345 -13.56 5.55 -33.59
CA ALA B 345 -13.09 6.95 -33.65
C ALA B 345 -12.01 7.16 -34.73
N ARG B 346 -11.19 6.12 -35.00
CA ARG B 346 -10.13 6.05 -36.01
C ARG B 346 -10.65 5.91 -37.45
N GLY B 347 -11.96 5.68 -37.61
CA GLY B 347 -12.60 5.46 -38.90
C GLY B 347 -12.55 4.03 -39.41
N LYS B 348 -11.92 3.12 -38.64
CA LYS B 348 -11.78 1.70 -38.98
C LYS B 348 -13.09 0.93 -38.76
N PRO B 349 -13.34 -0.22 -39.46
CA PRO B 349 -14.59 -0.97 -39.21
C PRO B 349 -14.74 -1.44 -37.75
N VAL B 350 -15.98 -1.42 -37.22
CA VAL B 350 -16.26 -1.77 -35.83
C VAL B 350 -16.35 -3.29 -35.78
N ARG B 351 -15.17 -3.94 -35.80
CA ARG B 351 -15.05 -5.40 -35.96
C ARG B 351 -14.07 -6.02 -34.97
N LEU B 352 -14.47 -7.15 -34.36
CA LEU B 352 -13.61 -7.96 -33.48
C LEU B 352 -13.14 -9.18 -34.28
N ARG B 353 -11.86 -9.58 -34.16
CA ARG B 353 -11.43 -10.85 -34.76
C ARG B 353 -11.67 -12.04 -33.80
N MET C 21 16.48 25.33 -16.84
CA MET C 21 16.00 24.78 -15.56
C MET C 21 17.21 24.43 -14.73
N LYS C 22 17.32 25.02 -13.51
CA LYS C 22 18.51 24.87 -12.66
C LYS C 22 18.96 23.38 -12.46
N ASP C 23 18.01 22.42 -12.33
CA ASP C 23 18.31 20.98 -12.17
C ASP C 23 18.99 20.35 -13.38
N TYR C 24 18.85 20.99 -14.56
CA TYR C 24 19.36 20.41 -15.80
C TYR C 24 20.51 21.21 -16.44
N ASP C 25 20.86 22.39 -15.87
CA ASP C 25 21.91 23.29 -16.40
C ASP C 25 23.28 22.60 -16.60
N GLU C 26 23.85 22.00 -15.55
CA GLU C 26 25.18 21.37 -15.67
C GLU C 26 25.17 20.16 -16.64
N LEU C 27 24.16 19.30 -16.52
CA LEU C 27 24.00 18.12 -17.38
C LEU C 27 24.02 18.47 -18.87
N LEU C 28 23.29 19.53 -19.24
CA LEU C 28 23.10 19.96 -20.62
C LEU C 28 24.31 20.63 -21.24
N LYS C 29 25.34 20.97 -20.45
CA LYS C 29 26.66 21.40 -20.96
C LYS C 29 27.37 20.20 -21.62
N TYR C 30 27.03 18.97 -21.20
CA TYR C 30 27.80 17.78 -21.55
C TYR C 30 27.02 16.81 -22.39
N TYR C 31 25.66 16.78 -22.24
CA TYR C 31 24.79 15.78 -22.85
C TYR C 31 23.60 16.43 -23.54
N GLU C 32 23.23 15.89 -24.70
CA GLU C 32 22.01 16.30 -25.41
C GLU C 32 21.01 15.18 -25.15
N LEU C 33 19.88 15.53 -24.56
CA LEU C 33 18.86 14.57 -24.11
C LEU C 33 18.00 14.08 -25.28
N HIS C 34 17.67 12.77 -25.29
CA HIS C 34 16.76 12.12 -26.23
C HIS C 34 15.55 11.55 -25.42
N GLU C 35 14.83 10.50 -25.94
CA GLU C 35 13.54 10.08 -25.32
C GLU C 35 13.70 9.41 -23.98
N THR C 36 12.63 9.44 -23.18
CA THR C 36 12.60 8.77 -21.88
C THR C 36 13.08 7.31 -21.98
N ILE C 37 12.26 6.29 -22.20
CA ILE C 37 12.67 4.86 -22.11
C ILE C 37 12.13 4.19 -20.81
N GLY C 38 12.23 4.80 -19.61
CA GLY C 38 11.43 4.31 -18.48
C GLY C 38 11.19 5.29 -17.33
N THR C 39 10.05 5.18 -16.63
CA THR C 39 9.80 5.99 -15.44
C THR C 39 9.14 5.10 -14.37
N GLY C 40 9.59 5.20 -13.12
CA GLY C 40 8.85 4.66 -11.98
C GLY C 40 9.17 5.44 -10.73
N GLY C 41 8.17 6.12 -10.17
CA GLY C 41 8.31 6.92 -8.94
C GLY C 41 9.47 7.90 -9.02
N PHE C 42 10.45 7.75 -8.09
CA PHE C 42 11.67 8.57 -8.00
C PHE C 42 12.58 8.50 -9.23
N ALA C 43 12.66 7.33 -9.91
CA ALA C 43 13.65 7.10 -11.00
C ALA C 43 13.10 7.27 -12.40
N LYS C 44 13.94 7.72 -13.33
CA LYS C 44 13.61 7.83 -14.75
C LYS C 44 14.90 7.55 -15.53
N VAL C 45 14.82 6.79 -16.61
CA VAL C 45 15.94 6.59 -17.53
C VAL C 45 15.69 7.34 -18.82
N LYS C 46 16.66 8.16 -19.27
CA LYS C 46 16.58 8.92 -20.53
C LYS C 46 17.78 8.63 -21.37
N LEU C 47 17.57 8.41 -22.67
CA LEU C 47 18.66 8.30 -23.67
C LEU C 47 19.28 9.66 -23.81
N ALA C 48 20.60 9.69 -24.04
CA ALA C 48 21.31 10.94 -24.33
C ALA C 48 22.54 10.73 -25.19
N CYS C 49 23.05 11.83 -25.74
CA CYS C 49 24.31 11.85 -26.48
C CYS C 49 25.33 12.65 -25.68
N HIS C 50 26.52 12.07 -25.43
CA HIS C 50 27.67 12.80 -24.85
C HIS C 50 28.25 13.69 -25.93
N ILE C 51 28.13 15.03 -25.80
CA ILE C 51 28.43 16.02 -26.88
C ILE C 51 29.88 15.91 -27.42
N LEU C 52 30.89 15.87 -26.51
CA LEU C 52 32.30 15.87 -26.90
C LEU C 52 32.75 14.63 -27.71
N THR C 53 32.17 13.45 -27.44
CA THR C 53 32.55 12.23 -28.21
C THR C 53 31.50 11.85 -29.26
N GLY C 54 30.28 12.36 -29.13
CA GLY C 54 29.16 11.92 -29.94
C GLY C 54 28.58 10.58 -29.52
N GLU C 55 29.12 9.96 -28.44
CA GLU C 55 28.68 8.64 -28.00
C GLU C 55 27.36 8.68 -27.24
N MET C 56 26.49 7.70 -27.55
CA MET C 56 25.20 7.52 -26.90
C MET C 56 25.40 6.95 -25.53
N VAL C 57 24.59 7.43 -24.58
CA VAL C 57 24.61 6.99 -23.19
C VAL C 57 23.15 6.77 -22.71
N ALA C 58 22.98 6.05 -21.62
CA ALA C 58 21.73 6.04 -20.86
C ALA C 58 21.95 6.90 -19.61
N ILE C 59 20.97 7.74 -19.25
CA ILE C 59 21.06 8.56 -18.04
C ILE C 59 19.92 8.21 -17.07
N LYS C 60 20.30 7.75 -15.90
CA LYS C 60 19.40 7.50 -14.80
C LYS C 60 19.23 8.78 -13.98
N ILE C 61 17.99 9.32 -13.90
CA ILE C 61 17.66 10.59 -13.24
C ILE C 61 16.84 10.26 -11.97
N MET C 62 17.35 10.61 -10.81
CA MET C 62 16.71 10.25 -9.55
C MET C 62 16.30 11.46 -8.81
N ASP C 63 15.03 11.56 -8.43
CA ASP C 63 14.59 12.70 -7.63
C ASP C 63 14.84 12.42 -6.14
N LYS C 64 15.60 13.31 -5.50
CA LYS C 64 16.00 13.16 -4.10
C LYS C 64 15.16 14.02 -3.16
N SER C 69 13.75 9.49 -0.35
CA SER C 69 13.24 8.48 -1.26
C SER C 69 13.86 7.12 -0.90
N ASP C 70 14.70 6.55 -1.78
CA ASP C 70 15.66 5.53 -1.35
C ASP C 70 17.05 5.86 -1.86
N LEU C 71 17.67 6.84 -1.18
CA LEU C 71 19.05 7.31 -1.34
C LEU C 71 20.09 6.27 -0.90
N PRO C 72 19.89 5.46 0.19
CA PRO C 72 20.86 4.40 0.47
C PRO C 72 21.11 3.41 -0.68
N ARG C 73 20.04 2.93 -1.35
CA ARG C 73 20.12 2.04 -2.52
C ARG C 73 20.97 2.67 -3.63
N ILE C 74 20.71 3.95 -3.91
CA ILE C 74 21.39 4.73 -4.93
C ILE C 74 22.88 4.90 -4.62
N LYS C 75 23.21 5.22 -3.36
CA LYS C 75 24.59 5.36 -2.88
C LYS C 75 25.34 4.03 -2.91
N THR C 76 24.68 2.90 -2.54
CA THR C 76 25.19 1.52 -2.66
C THR C 76 25.58 1.26 -4.12
N GLU C 77 24.67 1.50 -5.08
CA GLU C 77 24.94 1.22 -6.49
C GLU C 77 26.14 2.05 -6.99
N ILE C 78 26.14 3.35 -6.68
CA ILE C 78 27.22 4.26 -7.10
C ILE C 78 28.57 3.84 -6.54
N GLU C 79 28.64 3.58 -5.23
CA GLU C 79 29.86 3.10 -4.58
C GLU C 79 30.40 1.84 -5.26
N ALA C 80 29.52 0.86 -5.53
CA ALA C 80 29.93 -0.38 -6.17
C ALA C 80 30.47 -0.09 -7.59
N LEU C 81 29.75 0.72 -8.39
CA LEU C 81 30.11 0.91 -9.81
C LEU C 81 31.38 1.74 -9.99
N LYS C 82 31.70 2.62 -9.01
CA LYS C 82 32.95 3.35 -9.00
C LYS C 82 34.15 2.41 -8.88
N ASN C 83 33.97 1.29 -8.17
CA ASN C 83 35.00 0.31 -7.86
C ASN C 83 35.01 -0.88 -8.78
N LEU C 84 33.97 -1.03 -9.63
CA LEU C 84 33.85 -2.20 -10.49
C LEU C 84 33.95 -1.77 -11.93
N ARG C 85 34.79 -2.47 -12.71
CA ARG C 85 35.03 -2.11 -14.09
C ARG C 85 35.34 -3.36 -14.85
N HIS C 86 34.43 -3.75 -15.75
CA HIS C 86 34.42 -5.07 -16.41
C HIS C 86 33.67 -4.97 -17.76
N GLN C 87 34.13 -5.74 -18.77
CA GLN C 87 33.51 -5.90 -20.10
C GLN C 87 32.06 -6.40 -20.06
N HIS C 88 31.63 -7.03 -18.93
CA HIS C 88 30.25 -7.54 -18.81
C HIS C 88 29.48 -6.88 -17.66
N ILE C 89 29.96 -5.69 -17.23
CA ILE C 89 29.26 -4.83 -16.28
C ILE C 89 28.95 -3.51 -17.00
N CYS C 90 27.67 -3.10 -16.97
CA CYS C 90 27.27 -1.83 -17.55
C CYS C 90 28.06 -0.70 -16.86
N GLN C 91 28.89 0.00 -17.62
CA GLN C 91 29.84 1.00 -17.13
C GLN C 91 29.19 2.28 -16.62
N LEU C 92 29.56 2.69 -15.37
CA LEU C 92 29.31 4.07 -14.90
C LEU C 92 30.34 5.06 -15.47
N TYR C 93 29.86 6.14 -16.13
CA TYR C 93 30.76 7.16 -16.70
C TYR C 93 30.85 8.40 -15.87
N HIS C 94 29.74 8.79 -15.22
CA HIS C 94 29.61 10.16 -14.73
C HIS C 94 28.48 10.18 -13.68
N VAL C 95 28.71 10.85 -12.57
CA VAL C 95 27.73 11.11 -11.51
C VAL C 95 27.65 12.61 -11.37
N LEU C 96 26.44 13.16 -11.45
CA LEU C 96 26.16 14.60 -11.25
C LEU C 96 25.10 14.75 -10.16
N GLU C 97 25.15 15.80 -9.36
CA GLU C 97 24.15 16.02 -8.32
C GLU C 97 23.74 17.50 -8.24
N THR C 98 22.42 17.77 -8.12
CA THR C 98 21.87 19.11 -7.94
C THR C 98 21.12 19.12 -6.59
N ALA C 99 20.38 20.21 -6.28
CA ALA C 99 19.50 20.26 -5.11
C ALA C 99 18.56 19.07 -5.10
N ASN C 100 17.88 18.86 -6.23
CA ASN C 100 16.75 17.93 -6.34
C ASN C 100 17.08 16.60 -7.01
N LYS C 101 18.23 16.50 -7.72
CA LYS C 101 18.50 15.33 -8.56
C LYS C 101 19.86 14.65 -8.30
N ILE C 102 19.92 13.33 -8.51
CA ILE C 102 21.17 12.59 -8.72
C ILE C 102 21.07 12.05 -10.14
N PHE C 103 22.11 12.29 -10.96
CA PHE C 103 22.22 11.75 -12.34
C PHE C 103 23.33 10.69 -12.39
N MET C 104 23.06 9.54 -13.02
CA MET C 104 24.06 8.50 -13.32
C MET C 104 24.12 8.27 -14.80
N VAL C 105 25.25 8.54 -15.38
CA VAL C 105 25.48 8.35 -16.81
C VAL C 105 26.09 6.97 -17.02
N LEU C 106 25.40 6.14 -17.82
CA LEU C 106 25.66 4.70 -17.95
C LEU C 106 25.81 4.26 -19.37
N GLU C 107 26.46 3.11 -19.56
CA GLU C 107 26.70 2.47 -20.87
C GLU C 107 25.39 2.18 -21.56
N TYR C 108 25.31 2.54 -22.82
CA TYR C 108 24.16 2.38 -23.70
C TYR C 108 23.94 0.92 -24.05
N CYS C 109 22.73 0.41 -23.73
CA CYS C 109 22.35 -1.00 -23.95
C CYS C 109 21.05 -1.15 -24.76
N PRO C 110 21.12 -0.91 -26.10
CA PRO C 110 19.88 -0.94 -26.91
C PRO C 110 19.29 -2.31 -27.23
N GLY C 111 20.01 -3.39 -26.88
CA GLY C 111 19.60 -4.77 -27.19
C GLY C 111 18.51 -5.33 -26.29
N GLY C 112 18.14 -4.56 -25.27
CA GLY C 112 17.10 -4.93 -24.35
C GLY C 112 17.54 -5.89 -23.27
N GLU C 113 16.60 -6.30 -22.44
CA GLU C 113 16.83 -7.21 -21.33
C GLU C 113 16.98 -8.64 -21.83
N LEU C 114 17.83 -9.42 -21.20
CA LEU C 114 17.83 -10.87 -21.41
C LEU C 114 16.40 -11.44 -21.20
N PHE C 115 15.65 -10.90 -20.22
CA PHE C 115 14.24 -11.29 -19.98
C PHE C 115 13.38 -11.25 -21.25
N ASP C 116 13.44 -10.09 -21.98
CA ASP C 116 12.68 -9.89 -23.22
C ASP C 116 13.05 -10.86 -24.30
N TYR C 117 14.34 -11.15 -24.39
CA TYR C 117 14.94 -12.07 -25.33
C TYR C 117 14.42 -13.49 -25.11
N ILE C 118 14.26 -13.92 -23.83
CA ILE C 118 13.74 -15.20 -23.38
C ILE C 118 12.26 -15.36 -23.69
N ILE C 119 11.42 -14.39 -23.30
CA ILE C 119 9.97 -14.52 -23.46
C ILE C 119 9.51 -14.39 -24.92
N SER C 120 10.32 -13.78 -25.79
CA SER C 120 9.97 -13.54 -27.22
C SER C 120 10.32 -14.75 -28.09
N GLN C 121 11.40 -15.46 -27.71
CA GLN C 121 11.73 -16.80 -28.19
C GLN C 121 10.92 -17.73 -27.28
N ASP C 122 11.05 -19.05 -27.38
CA ASP C 122 10.40 -19.84 -26.35
C ASP C 122 11.41 -20.22 -25.24
N ARG C 123 12.34 -21.15 -25.56
CA ARG C 123 13.57 -21.45 -24.81
C ARG C 123 14.77 -21.20 -25.75
N LEU C 124 16.02 -21.31 -25.22
CA LEU C 124 17.27 -21.31 -25.97
C LEU C 124 17.89 -22.72 -26.02
N SER C 125 18.59 -23.04 -27.11
CA SER C 125 19.37 -24.28 -27.23
C SER C 125 20.45 -24.31 -26.14
N GLU C 126 20.99 -25.51 -25.83
CA GLU C 126 22.11 -25.61 -24.89
C GLU C 126 23.29 -24.77 -25.35
N GLU C 127 23.58 -24.77 -26.66
CA GLU C 127 24.69 -24.05 -27.29
C GLU C 127 24.50 -22.55 -27.17
N GLU C 128 23.31 -22.00 -27.47
CA GLU C 128 23.05 -20.57 -27.28
C GLU C 128 23.07 -20.18 -25.79
N THR C 129 22.54 -21.04 -24.90
CA THR C 129 22.56 -20.79 -23.48
C THR C 129 24.01 -20.65 -23.04
N ARG C 130 24.93 -21.51 -23.53
CA ARG C 130 26.36 -21.42 -23.16
C ARG C 130 27.01 -20.09 -23.55
N VAL C 131 26.77 -19.59 -24.78
CA VAL C 131 27.28 -18.30 -25.25
C VAL C 131 26.93 -17.21 -24.21
N VAL C 132 25.65 -17.14 -23.83
CA VAL C 132 25.08 -16.16 -22.87
C VAL C 132 25.61 -16.44 -21.44
N PHE C 133 25.60 -17.73 -21.04
CA PHE C 133 25.92 -18.08 -19.64
C PHE C 133 27.37 -17.80 -19.24
N ARG C 134 28.30 -18.07 -20.16
CA ARG C 134 29.72 -17.78 -20.01
C ARG C 134 29.98 -16.27 -19.78
N GLN C 135 29.18 -15.38 -20.39
CA GLN C 135 29.23 -13.92 -20.09
C GLN C 135 28.74 -13.58 -18.69
N ILE C 136 27.63 -14.20 -18.27
CA ILE C 136 27.09 -14.02 -16.90
C ILE C 136 28.12 -14.50 -15.87
N VAL C 137 28.75 -15.66 -16.11
CA VAL C 137 29.74 -16.24 -15.16
C VAL C 137 30.95 -15.31 -15.06
N SER C 138 31.42 -14.78 -16.20
CA SER C 138 32.51 -13.83 -16.29
C SER C 138 32.28 -12.61 -15.37
N ALA C 139 31.16 -11.91 -15.54
CA ALA C 139 30.79 -10.74 -14.74
C ALA C 139 30.78 -11.08 -13.24
N VAL C 140 30.07 -12.16 -12.86
CA VAL C 140 29.81 -12.51 -11.45
C VAL C 140 31.09 -12.96 -10.79
N ALA C 141 31.91 -13.76 -11.49
CA ALA C 141 33.23 -14.13 -10.94
C ALA C 141 34.08 -12.90 -10.63
N TYR C 142 34.04 -11.89 -11.51
CA TYR C 142 34.76 -10.63 -11.27
C TYR C 142 34.17 -9.87 -10.07
N VAL C 143 32.84 -9.70 -10.00
CA VAL C 143 32.14 -9.10 -8.84
C VAL C 143 32.66 -9.71 -7.51
N HIS C 144 32.65 -11.06 -7.44
CA HIS C 144 33.08 -11.82 -6.27
C HIS C 144 34.56 -11.61 -5.98
N SER C 145 35.41 -11.55 -7.02
CA SER C 145 36.85 -11.30 -6.84
C SER C 145 37.16 -9.97 -6.16
N GLN C 146 36.25 -9.00 -6.28
CA GLN C 146 36.34 -7.65 -5.73
C GLN C 146 35.67 -7.53 -4.32
N GLY C 147 35.22 -8.64 -3.78
CA GLY C 147 34.61 -8.73 -2.45
C GLY C 147 33.14 -8.36 -2.39
N TYR C 148 32.48 -8.27 -3.56
CA TYR C 148 31.03 -7.98 -3.64
C TYR C 148 30.19 -9.25 -3.90
N ALA C 149 28.91 -9.20 -3.51
CA ALA C 149 27.84 -10.09 -3.94
C ALA C 149 26.78 -9.21 -4.58
N HIS C 150 26.23 -9.59 -5.74
CA HIS C 150 25.22 -8.78 -6.46
C HIS C 150 23.86 -8.84 -5.76
N ARG C 151 23.40 -10.06 -5.43
CA ARG C 151 22.18 -10.39 -4.67
C ARG C 151 20.84 -10.18 -5.43
N ASP C 152 20.89 -9.71 -6.68
CA ASP C 152 19.65 -9.54 -7.46
C ASP C 152 19.80 -10.05 -8.88
N LEU C 153 20.47 -11.18 -9.06
CA LEU C 153 20.73 -11.70 -10.41
C LEU C 153 19.43 -12.30 -10.91
N LYS C 154 19.00 -11.83 -12.07
CA LYS C 154 17.74 -12.17 -12.73
C LYS C 154 17.85 -11.70 -14.17
N PRO C 155 17.05 -12.21 -15.13
CA PRO C 155 17.26 -11.82 -16.53
C PRO C 155 16.87 -10.36 -16.87
N GLU C 156 16.04 -9.70 -16.06
CA GLU C 156 15.78 -8.27 -16.22
C GLU C 156 17.03 -7.45 -15.89
N ASN C 157 18.00 -8.01 -15.16
CA ASN C 157 19.21 -7.28 -14.73
C ASN C 157 20.43 -7.55 -15.61
N LEU C 158 20.19 -8.13 -16.78
CA LEU C 158 21.23 -8.38 -17.76
C LEU C 158 20.75 -7.79 -19.06
N LEU C 159 21.51 -6.82 -19.60
CA LEU C 159 21.13 -6.09 -20.83
C LEU C 159 22.08 -6.40 -21.96
N PHE C 160 21.59 -6.40 -23.20
CA PHE C 160 22.45 -6.53 -24.38
C PHE C 160 22.88 -5.16 -24.89
N ASP C 161 24.19 -4.99 -25.18
CA ASP C 161 24.68 -3.74 -25.75
C ASP C 161 24.44 -3.75 -27.29
N GLU C 162 24.90 -2.71 -28.04
CA GLU C 162 24.70 -2.66 -29.50
C GLU C 162 25.31 -3.89 -30.20
N TYR C 163 26.24 -4.59 -29.50
CA TYR C 163 27.11 -5.65 -30.03
C TYR C 163 26.56 -7.03 -29.69
N HIS C 164 25.37 -7.07 -29.04
CA HIS C 164 24.72 -8.26 -28.48
C HIS C 164 25.62 -8.93 -27.40
N LYS C 165 26.43 -8.14 -26.65
CA LYS C 165 27.17 -8.62 -25.47
C LYS C 165 26.44 -8.25 -24.18
N LEU C 166 26.40 -9.19 -23.22
CA LEU C 166 25.68 -8.93 -21.96
C LEU C 166 26.40 -7.94 -21.00
N LYS C 167 25.60 -7.13 -20.28
CA LYS C 167 26.08 -6.14 -19.31
C LYS C 167 25.19 -6.26 -18.08
N LEU C 168 25.79 -6.60 -16.92
CA LEU C 168 25.10 -6.69 -15.64
C LEU C 168 24.80 -5.29 -15.09
N ILE C 169 23.55 -5.07 -14.64
CA ILE C 169 23.09 -3.78 -14.10
C ILE C 169 22.54 -3.95 -12.69
N ASP C 170 22.11 -2.82 -12.07
CA ASP C 170 21.33 -2.75 -10.82
C ASP C 170 22.05 -3.38 -9.62
N PHE C 171 23.09 -2.66 -9.17
CA PHE C 171 23.90 -3.00 -8.00
C PHE C 171 23.37 -2.39 -6.68
N GLY C 172 22.10 -2.01 -6.68
CA GLY C 172 21.51 -1.31 -5.53
C GLY C 172 21.32 -2.15 -4.28
N LEU C 173 21.30 -3.48 -4.43
CA LEU C 173 21.10 -4.44 -3.33
C LEU C 173 22.41 -5.19 -3.01
N CYS C 174 23.50 -4.82 -3.68
CA CYS C 174 24.77 -5.50 -3.51
C CYS C 174 25.31 -5.37 -2.07
N ALA C 175 25.93 -6.46 -1.58
CA ALA C 175 26.62 -6.48 -0.29
C ALA C 175 28.13 -6.30 -0.52
N LYS C 176 28.76 -5.34 0.20
CA LYS C 176 30.20 -5.07 0.08
C LYS C 176 31.01 -5.80 1.17
N GLY C 190 14.99 -8.50 -3.66
CA GLY C 190 15.22 -9.17 -4.92
C GLY C 190 14.17 -10.25 -5.19
N ALA C 191 13.90 -10.52 -6.47
CA ALA C 191 12.81 -11.38 -6.93
C ALA C 191 12.80 -12.71 -6.19
N LEU C 192 11.65 -13.08 -5.62
CA LEU C 192 11.51 -14.29 -4.84
C LEU C 192 11.93 -15.55 -5.64
N ALA C 193 11.49 -15.66 -6.90
CA ALA C 193 11.79 -16.82 -7.73
C ALA C 193 13.31 -17.08 -7.95
N TYR C 194 14.18 -16.03 -7.81
CA TYR C 194 15.64 -16.11 -7.96
C TYR C 194 16.38 -16.15 -6.63
N ALA C 195 15.64 -16.06 -5.49
CA ALA C 195 16.22 -15.94 -4.16
C ALA C 195 16.60 -17.27 -3.58
N ALA C 196 17.82 -17.32 -3.03
CA ALA C 196 18.35 -18.53 -2.43
C ALA C 196 17.56 -18.90 -1.14
N PRO C 197 17.41 -20.20 -0.84
CA PRO C 197 16.73 -20.61 0.43
C PRO C 197 17.22 -19.91 1.71
N GLU C 198 18.56 -19.81 1.91
CA GLU C 198 19.18 -19.18 3.09
C GLU C 198 18.93 -17.66 3.14
N LEU C 199 18.67 -17.06 1.97
CA LEU C 199 18.43 -15.64 1.82
C LEU C 199 17.02 -15.34 2.29
N ILE C 200 16.04 -16.19 1.86
CA ILE C 200 14.65 -16.13 2.30
C ILE C 200 14.57 -16.25 3.85
N GLN C 201 15.40 -17.15 4.47
CA GLN C 201 15.48 -17.34 5.94
C GLN C 201 16.09 -16.17 6.74
N GLY C 202 17.27 -15.72 6.33
CA GLY C 202 18.06 -14.75 7.08
C GLY C 202 19.36 -15.32 7.63
N LYS C 203 19.92 -16.32 6.93
CA LYS C 203 21.15 -17.04 7.30
C LYS C 203 22.37 -16.33 6.73
N GLY C 207 26.23 -12.41 0.30
CA GLY C 207 26.27 -13.83 -0.02
C GLY C 207 26.79 -14.16 -1.41
N SER C 208 28.10 -14.53 -1.53
CA SER C 208 28.64 -15.09 -2.76
C SER C 208 27.86 -16.35 -3.16
N GLU C 209 27.53 -17.22 -2.19
CA GLU C 209 26.84 -18.50 -2.42
C GLU C 209 25.42 -18.30 -2.96
N ALA C 210 24.71 -17.26 -2.47
CA ALA C 210 23.37 -16.91 -2.94
C ALA C 210 23.37 -16.52 -4.42
N ASP C 211 24.43 -15.83 -4.92
CA ASP C 211 24.56 -15.47 -6.36
C ASP C 211 24.69 -16.72 -7.23
N VAL C 212 25.42 -17.75 -6.74
CA VAL C 212 25.55 -19.02 -7.47
C VAL C 212 24.17 -19.72 -7.63
N TRP C 213 23.34 -19.74 -6.56
CA TRP C 213 21.95 -20.22 -6.64
C TRP C 213 21.15 -19.42 -7.73
N SER C 214 21.21 -18.09 -7.68
CA SER C 214 20.52 -17.26 -8.68
C SER C 214 20.93 -17.55 -10.12
N MET C 215 22.24 -17.77 -10.35
CA MET C 215 22.77 -18.20 -11.63
C MET C 215 22.23 -19.55 -12.08
N GLY C 216 22.02 -20.47 -11.15
CA GLY C 216 21.42 -21.77 -11.44
C GLY C 216 19.97 -21.65 -11.88
N ILE C 217 19.19 -20.72 -11.22
CA ILE C 217 17.82 -20.41 -11.68
C ILE C 217 17.86 -19.85 -13.10
N LEU C 218 18.76 -18.87 -13.34
CA LEU C 218 18.99 -18.28 -14.67
C LEU C 218 19.27 -19.33 -15.74
N LEU C 219 20.18 -20.28 -15.43
CA LEU C 219 20.56 -21.41 -16.31
C LEU C 219 19.34 -22.24 -16.68
N TYR C 220 18.52 -22.61 -15.67
CA TYR C 220 17.26 -23.36 -15.90
C TYR C 220 16.31 -22.60 -16.85
N VAL C 221 16.04 -21.32 -16.54
CA VAL C 221 15.06 -20.55 -17.33
C VAL C 221 15.53 -20.39 -18.81
N LEU C 222 16.82 -20.14 -19.02
CA LEU C 222 17.39 -20.02 -20.37
C LEU C 222 17.15 -21.26 -21.21
N MET C 223 17.37 -22.45 -20.61
CA MET C 223 17.21 -23.69 -21.40
C MET C 223 15.80 -24.26 -21.39
N CYS C 224 14.91 -23.79 -20.50
CA CYS C 224 13.57 -24.36 -20.32
C CYS C 224 12.46 -23.43 -20.77
N GLY C 225 12.66 -22.13 -20.61
CA GLY C 225 11.67 -21.11 -20.91
C GLY C 225 10.63 -20.91 -19.84
N PHE C 226 10.87 -21.46 -18.63
CA PHE C 226 10.02 -21.31 -17.44
C PHE C 226 10.89 -21.51 -16.19
N LEU C 227 10.43 -21.05 -15.04
CA LEU C 227 11.15 -21.13 -13.76
C LEU C 227 11.15 -22.55 -13.14
N PRO C 228 12.24 -22.94 -12.42
CA PRO C 228 12.20 -24.26 -11.74
C PRO C 228 11.24 -24.30 -10.54
N PHE C 229 11.04 -23.15 -9.89
CA PHE C 229 10.13 -22.98 -8.77
C PHE C 229 9.16 -21.84 -9.14
N ASP C 230 7.87 -22.15 -9.27
CA ASP C 230 6.88 -21.13 -9.63
C ASP C 230 5.56 -21.47 -9.02
N ASP C 231 4.76 -20.45 -8.68
CA ASP C 231 3.44 -20.64 -8.08
C ASP C 231 2.56 -19.39 -8.15
N ASP C 232 1.24 -19.55 -7.89
CA ASP C 232 0.24 -18.48 -7.89
C ASP C 232 0.33 -17.56 -6.66
N THR C 233 0.93 -18.06 -5.57
CA THR C 233 1.08 -17.29 -4.32
C THR C 233 2.54 -17.30 -3.89
N ALA C 234 2.97 -16.24 -3.18
CA ALA C 234 4.31 -16.08 -2.62
C ALA C 234 4.66 -17.15 -1.56
N ALA C 235 3.71 -17.46 -0.66
CA ALA C 235 3.87 -18.51 0.36
C ALA C 235 4.10 -19.93 -0.24
N ALA C 236 3.37 -20.28 -1.32
CA ALA C 236 3.57 -21.56 -1.99
C ALA C 236 4.93 -21.61 -2.74
N LEU C 237 5.37 -20.45 -3.35
CA LEU C 237 6.66 -20.34 -4.01
C LEU C 237 7.83 -20.53 -3.00
N VAL C 238 7.80 -19.80 -1.88
CA VAL C 238 8.75 -19.99 -0.75
C VAL C 238 8.89 -21.47 -0.33
N ALA C 239 7.77 -22.16 -0.07
CA ALA C 239 7.77 -23.60 0.29
C ALA C 239 8.49 -24.47 -0.78
N LYS C 240 8.20 -24.21 -2.06
CA LYS C 240 8.88 -24.92 -3.17
C LYS C 240 10.39 -24.71 -3.20
N ILE C 241 10.84 -23.46 -3.00
CA ILE C 241 12.28 -23.10 -2.95
C ILE C 241 12.99 -23.82 -1.77
N MET C 242 12.41 -23.74 -0.56
CA MET C 242 12.90 -24.46 0.62
C MET C 242 13.06 -25.98 0.39
N ARG C 243 12.05 -26.62 -0.28
CA ARG C 243 12.12 -28.05 -0.60
C ARG C 243 13.23 -28.33 -1.62
N GLY C 244 13.31 -27.50 -2.65
CA GLY C 244 14.34 -27.54 -3.68
C GLY C 244 14.14 -28.61 -4.75
N LYS C 245 12.90 -29.13 -4.86
CA LYS C 245 12.57 -30.10 -5.89
C LYS C 245 12.00 -29.41 -7.12
N TYR C 246 12.50 -29.78 -8.28
CA TYR C 246 12.06 -29.18 -9.53
C TYR C 246 11.98 -30.22 -10.64
N ASP C 247 11.22 -29.92 -11.69
CA ASP C 247 11.11 -30.80 -12.85
C ASP C 247 12.34 -30.68 -13.72
N VAL C 248 12.73 -31.79 -14.34
CA VAL C 248 13.81 -31.84 -15.31
C VAL C 248 13.14 -32.21 -16.66
N PRO C 249 12.90 -31.22 -17.56
CA PRO C 249 12.42 -31.57 -18.92
C PRO C 249 13.31 -32.52 -19.70
N LYS C 250 12.67 -33.35 -20.56
CA LYS C 250 13.28 -34.39 -21.36
C LYS C 250 14.38 -33.87 -22.30
N TRP C 251 14.30 -32.60 -22.74
CA TRP C 251 15.23 -32.02 -23.70
C TRP C 251 16.60 -31.60 -23.09
N LEU C 252 16.68 -31.49 -21.74
CA LEU C 252 17.92 -31.18 -21.03
C LEU C 252 18.90 -32.37 -21.13
N SER C 253 20.15 -32.10 -21.56
CA SER C 253 21.22 -33.11 -21.66
C SER C 253 21.66 -33.57 -20.27
N PRO C 254 22.25 -34.78 -20.08
CA PRO C 254 22.84 -35.11 -18.76
C PRO C 254 23.84 -34.09 -18.21
N SER C 255 24.71 -33.51 -19.08
CA SER C 255 25.64 -32.44 -18.67
C SER C 255 24.91 -31.23 -18.04
N SER C 256 23.85 -30.74 -18.70
CA SER C 256 23.02 -29.63 -18.17
C SER C 256 22.38 -29.99 -16.81
N ILE C 257 21.87 -31.24 -16.69
CA ILE C 257 21.22 -31.72 -15.47
C ILE C 257 22.21 -31.69 -14.31
N LEU C 258 23.42 -32.20 -14.54
CA LEU C 258 24.48 -32.24 -13.55
C LEU C 258 24.89 -30.84 -13.06
N LEU C 259 25.16 -29.91 -14.01
CA LEU C 259 25.50 -28.55 -13.63
C LEU C 259 24.35 -27.92 -12.79
N LEU C 260 23.08 -28.12 -13.23
CA LEU C 260 21.92 -27.64 -12.50
C LEU C 260 21.86 -28.15 -11.07
N GLN C 261 22.12 -29.47 -10.83
CA GLN C 261 22.10 -30.01 -9.47
C GLN C 261 23.17 -29.39 -8.58
N GLN C 262 24.33 -29.07 -9.14
CA GLN C 262 25.45 -28.47 -8.41
C GLN C 262 25.18 -27.03 -8.01
N MET C 263 24.49 -26.25 -8.87
CA MET C 263 24.17 -24.85 -8.58
C MET C 263 22.93 -24.75 -7.70
N LEU C 264 21.95 -25.63 -7.90
CA LEU C 264 20.68 -25.58 -7.19
C LEU C 264 20.66 -26.48 -5.93
N GLN C 265 21.71 -26.39 -5.09
CA GLN C 265 21.76 -27.03 -3.81
C GLN C 265 21.13 -26.13 -2.75
N VAL C 266 20.15 -26.64 -1.99
CA VAL C 266 19.47 -25.85 -0.95
C VAL C 266 20.47 -25.40 0.13
N ASP C 267 21.43 -26.26 0.48
CA ASP C 267 22.46 -25.94 1.45
C ASP C 267 23.59 -25.14 0.79
N PRO C 268 23.79 -23.86 1.20
CA PRO C 268 24.80 -23.01 0.54
C PRO C 268 26.22 -23.53 0.66
N LYS C 269 26.48 -24.41 1.63
CA LYS C 269 27.80 -25.02 1.84
C LYS C 269 28.07 -26.15 0.84
N LYS C 270 27.02 -26.72 0.23
CA LYS C 270 27.10 -27.83 -0.73
C LYS C 270 27.11 -27.34 -2.21
N ARG C 271 26.78 -26.07 -2.41
CA ARG C 271 26.71 -25.48 -3.74
C ARG C 271 28.05 -25.36 -4.40
N ILE C 272 28.10 -25.53 -5.74
CA ILE C 272 29.34 -25.39 -6.53
C ILE C 272 30.03 -24.05 -6.23
N SER C 273 31.36 -24.06 -6.08
CA SER C 273 32.16 -22.85 -5.88
C SER C 273 32.32 -22.14 -7.21
N MET C 274 32.59 -20.81 -7.16
CA MET C 274 32.95 -20.05 -8.37
C MET C 274 34.18 -20.65 -9.09
N LYS C 275 35.20 -21.06 -8.31
CA LYS C 275 36.40 -21.70 -8.83
C LYS C 275 36.07 -22.93 -9.72
N ASN C 276 35.21 -23.84 -9.23
CA ASN C 276 34.86 -25.04 -10.00
C ASN C 276 33.83 -24.74 -11.11
N LEU C 277 33.09 -23.63 -11.00
CA LEU C 277 32.20 -23.21 -12.06
C LEU C 277 32.98 -22.76 -13.30
N LEU C 278 34.10 -22.02 -13.11
CA LEU C 278 34.87 -21.40 -14.20
C LEU C 278 35.41 -22.38 -15.23
N ASN C 279 35.81 -23.59 -14.79
CA ASN C 279 36.28 -24.64 -15.70
C ASN C 279 35.39 -25.90 -15.65
N HIS C 280 34.09 -25.74 -15.34
CA HIS C 280 33.16 -26.89 -15.29
C HIS C 280 33.08 -27.57 -16.68
N PRO C 281 32.98 -28.94 -16.76
CA PRO C 281 32.81 -29.59 -18.08
C PRO C 281 31.70 -29.02 -18.99
N TRP C 282 30.55 -28.64 -18.42
CA TRP C 282 29.47 -28.01 -19.21
C TRP C 282 29.95 -26.67 -19.76
N ILE C 283 30.63 -25.86 -18.93
CA ILE C 283 31.10 -24.52 -19.30
C ILE C 283 32.08 -24.58 -20.46
N MET C 284 32.88 -25.64 -20.49
CA MET C 284 33.97 -25.73 -21.43
C MET C 284 33.65 -26.50 -22.72
N GLN C 285 32.43 -27.03 -22.90
CA GLN C 285 32.05 -28.03 -23.93
C GLN C 285 32.44 -27.69 -25.41
N ASP C 286 32.44 -26.42 -25.82
CA ASP C 286 32.77 -26.01 -27.19
C ASP C 286 33.85 -24.92 -27.24
N TYR C 287 34.18 -24.36 -26.06
CA TYR C 287 35.28 -23.43 -25.76
C TYR C 287 36.03 -24.17 -24.66
N ASN C 288 36.81 -25.18 -25.05
CA ASN C 288 37.83 -25.93 -24.32
C ASN C 288 38.90 -24.98 -23.68
N TYR C 289 38.45 -23.86 -23.14
CA TYR C 289 39.19 -22.97 -22.26
C TYR C 289 38.26 -22.45 -21.17
N PRO C 290 38.74 -22.23 -19.91
CA PRO C 290 37.82 -21.78 -18.85
C PRO C 290 37.32 -20.36 -19.08
N VAL C 291 36.25 -19.97 -18.36
CA VAL C 291 35.71 -18.61 -18.42
C VAL C 291 36.83 -17.61 -18.06
N GLU C 292 37.05 -16.65 -18.97
CA GLU C 292 37.95 -15.53 -18.74
C GLU C 292 37.18 -14.44 -18.04
N TRP C 293 37.37 -14.34 -16.72
CA TRP C 293 36.61 -13.45 -15.85
C TRP C 293 37.38 -12.18 -15.53
N GLN C 294 38.70 -12.19 -15.70
CA GLN C 294 39.52 -11.05 -15.35
C GLN C 294 39.06 -9.85 -16.18
N SER C 295 39.09 -8.67 -15.59
CA SER C 295 38.66 -7.48 -16.31
C SER C 295 39.70 -7.14 -17.41
N LYS C 296 39.20 -6.74 -18.57
CA LYS C 296 39.98 -6.21 -19.68
C LYS C 296 39.91 -4.67 -19.66
N ASN C 297 39.36 -4.10 -18.57
CA ASN C 297 38.97 -2.69 -18.44
C ASN C 297 39.63 -2.06 -17.19
N PRO C 298 40.90 -1.57 -17.31
CA PRO C 298 41.69 -1.31 -16.08
C PRO C 298 41.44 0.05 -15.44
N PHE C 299 41.79 0.17 -14.15
CA PHE C 299 41.90 1.45 -13.44
C PHE C 299 43.33 2.00 -13.53
N ILE C 300 44.33 1.10 -13.56
CA ILE C 300 45.76 1.39 -13.51
C ILE C 300 46.33 1.81 -14.87
N HIS C 301 46.22 0.95 -15.88
CA HIS C 301 46.82 1.17 -17.19
C HIS C 301 45.96 2.14 -17.98
N LEU C 302 46.59 3.21 -18.48
CA LEU C 302 45.93 4.25 -19.28
C LEU C 302 46.32 4.11 -20.76
N ASP C 303 45.41 4.41 -21.67
CA ASP C 303 45.61 4.26 -23.11
C ASP C 303 46.19 5.55 -23.64
N ASP C 304 47.45 5.49 -24.17
CA ASP C 304 48.22 6.64 -24.65
C ASP C 304 47.48 7.47 -25.69
N ASP C 305 46.81 6.82 -26.66
CA ASP C 305 46.07 7.49 -27.72
C ASP C 305 44.98 8.40 -27.14
N CYS C 306 44.23 7.87 -26.15
CA CYS C 306 43.18 8.62 -25.44
C CYS C 306 43.74 9.78 -24.61
N VAL C 307 44.80 9.51 -23.83
CA VAL C 307 45.51 10.52 -23.02
C VAL C 307 46.02 11.66 -23.92
N THR C 308 46.69 11.32 -25.04
CA THR C 308 47.19 12.31 -26.01
C THR C 308 46.05 13.17 -26.57
N GLU C 309 44.94 12.55 -27.02
CA GLU C 309 43.77 13.29 -27.50
C GLU C 309 43.13 14.23 -26.44
N LEU C 310 43.06 13.75 -25.18
CA LEU C 310 42.60 14.58 -24.06
C LEU C 310 43.56 15.73 -23.79
N SER C 311 44.89 15.49 -23.86
CA SER C 311 45.91 16.54 -23.76
C SER C 311 45.75 17.65 -24.80
N VAL C 312 45.31 17.35 -26.05
CA VAL C 312 45.08 18.40 -27.05
C VAL C 312 43.80 19.23 -26.68
N HIS C 313 42.75 18.58 -26.12
CA HIS C 313 41.52 19.29 -25.69
C HIS C 313 41.77 20.20 -24.47
N HIS C 314 42.44 19.66 -23.45
CA HIS C 314 42.80 20.29 -22.18
C HIS C 314 44.07 21.21 -22.31
N ARG C 315 44.76 21.18 -23.48
CA ARG C 315 46.01 21.94 -23.77
C ARG C 315 46.99 21.75 -22.58
N ASN C 316 47.26 20.45 -22.30
CA ASN C 316 47.90 19.82 -21.14
C ASN C 316 49.22 19.18 -21.57
N ASN C 317 50.12 18.85 -20.59
CA ASN C 317 51.18 17.85 -20.84
C ASN C 317 50.73 16.47 -20.33
N ARG C 318 51.47 15.39 -20.68
CA ARG C 318 51.07 13.99 -20.41
C ARG C 318 51.02 13.66 -18.92
N GLN C 319 52.07 14.03 -18.13
CA GLN C 319 52.09 13.77 -16.69
C GLN C 319 50.85 14.39 -16.01
N THR C 320 50.52 15.65 -16.41
CA THR C 320 49.38 16.43 -15.91
C THR C 320 48.05 15.74 -16.17
N MET C 321 47.82 15.31 -17.43
CA MET C 321 46.61 14.65 -17.90
C MET C 321 46.44 13.27 -17.27
N GLU C 322 47.54 12.47 -17.23
CA GLU C 322 47.50 11.14 -16.59
C GLU C 322 47.10 11.22 -15.11
N ASP C 323 47.72 12.15 -14.35
CA ASP C 323 47.42 12.37 -12.93
C ASP C 323 45.96 12.74 -12.72
N LEU C 324 45.39 13.58 -13.60
CA LEU C 324 43.98 13.98 -13.58
C LEU C 324 43.05 12.76 -13.84
N ILE C 325 43.33 11.98 -14.90
CA ILE C 325 42.52 10.80 -15.24
C ILE C 325 42.53 9.78 -14.08
N SER C 326 43.73 9.55 -13.51
CA SER C 326 43.96 8.53 -12.46
C SER C 326 43.25 8.83 -11.12
N LEU C 327 42.74 10.07 -10.93
CA LEU C 327 41.88 10.43 -9.79
C LEU C 327 40.52 9.70 -9.86
N TRP C 328 40.05 9.35 -11.10
CA TRP C 328 38.78 8.66 -11.36
C TRP C 328 37.64 9.26 -10.50
N GLN C 329 37.33 10.54 -10.73
CA GLN C 329 36.33 11.27 -9.94
C GLN C 329 34.88 11.01 -10.40
N TYR C 330 34.71 10.35 -11.60
CA TYR C 330 33.39 10.16 -12.25
C TYR C 330 32.71 11.51 -12.52
N ASP C 331 33.54 12.43 -12.94
CA ASP C 331 33.17 13.75 -13.46
C ASP C 331 33.24 13.65 -14.99
N HIS C 332 33.14 14.80 -15.69
CA HIS C 332 33.12 14.83 -17.14
C HIS C 332 34.39 14.22 -17.76
N LEU C 333 35.54 14.37 -17.12
CA LEU C 333 36.81 13.79 -17.57
C LEU C 333 36.74 12.24 -17.57
N THR C 334 36.21 11.61 -16.51
CA THR C 334 36.03 10.13 -16.47
C THR C 334 35.14 9.70 -17.66
N ALA C 335 34.01 10.40 -17.87
CA ALA C 335 33.08 10.12 -18.99
C ALA C 335 33.77 10.21 -20.32
N THR C 336 34.56 11.29 -20.55
CA THR C 336 35.22 11.58 -21.83
C THR C 336 36.30 10.52 -22.08
N TYR C 337 37.11 10.17 -21.08
CA TYR C 337 38.15 9.16 -21.23
C TYR C 337 37.53 7.81 -21.55
N LEU C 338 36.55 7.40 -20.76
CA LEU C 338 35.97 6.05 -20.95
C LEU C 338 35.22 5.94 -22.29
N LEU C 339 34.61 7.04 -22.78
CA LEU C 339 33.89 6.96 -24.04
C LEU C 339 34.81 7.02 -25.24
N LEU C 340 35.92 7.79 -25.12
CA LEU C 340 36.99 7.80 -26.11
C LEU C 340 37.62 6.41 -26.23
N LEU C 341 37.83 5.73 -25.08
CA LEU C 341 38.35 4.37 -25.04
C LEU C 341 37.38 3.43 -25.78
N ALA C 342 36.05 3.68 -25.65
CA ALA C 342 35.02 2.86 -26.32
C ALA C 342 35.03 3.15 -27.82
N LYS C 343 35.05 4.40 -28.19
CA LYS C 343 35.18 4.82 -29.60
C LYS C 343 36.32 4.05 -30.30
N LYS C 344 37.53 4.11 -29.71
CA LYS C 344 38.75 3.39 -30.11
C LYS C 344 38.52 1.88 -30.27
N ALA C 345 37.87 1.25 -29.26
CA ALA C 345 37.53 -0.18 -29.28
C ALA C 345 36.66 -0.59 -30.45
N ARG C 346 35.79 0.32 -30.91
CA ARG C 346 34.87 0.10 -32.03
C ARG C 346 35.47 0.49 -33.41
N GLY C 347 36.76 0.81 -33.41
CA GLY C 347 37.53 1.05 -34.64
C GLY C 347 37.49 2.48 -35.16
N LYS C 348 36.65 3.35 -34.56
CA LYS C 348 36.45 4.74 -34.99
C LYS C 348 37.63 5.64 -34.58
N PRO C 349 37.89 6.78 -35.29
CA PRO C 349 39.05 7.64 -34.89
C PRO C 349 39.00 8.14 -33.46
N VAL C 350 40.15 8.23 -32.80
CA VAL C 350 40.24 8.61 -31.39
C VAL C 350 40.25 10.13 -31.34
N ARG C 351 39.07 10.71 -31.52
CA ARG C 351 38.89 12.13 -31.74
C ARG C 351 37.74 12.73 -30.91
N LEU C 352 37.99 13.90 -30.30
CA LEU C 352 36.95 14.70 -29.60
C LEU C 352 36.36 15.70 -30.62
N ARG C 353 35.06 15.97 -30.51
CA ARG C 353 34.27 16.81 -31.44
C ARG C 353 34.01 18.18 -30.84
N MET D 21 -6.69 18.65 20.93
CA MET D 21 -7.23 17.41 21.51
C MET D 21 -6.34 16.80 22.60
N LYS D 22 -6.80 16.97 23.85
CA LYS D 22 -6.19 16.64 25.14
C LYS D 22 -5.43 15.31 25.21
N ASP D 23 -6.19 14.23 25.01
CA ASP D 23 -5.75 12.85 25.09
C ASP D 23 -4.61 12.54 24.14
N TYR D 24 -4.33 13.43 23.18
CA TYR D 24 -3.36 13.22 22.10
C TYR D 24 -2.12 14.12 22.18
N ASP D 25 -2.09 15.10 23.12
CA ASP D 25 -0.98 16.06 23.29
C ASP D 25 0.40 15.39 23.44
N GLU D 26 0.59 14.50 24.43
CA GLU D 26 1.87 13.82 24.64
C GLU D 26 2.29 12.93 23.46
N LEU D 27 1.36 12.11 22.93
CA LEU D 27 1.59 11.20 21.79
C LEU D 27 2.15 11.92 20.57
N LEU D 28 1.59 13.10 20.25
CA LEU D 28 1.94 13.88 19.06
C LEU D 28 3.29 14.60 19.17
N LYS D 29 3.89 14.65 20.37
CA LYS D 29 5.28 15.12 20.51
C LYS D 29 6.25 14.07 19.89
N TYR D 30 5.80 12.79 19.82
CA TYR D 30 6.68 11.69 19.48
C TYR D 30 6.36 10.99 18.16
N TYR D 31 5.07 11.04 17.77
CA TYR D 31 4.57 10.32 16.61
C TYR D 31 3.79 11.22 15.69
N GLU D 32 3.98 11.01 14.35
CA GLU D 32 3.17 11.67 13.31
C GLU D 32 2.15 10.64 12.88
N LEU D 33 0.87 10.96 13.05
CA LEU D 33 -0.24 10.03 12.84
C LEU D 33 -0.54 9.91 11.33
N HIS D 34 -0.72 8.67 10.86
CA HIS D 34 -1.14 8.33 9.50
C HIS D 34 -2.62 7.80 9.53
N GLU D 35 -3.00 6.85 8.63
CA GLU D 35 -4.39 6.42 8.57
C GLU D 35 -4.80 5.53 9.73
N THR D 36 -6.07 5.67 10.09
CA THR D 36 -6.70 4.72 11.01
C THR D 36 -6.89 3.43 10.22
N ILE D 37 -6.44 2.28 10.79
CA ILE D 37 -6.77 1.01 10.14
CA ILE D 37 -6.78 0.97 10.22
C ILE D 37 -8.26 0.68 10.46
N GLY D 38 -8.69 0.98 11.68
CA GLY D 38 -10.08 0.90 12.09
C GLY D 38 -10.26 0.79 13.59
N THR D 39 -11.49 0.45 13.97
CA THR D 39 -11.93 0.35 15.37
C THR D 39 -12.73 -0.95 15.59
N GLY D 40 -12.35 -1.70 16.63
CA GLY D 40 -13.13 -2.85 17.13
C GLY D 40 -13.28 -2.78 18.65
N GLY D 41 -14.52 -2.71 19.12
CA GLY D 41 -14.85 -2.47 20.53
C GLY D 41 -14.05 -1.29 21.09
N PHE D 42 -13.37 -1.51 22.22
CA PHE D 42 -12.63 -0.47 22.95
C PHE D 42 -11.28 -0.03 22.25
N ALA D 43 -10.88 -0.69 21.15
CA ALA D 43 -9.51 -0.52 20.62
C ALA D 43 -9.48 -0.05 19.12
N LYS D 44 -8.78 1.07 18.89
CA LYS D 44 -8.59 1.63 17.56
C LYS D 44 -7.10 1.44 17.21
N VAL D 45 -6.79 1.05 15.97
CA VAL D 45 -5.39 1.02 15.57
C VAL D 45 -5.16 2.13 14.55
N LYS D 46 -4.11 2.93 14.78
CA LYS D 46 -3.67 4.00 13.86
C LYS D 46 -2.23 3.79 13.49
N LEU D 47 -1.92 3.83 12.22
CA LEU D 47 -0.53 3.83 11.76
C LEU D 47 0.14 5.16 12.05
N ALA D 48 1.40 5.10 12.42
CA ALA D 48 2.13 6.31 12.73
C ALA D 48 3.56 6.17 12.36
N CYS D 49 4.24 7.31 12.31
CA CYS D 49 5.66 7.37 12.09
C CYS D 49 6.33 7.91 13.40
N HIS D 50 7.32 7.19 13.91
CA HIS D 50 8.16 7.67 15.03
C HIS D 50 9.01 8.81 14.49
N ILE D 51 8.81 10.04 15.03
CA ILE D 51 9.46 11.25 14.49
C ILE D 51 10.98 11.09 14.52
N LEU D 52 11.58 10.77 15.69
CA LEU D 52 13.05 10.77 15.78
C LEU D 52 13.73 9.80 14.78
N THR D 53 13.09 8.65 14.50
CA THR D 53 13.73 7.62 13.67
C THR D 53 13.21 7.50 12.25
N GLY D 54 11.97 7.95 11.99
CA GLY D 54 11.30 7.72 10.71
C GLY D 54 10.59 6.37 10.54
N GLU D 55 10.73 5.44 11.53
CA GLU D 55 10.17 4.08 11.41
C GLU D 55 8.65 4.10 11.53
N MET D 56 7.90 3.26 10.77
CA MET D 56 6.44 3.05 10.87
C MET D 56 6.14 2.17 12.07
N VAL D 57 5.08 2.51 12.77
CA VAL D 57 4.59 1.75 13.92
C VAL D 57 3.07 1.62 13.77
N ALA D 58 2.48 0.69 14.52
CA ALA D 58 1.05 0.65 14.75
C ALA D 58 0.78 1.09 16.17
N ILE D 59 -0.16 2.02 16.34
CA ILE D 59 -0.55 2.46 17.69
C ILE D 59 -1.94 1.98 18.01
N LYS D 60 -2.03 1.15 19.08
CA LYS D 60 -3.28 0.67 19.61
C LYS D 60 -3.74 1.67 20.66
N ILE D 61 -4.88 2.30 20.41
CA ILE D 61 -5.49 3.33 21.26
C ILE D 61 -6.68 2.68 22.00
N MET D 62 -6.62 2.55 23.33
CA MET D 62 -7.66 1.87 24.11
C MET D 62 -8.41 2.89 24.94
N ASP D 63 -9.74 2.95 24.79
CA ASP D 63 -10.51 3.87 25.62
C ASP D 63 -10.81 3.19 26.96
N LYS D 64 -10.43 3.85 28.05
CA LYS D 64 -10.57 3.35 29.42
C LYS D 64 -12.02 3.24 29.89
N ASN D 65 -12.92 4.06 29.32
CA ASN D 65 -14.34 4.08 29.69
C ASN D 65 -15.17 3.04 28.88
N THR D 66 -14.51 2.34 27.95
CA THR D 66 -15.10 1.28 27.11
C THR D 66 -14.53 -0.10 27.47
N LEU D 67 -13.31 -0.12 28.05
CA LEU D 67 -12.49 -1.30 28.21
C LEU D 67 -13.01 -2.24 29.34
N GLY D 68 -13.51 -1.66 30.43
CA GLY D 68 -14.20 -2.34 31.53
C GLY D 68 -13.51 -3.54 32.15
N SER D 69 -14.07 -4.75 31.88
CA SER D 69 -13.59 -6.06 32.32
C SER D 69 -12.24 -6.42 31.69
N ASP D 70 -11.90 -5.79 30.54
CA ASP D 70 -10.67 -6.10 29.84
C ASP D 70 -9.46 -5.28 30.36
N LEU D 71 -9.64 -4.27 31.27
CA LEU D 71 -8.52 -3.55 31.89
C LEU D 71 -7.41 -4.48 32.50
N PRO D 72 -7.72 -5.48 33.38
CA PRO D 72 -6.67 -6.41 33.85
C PRO D 72 -5.98 -7.20 32.75
N ARG D 73 -6.70 -7.63 31.69
CA ARG D 73 -6.06 -8.27 30.53
C ARG D 73 -5.05 -7.30 29.82
N ILE D 74 -5.40 -6.03 29.71
CA ILE D 74 -4.49 -5.02 29.12
C ILE D 74 -3.21 -4.90 29.95
N LYS D 75 -3.31 -4.84 31.28
CA LYS D 75 -2.18 -4.77 32.21
C LYS D 75 -1.32 -6.06 32.21
N THR D 76 -1.97 -7.24 32.14
CA THR D 76 -1.29 -8.54 32.01
C THR D 76 -0.48 -8.55 30.70
N GLU D 77 -1.09 -8.10 29.58
CA GLU D 77 -0.40 -8.10 28.27
C GLU D 77 0.82 -7.19 28.32
N ILE D 78 0.66 -5.99 28.88
CA ILE D 78 1.73 -5.00 28.97
C ILE D 78 2.88 -5.55 29.81
N GLU D 79 2.60 -6.09 31.00
CA GLU D 79 3.64 -6.70 31.86
C GLU D 79 4.42 -7.79 31.10
N ALA D 80 3.70 -8.69 30.37
CA ALA D 80 4.39 -9.76 29.63
C ALA D 80 5.26 -9.18 28.52
N LEU D 81 4.74 -8.19 27.74
CA LEU D 81 5.48 -7.65 26.57
C LEU D 81 6.69 -6.85 26.97
N LYS D 82 6.65 -6.25 28.18
CA LYS D 82 7.84 -5.56 28.74
C LYS D 82 8.98 -6.51 28.96
N ASN D 83 8.68 -7.78 29.26
CA ASN D 83 9.64 -8.81 29.63
C ASN D 83 9.97 -9.73 28.48
N LEU D 84 9.28 -9.62 27.34
CA LEU D 84 9.49 -10.52 26.22
C LEU D 84 9.96 -9.76 25.05
N ARG D 85 11.03 -10.26 24.37
CA ARG D 85 11.63 -9.54 23.25
C ARG D 85 12.15 -10.56 22.25
N HIS D 86 11.49 -10.68 21.07
CA HIS D 86 11.85 -11.79 20.14
C HIS D 86 11.42 -11.47 18.75
N GLN D 87 12.13 -12.06 17.77
CA GLN D 87 11.85 -11.84 16.35
C GLN D 87 10.47 -12.32 15.89
N HIS D 88 9.83 -13.23 16.64
CA HIS D 88 8.49 -13.73 16.30
C HIS D 88 7.42 -13.32 17.33
N ILE D 89 7.70 -12.26 18.09
CA ILE D 89 6.72 -11.64 19.02
C ILE D 89 6.55 -10.18 18.59
N CYS D 90 5.31 -9.76 18.33
CA CYS D 90 5.06 -8.35 18.00
C CYS D 90 5.64 -7.44 19.12
N GLN D 91 6.63 -6.61 18.82
CA GLN D 91 7.35 -5.77 19.80
C GLN D 91 6.53 -4.63 20.35
N LEU D 92 6.52 -4.51 21.69
CA LEU D 92 6.06 -3.29 22.36
C LEU D 92 7.19 -2.23 22.42
N TYR D 93 6.93 -1.01 21.91
CA TYR D 93 7.93 0.09 21.97
C TYR D 93 7.72 1.06 23.10
N HIS D 94 6.46 1.33 23.45
CA HIS D 94 6.09 2.51 24.21
C HIS D 94 4.68 2.33 24.75
N VAL D 95 4.48 2.69 26.02
CA VAL D 95 3.19 2.72 26.70
C VAL D 95 3.02 4.14 27.18
N LEU D 96 1.93 4.78 26.74
CA LEU D 96 1.53 6.12 27.20
C LEU D 96 0.10 6.03 27.83
N GLU D 97 -0.24 6.88 28.82
CA GLU D 97 -1.57 6.85 29.44
C GLU D 97 -2.07 8.29 29.75
N THR D 98 -3.35 8.55 29.46
CA THR D 98 -4.03 9.80 29.80
C THR D 98 -5.18 9.47 30.72
N ALA D 99 -6.06 10.44 31.04
CA ALA D 99 -7.29 10.18 31.79
C ALA D 99 -8.13 9.11 31.10
N ASN D 100 -8.31 9.24 29.77
CA ASN D 100 -9.27 8.45 28.99
C ASN D 100 -8.65 7.34 28.17
N LYS D 101 -7.32 7.36 27.96
CA LYS D 101 -6.68 6.44 27.00
C LYS D 101 -5.49 5.68 27.55
N ILE D 102 -5.29 4.43 27.04
CA ILE D 102 -4.00 3.75 27.14
C ILE D 102 -3.52 3.61 25.71
N PHE D 103 -2.28 4.01 25.42
CA PHE D 103 -1.70 3.82 24.07
C PHE D 103 -0.60 2.75 24.18
N MET D 104 -0.61 1.78 23.24
CA MET D 104 0.45 0.81 23.09
C MET D 104 1.05 1.00 21.70
N VAL D 105 2.32 1.40 21.67
CA VAL D 105 3.01 1.54 20.39
C VAL D 105 3.65 0.22 20.07
N LEU D 106 3.28 -0.34 18.91
CA LEU D 106 3.57 -1.72 18.54
C LEU D 106 4.19 -1.83 17.19
N GLU D 107 4.87 -2.96 16.95
CA GLU D 107 5.52 -3.31 15.73
C GLU D 107 4.52 -3.34 14.60
N TYR D 108 4.87 -2.73 13.47
CA TYR D 108 4.08 -2.63 12.26
C TYR D 108 3.85 -4.02 11.63
N CYS D 109 2.59 -4.48 11.55
CA CYS D 109 2.19 -5.80 11.01
C CYS D 109 1.13 -5.65 9.91
N PRO D 110 1.52 -5.21 8.70
CA PRO D 110 0.54 -5.01 7.63
C PRO D 110 0.03 -6.29 6.93
N GLY D 111 0.60 -7.47 7.25
CA GLY D 111 0.37 -8.69 6.46
C GLY D 111 -0.90 -9.44 6.86
N GLY D 112 -1.62 -8.95 7.84
CA GLY D 112 -2.83 -9.61 8.31
C GLY D 112 -2.60 -10.78 9.24
N GLU D 113 -3.65 -11.52 9.59
CA GLU D 113 -3.68 -12.61 10.56
C GLU D 113 -3.36 -13.91 9.84
N LEU D 114 -2.72 -14.84 10.53
CA LEU D 114 -2.66 -16.22 10.04
C LEU D 114 -4.11 -16.78 9.76
N PHE D 115 -5.10 -16.39 10.57
CA PHE D 115 -6.53 -16.71 10.33
C PHE D 115 -6.97 -16.38 8.88
N ASP D 116 -6.68 -15.15 8.40
CA ASP D 116 -6.99 -14.70 7.05
C ASP D 116 -6.31 -15.57 5.97
N TYR D 117 -5.06 -15.98 6.19
CA TYR D 117 -4.27 -16.84 5.29
C TYR D 117 -4.96 -18.19 5.17
N ILE D 118 -5.44 -18.75 6.30
CA ILE D 118 -6.16 -20.05 6.34
C ILE D 118 -7.51 -20.01 5.57
N ILE D 119 -8.33 -19.00 5.86
CA ILE D 119 -9.67 -18.98 5.28
C ILE D 119 -9.67 -18.63 3.80
N SER D 120 -8.59 -17.99 3.30
CA SER D 120 -8.51 -17.47 1.91
C SER D 120 -8.25 -18.59 0.93
N GLN D 121 -7.92 -19.78 1.43
CA GLN D 121 -7.55 -20.88 0.53
C GLN D 121 -7.93 -22.21 1.10
N ASP D 122 -7.86 -23.23 0.27
CA ASP D 122 -8.06 -24.54 0.78
C ASP D 122 -6.83 -24.84 1.67
N ARG D 123 -6.82 -25.99 2.30
CA ARG D 123 -5.75 -26.40 3.20
C ARG D 123 -4.32 -26.09 2.67
N LEU D 124 -3.37 -25.75 3.58
CA LEU D 124 -1.96 -25.52 3.21
C LEU D 124 -1.29 -26.86 2.98
N SER D 125 -0.38 -26.93 2.03
CA SER D 125 0.46 -28.10 1.80
C SER D 125 1.28 -28.35 3.06
N GLU D 126 1.78 -29.59 3.24
CA GLU D 126 2.73 -29.86 4.35
C GLU D 126 3.92 -28.87 4.34
N GLU D 127 4.47 -28.55 3.13
CA GLU D 127 5.60 -27.65 2.96
C GLU D 127 5.28 -26.23 3.39
N GLU D 128 4.13 -25.63 2.92
CA GLU D 128 3.69 -24.26 3.33
C GLU D 128 3.49 -24.22 4.81
N THR D 129 2.87 -25.30 5.37
CA THR D 129 2.62 -25.41 6.80
C THR D 129 3.95 -25.33 7.58
N ARG D 130 4.96 -26.11 7.18
CA ARG D 130 6.24 -26.11 7.89
C ARG D 130 6.91 -24.72 7.97
N VAL D 131 6.90 -23.95 6.87
CA VAL D 131 7.47 -22.59 6.83
C VAL D 131 6.88 -21.78 7.99
N VAL D 132 5.54 -21.73 8.07
CA VAL D 132 4.74 -20.99 9.08
C VAL D 132 4.98 -21.63 10.50
N PHE D 133 4.90 -22.96 10.60
CA PHE D 133 4.94 -23.66 11.90
C PHE D 133 6.26 -23.54 12.65
N ARG D 134 7.36 -23.60 11.93
CA ARG D 134 8.72 -23.39 12.46
C ARG D 134 8.85 -21.98 13.13
N GLN D 135 8.20 -20.96 12.57
CA GLN D 135 8.12 -19.62 13.20
C GLN D 135 7.29 -19.60 14.47
N ILE D 136 6.13 -20.30 14.48
CA ILE D 136 5.28 -20.44 15.68
C ILE D 136 6.08 -21.15 16.80
N VAL D 137 6.81 -22.26 16.44
CA VAL D 137 7.58 -23.02 17.42
C VAL D 137 8.68 -22.14 18.02
N SER D 138 9.38 -21.36 17.14
CA SER D 138 10.41 -20.42 17.60
C SER D 138 9.88 -19.46 18.70
N ALA D 139 8.78 -18.77 18.43
CA ALA D 139 8.16 -17.80 19.36
C ALA D 139 7.81 -18.48 20.69
N VAL D 140 7.11 -19.62 20.64
CA VAL D 140 6.57 -20.28 21.83
C VAL D 140 7.70 -20.88 22.66
N ALA D 141 8.71 -21.49 22.00
CA ALA D 141 9.87 -21.98 22.76
C ALA D 141 10.53 -20.85 23.52
N TYR D 142 10.63 -19.64 22.90
CA TYR D 142 11.17 -18.49 23.60
C TYR D 142 10.27 -18.06 24.80
N VAL D 143 8.95 -17.91 24.56
CA VAL D 143 7.98 -17.59 25.65
C VAL D 143 8.21 -18.53 26.88
N HIS D 144 8.27 -19.84 26.63
CA HIS D 144 8.46 -20.85 27.66
C HIS D 144 9.81 -20.73 28.34
N SER D 145 10.87 -20.40 27.57
CA SER D 145 12.22 -20.20 28.16
C SER D 145 12.25 -19.06 29.20
N GLN D 146 11.34 -18.10 29.06
CA GLN D 146 11.16 -16.93 29.95
C GLN D 146 10.16 -17.14 31.11
N GLY D 147 9.67 -18.38 31.26
CA GLY D 147 8.78 -18.76 32.36
C GLY D 147 7.31 -18.47 32.12
N TYR D 148 6.94 -18.10 30.87
CA TYR D 148 5.55 -17.83 30.50
C TYR D 148 4.90 -18.99 29.77
N ALA D 149 3.55 -19.04 29.84
CA ALA D 149 2.67 -19.83 28.95
C ALA D 149 1.72 -18.78 28.30
N HIS D 150 1.50 -18.88 26.99
CA HIS D 150 0.69 -17.85 26.26
C HIS D 150 -0.80 -18.07 26.57
N ARG D 151 -1.26 -19.35 26.45
CA ARG D 151 -2.61 -19.85 26.81
C ARG D 151 -3.72 -19.43 25.83
N ASP D 152 -3.41 -18.63 24.78
CA ASP D 152 -4.44 -18.28 23.80
C ASP D 152 -3.92 -18.37 22.37
N LEU D 153 -3.15 -19.47 22.09
CA LEU D 153 -2.58 -19.66 20.78
C LEU D 153 -3.70 -20.06 19.87
N LYS D 154 -3.89 -19.29 18.81
CA LYS D 154 -4.94 -19.47 17.80
C LYS D 154 -4.54 -18.63 16.59
N PRO D 155 -5.08 -18.88 15.39
CA PRO D 155 -4.56 -18.17 14.20
C PRO D 155 -4.85 -16.67 14.13
N GLU D 156 -5.90 -16.17 14.82
CA GLU D 156 -6.16 -14.73 14.91
C GLU D 156 -5.06 -14.04 15.71
N ASN D 157 -4.29 -14.78 16.51
CA ASN D 157 -3.24 -14.22 17.38
C ASN D 157 -1.84 -14.29 16.81
N LEU D 158 -1.75 -14.51 15.51
CA LEU D 158 -0.48 -14.55 14.81
C LEU D 158 -0.61 -13.64 13.62
N LEU D 159 0.21 -12.57 13.56
CA LEU D 159 0.20 -11.57 12.48
C LEU D 159 1.42 -11.63 11.61
N PHE D 160 1.29 -11.24 10.33
CA PHE D 160 2.44 -11.16 9.43
C PHE D 160 2.96 -9.74 9.37
N ASP D 161 4.27 -9.57 9.52
CA ASP D 161 4.89 -8.25 9.33
C ASP D 161 5.10 -7.95 7.82
N GLU D 162 5.77 -6.87 7.46
CA GLU D 162 5.91 -6.58 6.03
C GLU D 162 6.95 -7.47 5.35
N TYR D 163 7.66 -8.30 6.12
CA TYR D 163 8.61 -9.24 5.58
C TYR D 163 7.99 -10.62 5.49
N HIS D 164 6.62 -10.72 5.69
CA HIS D 164 5.83 -11.96 5.75
C HIS D 164 6.32 -12.91 6.87
N LYS D 165 6.94 -12.35 7.95
CA LYS D 165 7.35 -13.13 9.10
C LYS D 165 6.28 -13.06 10.22
N LEU D 166 6.02 -14.21 10.87
CA LEU D 166 4.94 -14.23 11.90
C LEU D 166 5.35 -13.54 13.20
N LYS D 167 4.37 -12.94 13.88
CA LYS D 167 4.51 -12.15 15.10
C LYS D 167 3.34 -12.56 15.99
N LEU D 168 3.64 -13.15 17.12
CA LEU D 168 2.67 -13.51 18.13
C LEU D 168 2.16 -12.27 18.85
N ILE D 169 0.82 -12.17 19.06
CA ILE D 169 0.16 -11.05 19.75
C ILE D 169 -0.74 -11.59 20.84
N ASP D 170 -1.43 -10.65 21.57
CA ASP D 170 -2.49 -10.92 22.54
C ASP D 170 -2.05 -11.82 23.71
N PHE D 171 -1.21 -11.23 24.56
CA PHE D 171 -0.69 -11.86 25.76
C PHE D 171 -1.58 -11.56 27.00
N GLY D 172 -2.85 -11.24 26.76
CA GLY D 172 -3.77 -10.82 27.83
C GLY D 172 -4.19 -11.94 28.75
N LEU D 173 -4.02 -13.20 28.34
CA LEU D 173 -4.37 -14.41 29.12
C LEU D 173 -3.16 -15.18 29.60
N CYS D 174 -1.98 -14.61 29.40
CA CYS D 174 -0.73 -15.35 29.65
C CYS D 174 -0.50 -15.48 31.16
N ALA D 175 0.29 -16.49 31.54
CA ALA D 175 0.66 -16.69 32.95
C ALA D 175 2.06 -17.25 33.10
N LYS D 176 2.51 -17.26 34.36
CA LYS D 176 3.78 -17.78 34.82
C LYS D 176 3.45 -19.02 35.64
N PRO D 177 3.51 -20.24 35.02
CA PRO D 177 3.03 -21.45 35.75
C PRO D 177 3.78 -21.77 37.04
N LYS D 178 5.05 -21.33 37.13
CA LYS D 178 5.86 -21.57 38.32
C LYS D 178 6.06 -20.30 39.18
N GLY D 179 5.33 -19.22 38.84
CA GLY D 179 5.45 -17.95 39.53
C GLY D 179 4.21 -17.56 40.31
N ASN D 180 3.98 -16.26 40.47
CA ASN D 180 2.83 -15.77 41.26
C ASN D 180 1.57 -15.95 40.47
N LYS D 181 0.52 -16.41 41.16
CA LYS D 181 -0.79 -16.72 40.55
C LYS D 181 -1.63 -15.47 40.32
N CYS D 189 -8.92 -20.92 29.12
CA CYS D 189 -8.17 -19.78 28.60
C CYS D 189 -8.39 -19.66 27.11
N GLY D 190 -9.26 -18.74 26.72
CA GLY D 190 -9.44 -18.45 25.31
C GLY D 190 -10.17 -19.57 24.62
N ALA D 191 -10.21 -19.50 23.28
CA ALA D 191 -11.04 -20.33 22.41
C ALA D 191 -11.04 -21.80 22.87
N LEU D 192 -12.23 -22.35 23.15
CA LEU D 192 -12.38 -23.73 23.58
C LEU D 192 -11.72 -24.75 22.57
N ALA D 193 -11.88 -24.53 21.28
CA ALA D 193 -11.34 -25.43 20.26
C ALA D 193 -9.79 -25.58 20.32
N TYR D 194 -9.07 -24.59 20.91
CA TYR D 194 -7.60 -24.60 21.06
C TYR D 194 -7.15 -24.98 22.44
N ALA D 195 -8.09 -25.16 23.39
CA ALA D 195 -7.77 -25.36 24.79
C ALA D 195 -7.45 -26.83 25.12
N ALA D 196 -6.37 -27.00 25.90
CA ALA D 196 -5.92 -28.32 26.31
C ALA D 196 -6.91 -28.95 27.27
N PRO D 197 -7.09 -30.33 27.23
CA PRO D 197 -7.97 -30.99 28.20
C PRO D 197 -7.76 -30.57 29.66
N GLU D 198 -6.49 -30.49 30.12
CA GLU D 198 -6.16 -30.16 31.52
C GLU D 198 -6.48 -28.71 31.87
N LEU D 199 -6.52 -27.87 30.87
CA LEU D 199 -6.78 -26.44 30.98
C LEU D 199 -8.29 -26.21 31.10
N ILE D 200 -9.12 -26.95 30.33
CA ILE D 200 -10.59 -26.99 30.44
C ILE D 200 -11.04 -27.47 31.83
N GLN D 201 -10.51 -28.62 32.26
CA GLN D 201 -10.87 -29.23 33.53
C GLN D 201 -10.20 -28.55 34.76
N GLY D 202 -9.37 -27.53 34.50
CA GLY D 202 -8.71 -26.70 35.51
C GLY D 202 -7.80 -27.47 36.43
N LYS D 203 -6.68 -27.97 35.89
CA LYS D 203 -5.73 -28.85 36.58
C LYS D 203 -4.49 -28.06 37.06
N SER D 204 -3.77 -28.61 38.07
CA SER D 204 -2.43 -28.19 38.47
C SER D 204 -1.43 -28.74 37.44
N TYR D 205 -0.53 -27.85 36.94
CA TYR D 205 0.38 -28.17 35.82
C TYR D 205 1.69 -27.38 35.84
N LEU D 206 2.62 -27.75 34.94
CA LEU D 206 3.82 -26.97 34.58
C LEU D 206 3.50 -25.96 33.43
N GLY D 207 2.22 -25.94 32.98
CA GLY D 207 1.59 -24.90 32.19
C GLY D 207 1.97 -24.81 30.74
N SER D 208 3.27 -24.83 30.48
CA SER D 208 3.91 -24.94 29.18
C SER D 208 3.25 -26.01 28.31
N GLU D 209 2.85 -27.15 28.91
CA GLU D 209 2.38 -28.32 28.14
C GLU D 209 1.08 -28.00 27.39
N ALA D 210 0.20 -27.20 27.98
CA ALA D 210 -1.04 -26.74 27.33
C ALA D 210 -0.81 -25.98 26.02
N ASP D 211 0.26 -25.14 25.93
CA ASP D 211 0.62 -24.44 24.69
C ASP D 211 1.06 -25.43 23.59
N VAL D 212 1.73 -26.54 23.96
CA VAL D 212 2.14 -27.57 22.97
C VAL D 212 0.89 -28.23 22.37
N TRP D 213 -0.16 -28.53 23.20
CA TRP D 213 -1.46 -29.00 22.69
C TRP D 213 -2.07 -27.97 21.69
N SER D 214 -2.15 -26.67 22.08
CA SER D 214 -2.67 -25.63 21.18
C SER D 214 -1.90 -25.55 19.84
N MET D 215 -0.57 -25.68 19.87
CA MET D 215 0.27 -25.80 18.64
C MET D 215 -0.09 -27.04 17.81
N GLY D 216 -0.46 -28.16 18.47
CA GLY D 216 -1.01 -29.35 17.79
C GLY D 216 -2.28 -29.03 17.01
N ILE D 217 -3.17 -28.24 17.61
CA ILE D 217 -4.45 -27.84 16.98
C ILE D 217 -4.15 -26.98 15.75
N LEU D 218 -3.25 -26.04 15.87
CA LEU D 218 -2.84 -25.16 14.78
C LEU D 218 -2.22 -25.94 13.66
N LEU D 219 -1.32 -26.88 13.97
CA LEU D 219 -0.72 -27.76 12.98
C LEU D 219 -1.80 -28.51 12.18
N TYR D 220 -2.78 -29.13 12.87
CA TYR D 220 -3.89 -29.81 12.20
C TYR D 220 -4.69 -28.84 11.27
N VAL D 221 -5.12 -27.67 11.79
CA VAL D 221 -6.00 -26.77 11.03
C VAL D 221 -5.26 -26.26 9.78
N LEU D 222 -3.97 -25.94 9.93
CA LEU D 222 -3.16 -25.50 8.79
C LEU D 222 -3.14 -26.51 7.67
N MET D 223 -2.94 -27.81 7.99
CA MET D 223 -2.90 -28.86 6.93
C MET D 223 -4.24 -29.44 6.51
N CYS D 224 -5.30 -29.20 7.29
CA CYS D 224 -6.61 -29.83 7.06
C CYS D 224 -7.67 -28.84 6.60
N GLY D 225 -7.58 -27.62 7.06
CA GLY D 225 -8.57 -26.59 6.78
C GLY D 225 -9.83 -26.68 7.64
N PHE D 226 -9.77 -27.49 8.71
CA PHE D 226 -10.86 -27.61 9.71
C PHE D 226 -10.21 -28.06 11.04
N LEU D 227 -10.91 -27.89 12.15
CA LEU D 227 -10.41 -28.24 13.47
C LEU D 227 -10.45 -29.74 13.75
N PRO D 228 -9.50 -30.28 14.57
CA PRO D 228 -9.58 -31.74 14.89
C PRO D 228 -10.77 -32.08 15.80
N PHE D 229 -11.18 -31.07 16.63
CA PHE D 229 -12.33 -31.18 17.54
C PHE D 229 -13.22 -29.96 17.25
N ASP D 230 -14.44 -30.19 16.78
CA ASP D 230 -15.38 -29.10 16.51
C ASP D 230 -16.79 -29.60 16.66
N ASP D 231 -17.71 -28.70 17.06
CA ASP D 231 -19.09 -29.07 17.27
C ASP D 231 -20.01 -27.82 17.35
N ASP D 232 -21.33 -28.02 17.30
CA ASP D 232 -22.36 -26.96 17.35
C ASP D 232 -22.57 -26.43 18.75
N THR D 233 -22.22 -27.20 19.79
CA THR D 233 -22.38 -26.80 21.19
C THR D 233 -21.06 -26.95 21.93
N ALA D 234 -20.86 -26.12 22.96
CA ALA D 234 -19.69 -26.10 23.84
C ALA D 234 -19.54 -27.42 24.62
N ALA D 235 -20.65 -27.99 25.15
CA ALA D 235 -20.64 -29.26 25.90
C ALA D 235 -20.19 -30.45 25.01
N ALA D 236 -20.66 -30.50 23.74
CA ALA D 236 -20.25 -31.57 22.83
C ALA D 236 -18.75 -31.41 22.41
N LEU D 237 -18.28 -30.17 22.21
CA LEU D 237 -16.85 -29.87 21.92
C LEU D 237 -15.93 -30.28 23.08
N VAL D 238 -16.24 -29.85 24.30
CA VAL D 238 -15.52 -30.27 25.53
C VAL D 238 -15.36 -31.79 25.61
N ALA D 239 -16.48 -32.56 25.44
CA ALA D 239 -16.45 -34.02 25.48
C ALA D 239 -15.47 -34.59 24.44
N LYS D 240 -15.48 -34.05 23.21
CA LYS D 240 -14.59 -34.49 22.13
C LYS D 240 -13.10 -34.23 22.46
N ILE D 241 -12.80 -33.08 23.04
CA ILE D 241 -11.41 -32.71 23.48
C ILE D 241 -10.92 -33.67 24.60
N MET D 242 -11.74 -33.88 25.63
CA MET D 242 -11.49 -34.89 26.68
C MET D 242 -11.24 -36.32 26.15
N ARG D 243 -12.05 -36.76 25.12
N ARG D 243 -12.01 -36.78 25.13
CA ARG D 243 -11.97 -38.08 24.42
CA ARG D 243 -11.79 -38.16 24.60
C ARG D 243 -10.59 -38.17 23.73
C ARG D 243 -10.55 -38.20 23.69
N GLY D 244 -10.23 -37.08 23.05
CA GLY D 244 -9.01 -36.89 22.25
C GLY D 244 -8.97 -37.67 20.95
N LYS D 245 -10.15 -38.10 20.45
CA LYS D 245 -10.24 -38.83 19.20
C LYS D 245 -10.55 -37.86 18.06
N TYR D 246 -9.78 -37.96 16.99
CA TYR D 246 -9.92 -37.06 15.83
C TYR D 246 -9.64 -37.85 14.56
N ASP D 247 -10.09 -37.30 13.43
CA ASP D 247 -9.91 -37.94 12.15
C ASP D 247 -8.55 -37.56 11.63
N VAL D 248 -7.96 -38.49 10.89
CA VAL D 248 -6.75 -38.25 10.14
C VAL D 248 -7.13 -38.32 8.64
N PRO D 249 -7.33 -37.17 7.95
CA PRO D 249 -7.60 -37.21 6.50
C PRO D 249 -6.51 -37.90 5.68
N LYS D 250 -6.92 -38.49 4.56
CA LYS D 250 -6.10 -39.30 3.64
C LYS D 250 -4.92 -38.51 3.01
N TRP D 251 -5.03 -37.17 2.92
CA TRP D 251 -3.96 -36.34 2.37
C TRP D 251 -2.78 -36.00 3.35
N LEU D 252 -2.94 -36.28 4.64
CA LEU D 252 -1.88 -36.15 5.63
C LEU D 252 -0.82 -37.24 5.42
N SER D 253 0.45 -36.83 5.39
CA SER D 253 1.57 -37.80 5.27
C SER D 253 1.71 -38.62 6.58
N PRO D 254 2.31 -39.83 6.57
CA PRO D 254 2.67 -40.51 7.83
C PRO D 254 3.49 -39.65 8.80
N SER D 255 4.50 -38.89 8.31
CA SER D 255 5.27 -37.97 9.15
C SER D 255 4.38 -36.98 9.93
N SER D 256 3.43 -36.31 9.22
CA SER D 256 2.48 -35.35 9.84
C SER D 256 1.61 -36.06 10.90
N ILE D 257 1.18 -37.32 10.60
CA ILE D 257 0.32 -38.08 11.50
C ILE D 257 1.08 -38.35 12.83
N LEU D 258 2.35 -38.79 12.71
CA LEU D 258 3.23 -39.08 13.85
C LEU D 258 3.51 -37.83 14.73
N LEU D 259 3.78 -36.71 14.12
CA LEU D 259 3.94 -35.47 14.91
C LEU D 259 2.64 -35.08 15.59
N LEU D 260 1.52 -35.15 14.84
CA LEU D 260 0.18 -34.83 15.45
C LEU D 260 -0.13 -35.68 16.68
N GLN D 261 0.16 -37.02 16.64
CA GLN D 261 -0.11 -37.89 17.79
C GLN D 261 0.71 -37.50 19.01
N GLN D 262 1.94 -37.04 18.80
CA GLN D 262 2.81 -36.65 19.88
C GLN D 262 2.40 -35.34 20.54
N MET D 263 1.85 -34.39 19.77
CA MET D 263 1.39 -33.08 20.30
C MET D 263 -0.01 -33.18 20.87
N LEU D 264 -0.88 -33.98 20.24
CA LEU D 264 -2.25 -34.12 20.68
C LEU D 264 -2.49 -35.30 21.64
N GLN D 265 -1.65 -35.42 22.67
CA GLN D 265 -1.84 -36.34 23.75
C GLN D 265 -2.70 -35.67 24.82
N VAL D 266 -3.81 -36.33 25.23
CA VAL D 266 -4.71 -35.80 26.28
C VAL D 266 -3.97 -35.63 27.64
N ASP D 267 -3.08 -36.58 27.97
CA ASP D 267 -2.23 -36.52 29.14
C ASP D 267 -1.04 -35.61 28.92
N PRO D 268 -0.97 -34.46 29.65
CA PRO D 268 0.12 -33.49 29.41
C PRO D 268 1.52 -34.05 29.70
N LYS D 269 1.62 -35.14 30.44
CA LYS D 269 2.88 -35.79 30.76
C LYS D 269 3.39 -36.65 29.59
N LYS D 270 2.49 -37.04 28.66
CA LYS D 270 2.82 -37.96 27.56
C LYS D 270 3.05 -37.15 26.27
N ARG D 271 2.58 -35.92 26.29
CA ARG D 271 2.69 -34.96 25.21
C ARG D 271 4.18 -34.61 24.95
N ILE D 272 4.60 -34.43 23.68
CA ILE D 272 5.99 -34.08 23.30
C ILE D 272 6.50 -32.84 24.04
N SER D 273 7.78 -32.87 24.49
CA SER D 273 8.43 -31.73 25.12
C SER D 273 8.83 -30.72 24.07
N MET D 274 9.00 -29.43 24.50
CA MET D 274 9.54 -28.39 23.61
C MET D 274 10.91 -28.80 23.06
N LYS D 275 11.79 -29.37 23.91
CA LYS D 275 13.11 -29.86 23.52
C LYS D 275 13.06 -30.87 22.33
N ASN D 276 12.18 -31.89 22.40
CA ASN D 276 12.05 -32.85 21.29
C ASN D 276 11.27 -32.28 20.09
N LEU D 277 10.45 -31.22 20.32
CA LEU D 277 9.79 -30.56 19.19
C LEU D 277 10.80 -29.82 18.30
N LEU D 278 11.79 -29.15 18.91
CA LEU D 278 12.74 -28.28 18.21
C LEU D 278 13.56 -28.98 17.11
N ASN D 279 13.91 -30.28 17.32
CA ASN D 279 14.62 -31.05 16.29
C ASN D 279 13.79 -32.30 15.87
N HIS D 280 12.45 -32.22 15.91
CA HIS D 280 11.60 -33.36 15.50
C HIS D 280 11.84 -33.67 13.99
N PRO D 281 11.84 -34.95 13.54
CA PRO D 281 12.03 -35.22 12.09
C PRO D 281 11.11 -34.44 11.14
N TRP D 282 9.81 -34.25 11.50
CA TRP D 282 8.90 -33.45 10.69
C TRP D 282 9.39 -32.03 10.60
N ILE D 283 9.85 -31.45 11.75
CA ILE D 283 10.27 -30.04 11.81
C ILE D 283 11.52 -29.81 10.95
N MET D 284 12.38 -30.83 10.95
CA MET D 284 13.69 -30.88 10.32
C MET D 284 13.59 -31.19 8.81
N GLN D 285 12.48 -31.80 8.34
CA GLN D 285 12.31 -32.15 6.92
C GLN D 285 12.53 -30.92 6.02
N ASP D 286 13.38 -31.08 4.99
CA ASP D 286 13.76 -30.07 3.99
C ASP D 286 14.69 -28.99 4.53
N TYR D 287 14.67 -28.70 5.83
CA TYR D 287 15.55 -27.68 6.45
C TYR D 287 16.87 -28.24 6.92
N ASN D 288 16.80 -29.39 7.60
CA ASN D 288 17.94 -30.18 8.12
C ASN D 288 18.76 -29.42 9.21
N TYR D 289 18.16 -28.43 9.87
CA TYR D 289 18.67 -27.83 11.11
C TYR D 289 17.51 -27.59 12.08
N PRO D 290 17.73 -27.67 13.42
CA PRO D 290 16.60 -27.49 14.35
C PRO D 290 16.07 -26.05 14.38
N VAL D 291 14.87 -25.87 14.94
CA VAL D 291 14.31 -24.54 15.12
C VAL D 291 15.26 -23.68 16.00
N GLU D 292 15.58 -22.51 15.49
CA GLU D 292 16.40 -21.53 16.20
C GLU D 292 15.44 -20.60 16.95
N TRP D 293 15.30 -20.82 18.25
CA TRP D 293 14.30 -20.13 19.09
C TRP D 293 14.91 -18.99 19.90
N GLN D 294 16.25 -19.00 20.07
CA GLN D 294 16.89 -18.00 20.89
C GLN D 294 16.60 -16.62 20.32
N SER D 295 16.40 -15.62 21.22
CA SER D 295 16.05 -14.30 20.75
C SER D 295 17.26 -13.59 20.13
N LYS D 296 17.00 -12.86 19.03
CA LYS D 296 18.02 -12.01 18.42
C LYS D 296 18.01 -10.60 19.01
N ASN D 297 17.15 -10.33 20.02
CA ASN D 297 16.94 -8.98 20.59
C ASN D 297 17.12 -8.93 22.14
N PRO D 298 18.29 -8.46 22.65
CA PRO D 298 18.58 -8.58 24.09
C PRO D 298 18.11 -7.43 24.99
N PHE D 299 18.01 -7.72 26.30
CA PHE D 299 17.75 -6.72 27.35
C PHE D 299 19.04 -6.20 27.98
N ILE D 300 20.00 -7.09 28.28
CA ILE D 300 21.39 -6.69 28.57
C ILE D 300 22.00 -6.53 27.17
N HIS D 301 23.33 -6.51 26.98
CA HIS D 301 23.93 -6.63 25.64
C HIS D 301 23.39 -5.50 24.73
N LEU D 302 23.64 -4.24 25.12
CA LEU D 302 23.14 -3.08 24.36
C LEU D 302 23.96 -2.90 23.08
N ASP D 303 23.39 -2.27 22.06
CA ASP D 303 24.07 -2.02 20.79
C ASP D 303 24.77 -0.67 20.85
N ASP D 304 26.13 -0.69 20.79
CA ASP D 304 27.01 0.47 20.94
C ASP D 304 26.70 1.60 19.96
N ASP D 305 26.42 1.26 18.68
CA ASP D 305 26.09 2.25 17.64
C ASP D 305 24.85 3.04 18.03
N CYS D 306 23.80 2.35 18.52
CA CYS D 306 22.55 2.96 18.97
C CYS D 306 22.75 3.82 20.21
N VAL D 307 23.46 3.29 21.23
CA VAL D 307 23.79 4.02 22.48
C VAL D 307 24.57 5.31 22.15
N THR D 308 25.62 5.20 21.33
CA THR D 308 26.43 6.36 20.89
C THR D 308 25.54 7.42 20.20
N GLU D 309 24.70 7.01 19.23
CA GLU D 309 23.79 7.91 18.52
C GLU D 309 22.77 8.57 19.47
N LEU D 310 22.20 7.82 20.45
CA LEU D 310 21.32 8.41 21.46
C LEU D 310 22.04 9.47 22.31
N SER D 311 23.30 9.15 22.74
CA SER D 311 24.17 10.08 23.47
C SER D 311 24.37 11.40 22.74
N VAL D 312 24.56 11.38 21.39
CA VAL D 312 24.77 12.64 20.63
C VAL D 312 23.45 13.44 20.58
N HIS D 313 22.29 12.80 20.41
CA HIS D 313 20.99 13.46 20.27
C HIS D 313 20.58 14.14 21.56
N HIS D 314 20.74 13.41 22.70
CA HIS D 314 20.33 13.87 24.02
CA HIS D 314 20.33 13.88 24.02
C HIS D 314 21.45 14.68 24.71
N ARG D 315 22.64 14.78 24.05
CA ARG D 315 23.83 15.51 24.53
C ARG D 315 24.18 15.06 25.96
N ASN D 316 24.27 13.74 26.11
CA ASN D 316 24.51 13.10 27.40
C ASN D 316 25.67 12.11 27.22
N ASN D 317 26.37 11.72 28.30
CA ASN D 317 27.46 10.77 28.20
C ASN D 317 26.93 9.34 28.09
N ARG D 318 27.67 8.46 27.36
CA ARG D 318 27.36 7.06 27.04
C ARG D 318 26.89 6.25 28.23
N GLN D 319 27.56 6.40 29.37
CA GLN D 319 27.32 5.55 30.55
C GLN D 319 26.02 5.94 31.27
N THR D 320 25.77 7.27 31.39
CA THR D 320 24.44 7.74 31.83
C THR D 320 23.39 7.15 30.87
N MET D 321 23.64 7.26 29.56
CA MET D 321 22.70 6.77 28.56
C MET D 321 22.42 5.29 28.71
N GLU D 322 23.47 4.45 28.89
CA GLU D 322 23.31 3.00 29.14
C GLU D 322 22.45 2.72 30.39
N ASP D 323 22.73 3.40 31.50
CA ASP D 323 21.97 3.26 32.76
C ASP D 323 20.50 3.61 32.57
N LEU D 324 20.24 4.69 31.79
CA LEU D 324 18.89 5.12 31.48
C LEU D 324 18.15 4.10 30.59
N ILE D 325 18.80 3.60 29.52
CA ILE D 325 18.20 2.60 28.60
C ILE D 325 17.89 1.32 29.39
N SER D 326 18.82 0.87 30.26
CA SER D 326 18.70 -0.40 31.02
C SER D 326 17.53 -0.42 32.04
N LEU D 327 16.93 0.75 32.34
CA LEU D 327 15.73 0.84 33.19
C LEU D 327 14.54 0.27 32.45
N TRP D 328 14.56 0.27 31.08
CA TRP D 328 13.50 -0.25 30.21
C TRP D 328 12.10 0.17 30.71
N GLN D 329 11.85 1.47 30.72
CA GLN D 329 10.62 2.04 31.23
C GLN D 329 9.48 2.03 30.21
N TYR D 330 9.78 1.73 28.91
CA TYR D 330 8.79 1.75 27.77
C TYR D 330 8.20 3.14 27.64
N ASP D 331 9.11 4.09 27.77
CA ASP D 331 8.86 5.51 27.57
C ASP D 331 9.47 5.82 26.22
N HIS D 332 9.60 7.11 25.88
CA HIS D 332 10.10 7.52 24.58
C HIS D 332 11.53 7.03 24.33
N LEU D 333 12.39 7.01 25.38
CA LEU D 333 13.73 6.47 25.29
C LEU D 333 13.73 5.01 24.85
N THR D 334 12.97 4.14 25.55
CA THR D 334 12.87 2.70 25.14
C THR D 334 12.49 2.62 23.63
N ALA D 335 11.46 3.41 23.22
CA ALA D 335 10.94 3.37 21.85
C ALA D 335 11.99 3.80 20.84
N THR D 336 12.72 4.90 21.13
CA THR D 336 13.75 5.44 20.27
C THR D 336 14.89 4.44 20.12
N TYR D 337 15.34 3.85 21.24
CA TYR D 337 16.38 2.82 21.20
C TYR D 337 15.96 1.64 20.33
N LEU D 338 14.74 1.11 20.55
CA LEU D 338 14.28 -0.09 19.85
C LEU D 338 14.03 0.14 18.40
N LEU D 339 13.50 1.30 18.07
CA LEU D 339 13.25 1.60 16.66
C LEU D 339 14.54 1.94 15.88
N LEU D 340 15.53 2.59 16.55
CA LEU D 340 16.90 2.76 16.00
C LEU D 340 17.54 1.40 15.68
N LEU D 341 17.41 0.45 16.61
CA LEU D 341 17.93 -0.90 16.48
C LEU D 341 17.25 -1.61 15.28
N ALA D 342 15.91 -1.41 15.10
CA ALA D 342 15.12 -1.85 13.96
C ALA D 342 15.57 -1.20 12.64
N LYS D 343 15.82 0.12 12.67
CA LYS D 343 16.35 0.94 11.58
C LYS D 343 17.75 0.44 11.15
N LYS D 344 18.59 -0.01 12.11
CA LYS D 344 19.90 -0.61 11.87
C LYS D 344 19.78 -2.01 11.21
N ALA D 345 18.81 -2.83 11.66
CA ALA D 345 18.55 -4.16 11.12
C ALA D 345 18.07 -4.11 9.65
N ARG D 346 17.35 -3.02 9.26
CA ARG D 346 16.91 -2.76 7.87
C ARG D 346 18.11 -2.62 6.96
N GLY D 347 19.15 -1.95 7.46
CA GLY D 347 20.27 -1.48 6.66
C GLY D 347 20.33 0.03 6.49
N LYS D 348 19.37 0.76 7.11
CA LYS D 348 19.31 2.23 7.08
C LYS D 348 20.36 2.86 8.03
N PRO D 349 20.81 4.11 7.82
CA PRO D 349 21.80 4.70 8.75
C PRO D 349 21.29 4.81 10.19
N VAL D 350 22.18 4.59 11.17
CA VAL D 350 21.83 4.61 12.59
C VAL D 350 21.80 6.06 13.04
N ARG D 351 20.74 6.78 12.64
CA ARG D 351 20.65 8.23 12.77
C ARG D 351 19.31 8.67 13.34
N LEU D 352 19.36 9.59 14.31
CA LEU D 352 18.17 10.23 14.88
C LEU D 352 18.02 11.59 14.21
N ARG D 353 16.82 11.88 13.69
CA ARG D 353 16.47 13.15 13.04
C ARG D 353 16.22 14.25 14.07
BR1 NF5 E . -20.45 -0.39 13.20
C2 NF5 E . -19.22 -0.22 11.78
C3 NF5 E . -19.69 -0.02 10.50
C4 NF5 E . -18.78 0.13 9.47
C5 NF5 E . -17.41 0.07 9.73
C6 NF5 E . -16.95 -0.13 11.03
C7 NF5 E . -17.86 -0.27 12.07
C8 NF5 E . -16.46 0.24 8.60
O9 NF5 E . -16.74 -0.09 7.46
N10 NF5 E . -15.28 0.80 8.95
C11 NF5 E . -14.08 0.93 8.24
C12 NF5 E . -13.78 0.26 7.06
C13 NF5 E . -12.54 0.44 6.46
C14 NF5 E . -11.60 1.29 7.02
C15 NF5 E . -10.26 1.47 6.31
C16 NF5 E . -9.96 2.90 5.90
N17 NF5 E . -9.52 3.79 6.99
C20 NF5 E . -10.53 4.10 7.99
C21 NF5 E . -10.94 2.93 8.88
C22 NF5 E . -11.90 1.98 8.20
C23 NF5 E . -13.13 1.78 8.80
BR1 NF5 F . 1.74 6.10 -18.59
C2 NF5 F . 2.32 5.74 -20.38
C3 NF5 F . 3.68 5.61 -20.65
C4 NF5 F . 4.10 5.37 -21.95
C5 NF5 F . 3.18 5.26 -22.98
C6 NF5 F . 1.82 5.38 -22.70
C7 NF5 F . 1.38 5.63 -21.41
C8 NF5 F . 3.63 5.00 -24.39
O9 NF5 F . 2.82 4.69 -25.26
N10 NF5 F . 4.95 5.10 -24.65
C11 NF5 F . 5.63 4.96 -25.89
C12 NF5 F . 4.98 4.43 -27.01
C13 NF5 F . 5.65 4.29 -28.21
C14 NF5 F . 6.98 4.69 -28.33
C15 NF5 F . 7.65 4.51 -29.67
C16 NF5 F . 8.20 5.81 -30.27
N17 NF5 F . 9.46 6.26 -29.71
C20 NF5 F . 9.39 6.74 -28.32
C21 NF5 F . 9.09 5.66 -27.29
C22 NF5 F . 7.63 5.23 -27.22
C23 NF5 F . 6.95 5.35 -26.01
BR1 NF5 G . 20.99 0.81 -15.96
C2 NF5 G . 20.60 0.98 -17.81
C3 NF5 G . 19.27 1.03 -18.21
C4 NF5 G . 18.99 1.14 -19.55
C5 NF5 G . 20.03 1.19 -20.49
C6 NF5 G . 21.35 1.13 -20.06
C7 NF5 G . 21.64 1.03 -18.72
C8 NF5 G . 19.67 1.28 -21.93
O9 NF5 G . 20.46 1.75 -22.75
N10 NF5 G . 18.44 0.80 -22.23
C11 NF5 G . 17.68 0.78 -23.43
C12 NF5 G . 17.96 1.53 -24.55
C13 NF5 G . 17.15 1.42 -25.67
C14 NF5 G . 16.04 0.59 -25.68
C15 NF5 G . 15.18 0.48 -26.91
C16 NF5 G . 15.22 -0.92 -27.53
N17 NF5 G . 14.32 -1.90 -26.90
C20 NF5 G . 14.66 -2.27 -25.53
C21 NF5 G . 14.57 -1.13 -24.51
C22 NF5 G . 15.75 -0.19 -24.55
C23 NF5 G . 16.58 -0.08 -23.42
BR1 NF5 H . -1.64 -5.85 17.89
C2 NF5 H . -1.45 -5.12 16.15
C3 NF5 H . -2.58 -4.93 15.36
C4 NF5 H . -2.44 -4.40 14.08
C5 NF5 H . -1.18 -4.07 13.60
C6 NF5 H . -0.06 -4.28 14.40
C7 NF5 H . -0.19 -4.79 15.68
C8 NF5 H . -0.94 -3.51 12.24
O9 NF5 H . 0.19 -3.12 11.94
N10 NF5 H . -1.99 -3.47 11.38
C11 NF5 H . -2.01 -3.04 10.01
C12 NF5 H . -0.91 -2.32 9.56
C13 NF5 H . -0.86 -1.87 8.26
C14 NF5 H . -1.90 -2.13 7.37
C15 NF5 H . -1.76 -1.59 5.96
C16 NF5 H . -1.85 -2.65 4.86
N17 NF5 H . -3.21 -3.09 4.55
C20 NF5 H . -3.85 -3.88 5.61
C21 NF5 H . -4.18 -3.12 6.88
C22 NF5 H . -3.02 -2.84 7.82
C23 NF5 H . -3.06 -3.30 9.14
#